data_6LJJ
# 
_entry.id   6LJJ 
# 
_audit_conform.dict_name       mmcif_pdbx.dic 
_audit_conform.dict_version    5.380 
_audit_conform.dict_location   http://mmcif.pdb.org/dictionaries/ascii/mmcif_pdbx.dic 
# 
loop_
_database_2.database_id 
_database_2.database_code 
_database_2.pdbx_database_accession 
_database_2.pdbx_DOI 
PDB   6LJJ         pdb_00006ljj 10.2210/pdb6ljj/pdb 
WWPDB D_1300014904 ?            ?                   
# 
_pdbx_database_status.status_code                     REL 
_pdbx_database_status.status_code_sf                  REL 
_pdbx_database_status.status_code_mr                  ? 
_pdbx_database_status.entry_id                        6LJJ 
_pdbx_database_status.recvd_initial_deposition_date   2019-12-16 
_pdbx_database_status.SG_entry                        N 
_pdbx_database_status.deposit_site                    PDBJ 
_pdbx_database_status.process_site                    PDBJ 
_pdbx_database_status.status_code_cs                  ? 
_pdbx_database_status.status_code_nmr_data            ? 
_pdbx_database_status.methods_development_category    ? 
_pdbx_database_status.pdb_format_compatible           Y 
# 
loop_
_audit_author.name 
_audit_author.pdbx_ordinal 
_audit_author.identifier_ORCID 
'Liang, R.'  1 0000-0003-2259-0112 
'Peng, G.Q.' 2 ?                   
# 
_citation.abstract                  ? 
_citation.abstract_id_CAS           ? 
_citation.book_id_ISBN              ? 
_citation.book_publisher            ? 
_citation.book_publisher_city       ? 
_citation.book_title                ? 
_citation.coordinate_linkage        ? 
_citation.country                   US 
_citation.database_id_Medline       ? 
_citation.details                   ? 
_citation.id                        primary 
_citation.journal_abbrev            J.Biol.Chem. 
_citation.journal_id_ASTM           JBCHA3 
_citation.journal_id_CSD            0071 
_citation.journal_id_ISSN           1083-351X 
_citation.journal_full              ? 
_citation.journal_issue             ? 
_citation.journal_volume            296 
_citation.language                  ? 
_citation.page_first                100015 
_citation.page_last                 100015 
_citation.title                     
'Structural comparisons of host and African swine fever virus dUTPases reveal new clues for inhibitor development.' 
_citation.year                      2020 
_citation.database_id_CSD           ? 
_citation.pdbx_database_id_DOI      10.1074/jbc.RA120.014005 
_citation.pdbx_database_id_PubMed   33139328 
_citation.unpublished_flag          ? 
# 
loop_
_citation_author.citation_id 
_citation_author.name 
_citation_author.ordinal 
_citation_author.identifier_ORCID 
primary 'Liang, R.' 1 ? 
primary 'Wang, G.'  2 ? 
primary 'Zhang, D.' 3 ? 
primary 'Ye, G.'    4 ? 
primary 'Li, M.'    5 ? 
primary 'Shi, Y.'   6 ? 
primary 'Shi, J.'   7 ? 
primary 'Chen, H.'  8 ? 
primary 'Peng, G.'  9 ? 
# 
_cell.angle_alpha                  90.000 
_cell.angle_alpha_esd              ? 
_cell.angle_beta                   90.000 
_cell.angle_beta_esd               ? 
_cell.angle_gamma                  90.000 
_cell.angle_gamma_esd              ? 
_cell.entry_id                     6LJJ 
_cell.details                      ? 
_cell.formula_units_Z              ? 
_cell.length_a                     162.386 
_cell.length_a_esd                 ? 
_cell.length_b                     162.386 
_cell.length_b_esd                 ? 
_cell.length_c                     162.386 
_cell.length_c_esd                 ? 
_cell.volume                       ? 
_cell.volume_esd                   ? 
_cell.Z_PDB                        96 
_cell.reciprocal_angle_alpha       ? 
_cell.reciprocal_angle_beta        ? 
_cell.reciprocal_angle_gamma       ? 
_cell.reciprocal_angle_alpha_esd   ? 
_cell.reciprocal_angle_beta_esd    ? 
_cell.reciprocal_angle_gamma_esd   ? 
_cell.reciprocal_length_a          ? 
_cell.reciprocal_length_b          ? 
_cell.reciprocal_length_c          ? 
_cell.reciprocal_length_a_esd      ? 
_cell.reciprocal_length_b_esd      ? 
_cell.reciprocal_length_c_esd      ? 
_cell.pdbx_unique_axis             ? 
# 
_symmetry.entry_id                         6LJJ 
_symmetry.cell_setting                     ? 
_symmetry.Int_Tables_number                210 
_symmetry.space_group_name_Hall            ? 
_symmetry.space_group_name_H-M             'F 41 3 2' 
_symmetry.pdbx_full_space_group_name_H-M   ? 
# 
loop_
_entity.id 
_entity.type 
_entity.src_method 
_entity.pdbx_description 
_entity.formula_weight 
_entity.pdbx_number_of_molecules 
_entity.pdbx_ec 
_entity.pdbx_mutation 
_entity.pdbx_fragment 
_entity.details 
1 polymer     man 
;Deoxyuridine 5'-triphosphate nucleotidohydrolase, mitochondrial isoform 1
;
17271.363 1   ? ? ? ? 
2 non-polymer syn 
;2'-DEOXYURIDINE 5'-ALPHA,BETA-IMIDO-TRIPHOSPHATE
;
467.157   1   ? ? ? ? 
3 non-polymer syn 'MAGNESIUM ION'                                                             24.305    1   ? ? ? ? 
4 water       nat water                                                                       18.015    158 ? ? ? ? 
# 
_entity_poly.entity_id                      1 
_entity_poly.type                           'polypeptide(L)' 
_entity_poly.nstd_linkage                   no 
_entity_poly.nstd_monomer                   no 
_entity_poly.pdbx_seq_one_letter_code       
;AEESRKRLRFARLSEHATAPTKGSERAAGYDLYSAYDYTVLPMEKAIVKTDIQIALPSGCYGRVAPRSGLAAKHFIDVGA
GVIDEDYRGNVGVVLFNFGKEKFEVKKGDRIAQLICERIFYPEIEEVQVLDDTERGSGGFGSTGTNLEHHHHHHH
;
_entity_poly.pdbx_seq_one_letter_code_can   
;AEESRKRLRFARLSEHATAPTKGSERAAGYDLYSAYDYTVLPMEKAIVKTDIQIALPSGCYGRVAPRSGLAAKHFIDVGA
GVIDEDYRGNVGVVLFNFGKEKFEVKKGDRIAQLICERIFYPEIEEVQVLDDTERGSGGFGSTGTNLEHHHHHHH
;
_entity_poly.pdbx_strand_id                 A 
_entity_poly.pdbx_target_identifier         ? 
# 
loop_
_entity_poly_seq.entity_id 
_entity_poly_seq.num 
_entity_poly_seq.mon_id 
_entity_poly_seq.hetero 
1 1   ALA n 
1 2   GLU n 
1 3   GLU n 
1 4   SER n 
1 5   ARG n 
1 6   LYS n 
1 7   ARG n 
1 8   LEU n 
1 9   ARG n 
1 10  PHE n 
1 11  ALA n 
1 12  ARG n 
1 13  LEU n 
1 14  SER n 
1 15  GLU n 
1 16  HIS n 
1 17  ALA n 
1 18  THR n 
1 19  ALA n 
1 20  PRO n 
1 21  THR n 
1 22  LYS n 
1 23  GLY n 
1 24  SER n 
1 25  GLU n 
1 26  ARG n 
1 27  ALA n 
1 28  ALA n 
1 29  GLY n 
1 30  TYR n 
1 31  ASP n 
1 32  LEU n 
1 33  TYR n 
1 34  SER n 
1 35  ALA n 
1 36  TYR n 
1 37  ASP n 
1 38  TYR n 
1 39  THR n 
1 40  VAL n 
1 41  LEU n 
1 42  PRO n 
1 43  MET n 
1 44  GLU n 
1 45  LYS n 
1 46  ALA n 
1 47  ILE n 
1 48  VAL n 
1 49  LYS n 
1 50  THR n 
1 51  ASP n 
1 52  ILE n 
1 53  GLN n 
1 54  ILE n 
1 55  ALA n 
1 56  LEU n 
1 57  PRO n 
1 58  SER n 
1 59  GLY n 
1 60  CYS n 
1 61  TYR n 
1 62  GLY n 
1 63  ARG n 
1 64  VAL n 
1 65  ALA n 
1 66  PRO n 
1 67  ARG n 
1 68  SER n 
1 69  GLY n 
1 70  LEU n 
1 71  ALA n 
1 72  ALA n 
1 73  LYS n 
1 74  HIS n 
1 75  PHE n 
1 76  ILE n 
1 77  ASP n 
1 78  VAL n 
1 79  GLY n 
1 80  ALA n 
1 81  GLY n 
1 82  VAL n 
1 83  ILE n 
1 84  ASP n 
1 85  GLU n 
1 86  ASP n 
1 87  TYR n 
1 88  ARG n 
1 89  GLY n 
1 90  ASN n 
1 91  VAL n 
1 92  GLY n 
1 93  VAL n 
1 94  VAL n 
1 95  LEU n 
1 96  PHE n 
1 97  ASN n 
1 98  PHE n 
1 99  GLY n 
1 100 LYS n 
1 101 GLU n 
1 102 LYS n 
1 103 PHE n 
1 104 GLU n 
1 105 VAL n 
1 106 LYS n 
1 107 LYS n 
1 108 GLY n 
1 109 ASP n 
1 110 ARG n 
1 111 ILE n 
1 112 ALA n 
1 113 GLN n 
1 114 LEU n 
1 115 ILE n 
1 116 CYS n 
1 117 GLU n 
1 118 ARG n 
1 119 ILE n 
1 120 PHE n 
1 121 TYR n 
1 122 PRO n 
1 123 GLU n 
1 124 ILE n 
1 125 GLU n 
1 126 GLU n 
1 127 VAL n 
1 128 GLN n 
1 129 VAL n 
1 130 LEU n 
1 131 ASP n 
1 132 ASP n 
1 133 THR n 
1 134 GLU n 
1 135 ARG n 
1 136 GLY n 
1 137 SER n 
1 138 GLY n 
1 139 GLY n 
1 140 PHE n 
1 141 GLY n 
1 142 SER n 
1 143 THR n 
1 144 GLY n 
1 145 THR n 
1 146 ASN n 
1 147 LEU n 
1 148 GLU n 
1 149 HIS n 
1 150 HIS n 
1 151 HIS n 
1 152 HIS n 
1 153 HIS n 
1 154 HIS n 
1 155 HIS n 
# 
_entity_src_gen.entity_id                          1 
_entity_src_gen.pdbx_src_id                        1 
_entity_src_gen.pdbx_alt_source_flag               sample 
_entity_src_gen.pdbx_seq_type                      'Biological sequence' 
_entity_src_gen.pdbx_beg_seq_num                   1 
_entity_src_gen.pdbx_end_seq_num                   155 
_entity_src_gen.gene_src_common_name               Pig 
_entity_src_gen.gene_src_genus                     ? 
_entity_src_gen.pdbx_gene_src_gene                 ? 
_entity_src_gen.gene_src_species                   ? 
_entity_src_gen.gene_src_strain                    ? 
_entity_src_gen.gene_src_tissue                    ? 
_entity_src_gen.gene_src_tissue_fraction           ? 
_entity_src_gen.gene_src_details                   ? 
_entity_src_gen.pdbx_gene_src_fragment             ? 
_entity_src_gen.pdbx_gene_src_scientific_name      'Sus scrofa' 
_entity_src_gen.pdbx_gene_src_ncbi_taxonomy_id     9823 
_entity_src_gen.pdbx_gene_src_variant              ? 
_entity_src_gen.pdbx_gene_src_cell_line            ? 
_entity_src_gen.pdbx_gene_src_atcc                 ? 
_entity_src_gen.pdbx_gene_src_organ                ? 
_entity_src_gen.pdbx_gene_src_organelle            ? 
_entity_src_gen.pdbx_gene_src_cell                 ? 
_entity_src_gen.pdbx_gene_src_cellular_location    ? 
_entity_src_gen.host_org_common_name               ? 
_entity_src_gen.pdbx_host_org_scientific_name      'Escherichia coli BL21(DE3)' 
_entity_src_gen.pdbx_host_org_ncbi_taxonomy_id     469008 
_entity_src_gen.host_org_genus                     ? 
_entity_src_gen.pdbx_host_org_gene                 ? 
_entity_src_gen.pdbx_host_org_organ                ? 
_entity_src_gen.host_org_species                   ? 
_entity_src_gen.pdbx_host_org_tissue               ? 
_entity_src_gen.pdbx_host_org_tissue_fraction      ? 
_entity_src_gen.pdbx_host_org_strain               ? 
_entity_src_gen.pdbx_host_org_variant              ? 
_entity_src_gen.pdbx_host_org_cell_line            ? 
_entity_src_gen.pdbx_host_org_atcc                 ? 
_entity_src_gen.pdbx_host_org_culture_collection   ? 
_entity_src_gen.pdbx_host_org_cell                 ? 
_entity_src_gen.pdbx_host_org_organelle            ? 
_entity_src_gen.pdbx_host_org_cellular_location    ? 
_entity_src_gen.pdbx_host_org_vector_type          ? 
_entity_src_gen.pdbx_host_org_vector               ? 
_entity_src_gen.host_org_details                   ? 
_entity_src_gen.expression_system_id               ? 
_entity_src_gen.plasmid_name                       ? 
_entity_src_gen.plasmid_details                    ? 
_entity_src_gen.pdbx_description                   ? 
# 
_struct_ref.id                         1 
_struct_ref.db_name                    UNP 
_struct_ref.db_code                    A0A480PG39_PIG 
_struct_ref.pdbx_db_accession          A0A480PG39 
_struct_ref.pdbx_db_isoform            ? 
_struct_ref.entity_id                  1 
_struct_ref.pdbx_seq_one_letter_code   
;AEESRKRLRFARLSEHATAPTKGSERAAGYDLYSAYDYTVLPMEKAIVKTDIQIALPSGCYGRVAPRSGLAAKHFIDVGA
GVIDEDYRGNVGVVLFNFGKEKFEVKKGDRIAQLICERIFYPEIEEVQVLDDTERGSGGFGSTGTN
;
_struct_ref.pdbx_align_begin           84 
# 
_struct_ref_seq.align_id                      1 
_struct_ref_seq.ref_id                        1 
_struct_ref_seq.pdbx_PDB_id_code              6LJJ 
_struct_ref_seq.pdbx_strand_id                A 
_struct_ref_seq.seq_align_beg                 1 
_struct_ref_seq.pdbx_seq_align_beg_ins_code   ? 
_struct_ref_seq.seq_align_end                 146 
_struct_ref_seq.pdbx_seq_align_end_ins_code   ? 
_struct_ref_seq.pdbx_db_accession             A0A480PG39 
_struct_ref_seq.db_align_beg                  84 
_struct_ref_seq.pdbx_db_align_beg_ins_code    ? 
_struct_ref_seq.db_align_end                  229 
_struct_ref_seq.pdbx_db_align_end_ins_code    ? 
_struct_ref_seq.pdbx_auth_seq_align_beg       76 
_struct_ref_seq.pdbx_auth_seq_align_end       221 
# 
loop_
_struct_ref_seq_dif.align_id 
_struct_ref_seq_dif.pdbx_pdb_id_code 
_struct_ref_seq_dif.mon_id 
_struct_ref_seq_dif.pdbx_pdb_strand_id 
_struct_ref_seq_dif.seq_num 
_struct_ref_seq_dif.pdbx_pdb_ins_code 
_struct_ref_seq_dif.pdbx_seq_db_name 
_struct_ref_seq_dif.pdbx_seq_db_accession_code 
_struct_ref_seq_dif.db_mon_id 
_struct_ref_seq_dif.pdbx_seq_db_seq_num 
_struct_ref_seq_dif.details 
_struct_ref_seq_dif.pdbx_auth_seq_num 
_struct_ref_seq_dif.pdbx_ordinal 
1 6LJJ LEU A 147 ? UNP A0A480PG39 ? ? 'expression tag' 222 1 
1 6LJJ GLU A 148 ? UNP A0A480PG39 ? ? 'expression tag' 223 2 
1 6LJJ HIS A 149 ? UNP A0A480PG39 ? ? 'expression tag' 224 3 
1 6LJJ HIS A 150 ? UNP A0A480PG39 ? ? 'expression tag' 225 4 
1 6LJJ HIS A 151 ? UNP A0A480PG39 ? ? 'expression tag' 226 5 
1 6LJJ HIS A 152 ? UNP A0A480PG39 ? ? 'expression tag' 227 6 
1 6LJJ HIS A 153 ? UNP A0A480PG39 ? ? 'expression tag' 228 7 
1 6LJJ HIS A 154 ? UNP A0A480PG39 ? ? 'expression tag' 229 8 
1 6LJJ HIS A 155 ? UNP A0A480PG39 ? ? 'expression tag' 230 9 
# 
loop_
_chem_comp.id 
_chem_comp.type 
_chem_comp.mon_nstd_flag 
_chem_comp.name 
_chem_comp.pdbx_synonyms 
_chem_comp.formula 
_chem_comp.formula_weight 
ALA 'L-peptide linking' y ALANINE                                            ? 'C3 H7 N O2'       89.093  
ARG 'L-peptide linking' y ARGININE                                           ? 'C6 H15 N4 O2 1'   175.209 
ASN 'L-peptide linking' y ASPARAGINE                                         ? 'C4 H8 N2 O3'      132.118 
ASP 'L-peptide linking' y 'ASPARTIC ACID'                                    ? 'C4 H7 N O4'       133.103 
CYS 'L-peptide linking' y CYSTEINE                                           ? 'C3 H7 N O2 S'     121.158 
DUP non-polymer         . 
;2'-DEOXYURIDINE 5'-ALPHA,BETA-IMIDO-TRIPHOSPHATE
;
? 'C9 H16 N3 O13 P3' 467.157 
GLN 'L-peptide linking' y GLUTAMINE                                          ? 'C5 H10 N2 O3'     146.144 
GLU 'L-peptide linking' y 'GLUTAMIC ACID'                                    ? 'C5 H9 N O4'       147.129 
GLY 'peptide linking'   y GLYCINE                                            ? 'C2 H5 N O2'       75.067  
HIS 'L-peptide linking' y HISTIDINE                                          ? 'C6 H10 N3 O2 1'   156.162 
HOH non-polymer         . WATER                                              ? 'H2 O'             18.015  
ILE 'L-peptide linking' y ISOLEUCINE                                         ? 'C6 H13 N O2'      131.173 
LEU 'L-peptide linking' y LEUCINE                                            ? 'C6 H13 N O2'      131.173 
LYS 'L-peptide linking' y LYSINE                                             ? 'C6 H15 N2 O2 1'   147.195 
MET 'L-peptide linking' y METHIONINE                                         ? 'C5 H11 N O2 S'    149.211 
MG  non-polymer         . 'MAGNESIUM ION'                                    ? 'Mg 2'             24.305  
PHE 'L-peptide linking' y PHENYLALANINE                                      ? 'C9 H11 N O2'      165.189 
PRO 'L-peptide linking' y PROLINE                                            ? 'C5 H9 N O2'       115.130 
SER 'L-peptide linking' y SERINE                                             ? 'C3 H7 N O3'       105.093 
THR 'L-peptide linking' y THREONINE                                          ? 'C4 H9 N O3'       119.119 
TYR 'L-peptide linking' y TYROSINE                                           ? 'C9 H11 N O3'      181.189 
VAL 'L-peptide linking' y VALINE                                             ? 'C5 H11 N O2'      117.146 
# 
_exptl.absorpt_coefficient_mu     ? 
_exptl.absorpt_correction_T_max   ? 
_exptl.absorpt_correction_T_min   ? 
_exptl.absorpt_correction_type    ? 
_exptl.absorpt_process_details    ? 
_exptl.entry_id                   6LJJ 
_exptl.crystals_number            1 
_exptl.details                    ? 
_exptl.method                     'X-RAY DIFFRACTION' 
_exptl.method_details             ? 
# 
_exptl_crystal.colour                      ? 
_exptl_crystal.density_diffrn              ? 
_exptl_crystal.density_Matthews            2.58 
_exptl_crystal.density_method              ? 
_exptl_crystal.density_percent_sol         52.37 
_exptl_crystal.description                 ? 
_exptl_crystal.F_000                       ? 
_exptl_crystal.id                          1 
_exptl_crystal.preparation                 ? 
_exptl_crystal.size_max                    ? 
_exptl_crystal.size_mid                    ? 
_exptl_crystal.size_min                    ? 
_exptl_crystal.size_rad                    ? 
_exptl_crystal.colour_lustre               ? 
_exptl_crystal.colour_modifier             ? 
_exptl_crystal.colour_primary              ? 
_exptl_crystal.density_meas                ? 
_exptl_crystal.density_meas_esd            ? 
_exptl_crystal.density_meas_gt             ? 
_exptl_crystal.density_meas_lt             ? 
_exptl_crystal.density_meas_temp           ? 
_exptl_crystal.density_meas_temp_esd       ? 
_exptl_crystal.density_meas_temp_gt        ? 
_exptl_crystal.density_meas_temp_lt        ? 
_exptl_crystal.pdbx_crystal_image_url      ? 
_exptl_crystal.pdbx_crystal_image_format   ? 
_exptl_crystal.pdbx_mosaicity              ? 
_exptl_crystal.pdbx_mosaicity_esd          ? 
# 
_exptl_crystal_grow.apparatus       ? 
_exptl_crystal_grow.atmosphere      ? 
_exptl_crystal_grow.crystal_id      1 
_exptl_crystal_grow.details         ? 
_exptl_crystal_grow.method          'VAPOR DIFFUSION, SITTING DROP' 
_exptl_crystal_grow.method_ref      ? 
_exptl_crystal_grow.pH              5.9 
_exptl_crystal_grow.pressure        ? 
_exptl_crystal_grow.pressure_esd    ? 
_exptl_crystal_grow.seeding         ? 
_exptl_crystal_grow.seeding_ref     ? 
_exptl_crystal_grow.temp            293 
_exptl_crystal_grow.temp_details    ? 
_exptl_crystal_grow.temp_esd        ? 
_exptl_crystal_grow.time            ? 
_exptl_crystal_grow.pdbx_details    '0.2 M Magnesium Formate pH 5.9, 20% (w/v) PEG 3350' 
_exptl_crystal_grow.pdbx_pH_range   ? 
# 
_diffrn.ambient_environment              ? 
_diffrn.ambient_temp                     100 
_diffrn.ambient_temp_details             ? 
_diffrn.ambient_temp_esd                 ? 
_diffrn.crystal_id                       1 
_diffrn.crystal_support                  ? 
_diffrn.crystal_treatment                ? 
_diffrn.details                          ? 
_diffrn.id                               1 
_diffrn.ambient_pressure                 ? 
_diffrn.ambient_pressure_esd             ? 
_diffrn.ambient_pressure_gt              ? 
_diffrn.ambient_pressure_lt              ? 
_diffrn.ambient_temp_gt                  ? 
_diffrn.ambient_temp_lt                  ? 
_diffrn.pdbx_serial_crystal_experiment   N 
# 
_diffrn_detector.details                      ? 
_diffrn_detector.detector                     CCD 
_diffrn_detector.diffrn_id                    1 
_diffrn_detector.type                         'ADSC QUANTUM 315' 
_diffrn_detector.area_resol_mean              ? 
_diffrn_detector.dtime                        ? 
_diffrn_detector.pdbx_frames_total            ? 
_diffrn_detector.pdbx_collection_time_total   ? 
_diffrn_detector.pdbx_collection_date         2019-11-24 
_diffrn_detector.pdbx_frequency               ? 
# 
_diffrn_radiation.collimation                      ? 
_diffrn_radiation.diffrn_id                        1 
_diffrn_radiation.filter_edge                      ? 
_diffrn_radiation.inhomogeneity                    ? 
_diffrn_radiation.monochromator                    ? 
_diffrn_radiation.polarisn_norm                    ? 
_diffrn_radiation.polarisn_ratio                   ? 
_diffrn_radiation.probe                            ? 
_diffrn_radiation.type                             ? 
_diffrn_radiation.xray_symbol                      ? 
_diffrn_radiation.wavelength_id                    1 
_diffrn_radiation.pdbx_monochromatic_or_laue_m_l   M 
_diffrn_radiation.pdbx_wavelength_list             ? 
_diffrn_radiation.pdbx_wavelength                  ? 
_diffrn_radiation.pdbx_diffrn_protocol             'SINGLE WAVELENGTH' 
_diffrn_radiation.pdbx_analyzer                    ? 
_diffrn_radiation.pdbx_scattering_type             x-ray 
# 
_diffrn_radiation_wavelength.id           1 
_diffrn_radiation_wavelength.wavelength   0.97918 
_diffrn_radiation_wavelength.wt           1.0 
# 
_diffrn_source.current                     ? 
_diffrn_source.details                     ? 
_diffrn_source.diffrn_id                   1 
_diffrn_source.power                       ? 
_diffrn_source.size                        ? 
_diffrn_source.source                      SYNCHROTRON 
_diffrn_source.target                      ? 
_diffrn_source.type                        'SSRF BEAMLINE BL17U1' 
_diffrn_source.voltage                     ? 
_diffrn_source.take-off_angle              ? 
_diffrn_source.pdbx_wavelength_list        0.97918 
_diffrn_source.pdbx_wavelength             ? 
_diffrn_source.pdbx_synchrotron_beamline   BL17U1 
_diffrn_source.pdbx_synchrotron_site       SSRF 
# 
_reflns.B_iso_Wilson_estimate            ? 
_reflns.entry_id                         6LJJ 
_reflns.data_reduction_details           ? 
_reflns.data_reduction_method            ? 
_reflns.d_resolution_high                1.885 
_reflns.d_resolution_low                 50.0100 
_reflns.details                          ? 
_reflns.limit_h_max                      ? 
_reflns.limit_h_min                      ? 
_reflns.limit_k_max                      ? 
_reflns.limit_k_min                      ? 
_reflns.limit_l_max                      ? 
_reflns.limit_l_min                      ? 
_reflns.number_all                       ? 
_reflns.number_obs                       19159 
_reflns.observed_criterion               ? 
_reflns.observed_criterion_F_max         ? 
_reflns.observed_criterion_F_min         ? 
_reflns.observed_criterion_I_max         ? 
_reflns.observed_criterion_I_min         ? 
_reflns.observed_criterion_sigma_F       ? 
_reflns.observed_criterion_sigma_I       ? 
_reflns.percent_possible_obs             99.500 
_reflns.R_free_details                   ? 
_reflns.Rmerge_F_all                     ? 
_reflns.Rmerge_F_obs                     ? 
_reflns.Friedel_coverage                 ? 
_reflns.number_gt                        ? 
_reflns.threshold_expression             ? 
_reflns.pdbx_redundancy                  10 
_reflns.pdbx_Rmerge_I_obs                0.097 
_reflns.pdbx_Rmerge_I_all                ? 
_reflns.pdbx_Rsym_value                  ? 
_reflns.pdbx_netI_over_av_sigmaI         ? 
_reflns.pdbx_netI_over_sigmaI            6.000 
_reflns.pdbx_res_netI_over_av_sigmaI_2   ? 
_reflns.pdbx_res_netI_over_sigmaI_2      ? 
_reflns.pdbx_chi_squared                 0.946 
_reflns.pdbx_scaling_rejects             ? 
_reflns.pdbx_d_res_high_opt              ? 
_reflns.pdbx_d_res_low_opt               ? 
_reflns.pdbx_d_res_opt_method            ? 
_reflns.phase_calculation_details        ? 
_reflns.pdbx_Rrim_I_all                  0.098 
_reflns.pdbx_Rpim_I_all                  0.012 
_reflns.pdbx_d_opt                       ? 
_reflns.pdbx_number_measured_all         ? 
_reflns.pdbx_diffrn_id                   1 
_reflns.pdbx_ordinal                     1 
_reflns.pdbx_CC_half                     ? 
_reflns.pdbx_CC_star                     ? 
_reflns.pdbx_R_split                     ? 
# 
_reflns_shell.d_res_high                  1.885 
_reflns_shell.d_res_low                   1.91 
_reflns_shell.meanI_over_sigI_all         ? 
_reflns_shell.meanI_over_sigI_obs         ? 
_reflns_shell.number_measured_all         ? 
_reflns_shell.number_measured_obs         ? 
_reflns_shell.number_possible             ? 
_reflns_shell.number_unique_all           ? 
_reflns_shell.number_unique_obs           770 
_reflns_shell.percent_possible_all        100 
_reflns_shell.percent_possible_obs        ? 
_reflns_shell.Rmerge_F_all                ? 
_reflns_shell.Rmerge_F_obs                ? 
_reflns_shell.Rmerge_I_all                ? 
_reflns_shell.Rmerge_I_obs                0.788 
_reflns_shell.meanI_over_sigI_gt          ? 
_reflns_shell.meanI_over_uI_all           ? 
_reflns_shell.meanI_over_uI_gt            ? 
_reflns_shell.number_measured_gt          ? 
_reflns_shell.number_unique_gt            ? 
_reflns_shell.percent_possible_gt         ? 
_reflns_shell.Rmerge_F_gt                 ? 
_reflns_shell.Rmerge_I_gt                 ? 
_reflns_shell.pdbx_redundancy             7.78 
_reflns_shell.pdbx_Rsym_value             ? 
_reflns_shell.pdbx_chi_squared            1.222 
_reflns_shell.pdbx_netI_over_sigmaI_all   ? 
_reflns_shell.pdbx_netI_over_sigmaI_obs   ? 
_reflns_shell.pdbx_Rrim_I_all             0.788 
_reflns_shell.pdbx_Rpim_I_all             0.092 
_reflns_shell.pdbx_rejects                ? 
_reflns_shell.pdbx_ordinal                1 
_reflns_shell.pdbx_diffrn_id              1 
_reflns_shell.pdbx_CC_half                0.977 
_reflns_shell.pdbx_CC_star                0.994 
_reflns_shell.pdbx_R_split                ? 
# 
_refine.aniso_B[1][1]                            0.0000 
_refine.aniso_B[1][2]                            0.0000 
_refine.aniso_B[1][3]                            0.0000 
_refine.aniso_B[2][2]                            0.0000 
_refine.aniso_B[2][3]                            0.0000 
_refine.aniso_B[3][3]                            0.0000 
_refine.B_iso_max                                106.750 
_refine.B_iso_mean                               22.9720 
_refine.B_iso_min                                12.240 
_refine.correlation_coeff_Fo_to_Fc               0.9510 
_refine.correlation_coeff_Fo_to_Fc_free          0.9350 
_refine.details                                  
'HYDROGENS HAVE BEEN ADDED IN THE RIDING POSITIONS U VALUES      : REFINED INDIVIDUALLY' 
_refine.diff_density_max                         ? 
_refine.diff_density_max_esd                     ? 
_refine.diff_density_min                         ? 
_refine.diff_density_min_esd                     ? 
_refine.diff_density_rms                         ? 
_refine.diff_density_rms_esd                     ? 
_refine.entry_id                                 6LJJ 
_refine.pdbx_refine_id                           'X-RAY DIFFRACTION' 
_refine.ls_abs_structure_details                 ? 
_refine.ls_abs_structure_Flack                   ? 
_refine.ls_abs_structure_Flack_esd               ? 
_refine.ls_abs_structure_Rogers                  ? 
_refine.ls_abs_structure_Rogers_esd              ? 
_refine.ls_d_res_high                            1.8900 
_refine.ls_d_res_low                             27.4600 
_refine.ls_extinction_coef                       ? 
_refine.ls_extinction_coef_esd                   ? 
_refine.ls_extinction_expression                 ? 
_refine.ls_extinction_method                     ? 
_refine.ls_goodness_of_fit_all                   ? 
_refine.ls_goodness_of_fit_all_esd               ? 
_refine.ls_goodness_of_fit_obs                   ? 
_refine.ls_goodness_of_fit_obs_esd               ? 
_refine.ls_hydrogen_treatment                    ? 
_refine.ls_matrix_type                           ? 
_refine.ls_number_constraints                    ? 
_refine.ls_number_parameters                     ? 
_refine.ls_number_reflns_all                     ? 
_refine.ls_number_reflns_obs                     13847 
_refine.ls_number_reflns_R_free                  735 
_refine.ls_number_reflns_R_work                  ? 
_refine.ls_number_restraints                     ? 
_refine.ls_percent_reflns_obs                    94.9400 
_refine.ls_percent_reflns_R_free                 5.0000 
_refine.ls_R_factor_all                          ? 
_refine.ls_R_factor_obs                          0.1983 
_refine.ls_R_factor_R_free                       0.2310 
_refine.ls_R_factor_R_free_error                 ? 
_refine.ls_R_factor_R_free_error_details         ? 
_refine.ls_R_factor_R_work                       0.1966 
_refine.ls_R_Fsqd_factor_obs                     ? 
_refine.ls_R_I_factor_obs                        ? 
_refine.ls_redundancy_reflns_all                 ? 
_refine.ls_redundancy_reflns_obs                 ? 
_refine.ls_restrained_S_all                      ? 
_refine.ls_restrained_S_obs                      ? 
_refine.ls_shift_over_esd_max                    ? 
_refine.ls_shift_over_esd_mean                   ? 
_refine.ls_structure_factor_coef                 ? 
_refine.ls_weighting_details                     ? 
_refine.ls_weighting_scheme                      ? 
_refine.ls_wR_factor_all                         ? 
_refine.ls_wR_factor_obs                         ? 
_refine.ls_wR_factor_R_free                      ? 
_refine.ls_wR_factor_R_work                      ? 
_refine.occupancy_max                            ? 
_refine.occupancy_min                            ? 
_refine.solvent_model_details                    MASK 
_refine.solvent_model_param_bsol                 ? 
_refine.solvent_model_param_ksol                 ? 
_refine.pdbx_R_complete                          ? 
_refine.ls_R_factor_gt                           ? 
_refine.ls_goodness_of_fit_gt                    ? 
_refine.ls_goodness_of_fit_ref                   ? 
_refine.ls_shift_over_su_max                     ? 
_refine.ls_shift_over_su_max_lt                  ? 
_refine.ls_shift_over_su_mean                    ? 
_refine.ls_shift_over_su_mean_lt                 ? 
_refine.pdbx_ls_sigma_I                          ? 
_refine.pdbx_ls_sigma_F                          0.000 
_refine.pdbx_ls_sigma_Fsqd                       ? 
_refine.pdbx_data_cutoff_high_absF               ? 
_refine.pdbx_data_cutoff_high_rms_absF           ? 
_refine.pdbx_data_cutoff_low_absF                ? 
_refine.pdbx_isotropic_thermal_model             ? 
_refine.pdbx_ls_cross_valid_method               THROUGHOUT 
_refine.pdbx_method_to_determine_struct          'MOLECULAR REPLACEMENT' 
_refine.pdbx_starting_model                      6LIW 
_refine.pdbx_stereochemistry_target_values       'MAXIMUM LIKELIHOOD' 
_refine.pdbx_R_Free_selection_details            RANDOM 
_refine.pdbx_stereochem_target_val_spec_case     ? 
_refine.pdbx_overall_ESU_R                       0.1510 
_refine.pdbx_overall_ESU_R_Free                  0.1390 
_refine.pdbx_solvent_vdw_probe_radii             1.2000 
_refine.pdbx_solvent_ion_probe_radii             0.8000 
_refine.pdbx_solvent_shrinkage_radii             0.8000 
_refine.pdbx_real_space_R                        ? 
_refine.pdbx_density_correlation                 ? 
_refine.pdbx_pd_number_of_powder_patterns        ? 
_refine.pdbx_pd_number_of_points                 ? 
_refine.pdbx_pd_meas_number_of_points            ? 
_refine.pdbx_pd_proc_ls_prof_R_factor            ? 
_refine.pdbx_pd_proc_ls_prof_wR_factor           ? 
_refine.pdbx_pd_Marquardt_correlation_coeff      ? 
_refine.pdbx_pd_Fsqrd_R_factor                   ? 
_refine.pdbx_pd_ls_matrix_band_width             ? 
_refine.pdbx_overall_phase_error                 ? 
_refine.pdbx_overall_SU_R_free_Cruickshank_DPI   ? 
_refine.pdbx_overall_SU_R_free_Blow_DPI          ? 
_refine.pdbx_overall_SU_R_Blow_DPI               ? 
_refine.pdbx_TLS_residual_ADP_flag               ? 
_refine.pdbx_diffrn_id                           1 
_refine.overall_SU_B                             3.8880 
_refine.overall_SU_ML                            0.1050 
_refine.overall_SU_R_Cruickshank_DPI             ? 
_refine.overall_SU_R_free                        ? 
_refine.overall_FOM_free_R_set                   ? 
_refine.overall_FOM_work_R_set                   ? 
_refine.pdbx_average_fsc_overall                 ? 
_refine.pdbx_average_fsc_work                    ? 
_refine.pdbx_average_fsc_free                    ? 
# 
_refine_hist.pdbx_refine_id                   'X-RAY DIFFRACTION' 
_refine_hist.cycle_id                         final 
_refine_hist.details                          ? 
_refine_hist.d_res_high                       1.8900 
_refine_hist.d_res_low                        27.4600 
_refine_hist.number_atoms_solvent             158 
_refine_hist.number_atoms_total               1322 
_refine_hist.number_reflns_all                ? 
_refine_hist.number_reflns_obs                ? 
_refine_hist.number_reflns_R_free             ? 
_refine_hist.number_reflns_R_work             ? 
_refine_hist.R_factor_all                     ? 
_refine_hist.R_factor_obs                     ? 
_refine_hist.R_factor_R_free                  ? 
_refine_hist.R_factor_R_work                  ? 
_refine_hist.pdbx_number_residues_total       150 
_refine_hist.pdbx_B_iso_mean_ligand           16.28 
_refine_hist.pdbx_B_iso_mean_solvent          35.20 
_refine_hist.pdbx_number_atoms_protein        1135 
_refine_hist.pdbx_number_atoms_nucleic_acid   0 
_refine_hist.pdbx_number_atoms_ligand         29 
_refine_hist.pdbx_number_atoms_lipid          ? 
_refine_hist.pdbx_number_atoms_carb           ? 
_refine_hist.pdbx_pseudo_atom_details         ? 
# 
loop_
_refine_ls_restr.pdbx_refine_id 
_refine_ls_restr.criterion 
_refine_ls_restr.dev_ideal 
_refine_ls_restr.dev_ideal_target 
_refine_ls_restr.number 
_refine_ls_restr.rejects 
_refine_ls_restr.type 
_refine_ls_restr.weight 
_refine_ls_restr.pdbx_restraint_function 
'X-RAY DIFFRACTION' ? 0.011  0.013  1191 ? r_bond_refined_d       ? ? 
'X-RAY DIFFRACTION' ? 0.001  0.017  1039 ? r_bond_other_d         ? ? 
'X-RAY DIFFRACTION' ? 1.661  1.680  1617 ? r_angle_refined_deg    ? ? 
'X-RAY DIFFRACTION' ? 1.447  1.594  2388 ? r_angle_other_deg      ? ? 
'X-RAY DIFFRACTION' ? 7.528  5.000  149  ? r_dihedral_angle_1_deg ? ? 
'X-RAY DIFFRACTION' ? 29.561 20.635 63   ? r_dihedral_angle_2_deg ? ? 
'X-RAY DIFFRACTION' ? 14.190 15.000 170  ? r_dihedral_angle_3_deg ? ? 
'X-RAY DIFFRACTION' ? 18.308 15.000 9    ? r_dihedral_angle_4_deg ? ? 
'X-RAY DIFFRACTION' ? 0.080  0.200  153  ? r_chiral_restr         ? ? 
'X-RAY DIFFRACTION' ? 0.009  0.020  1358 ? r_gen_planes_refined   ? ? 
'X-RAY DIFFRACTION' ? 0.001  0.020  273  ? r_gen_planes_other     ? ? 
# 
_refine_ls_shell.pdbx_refine_id                   'X-RAY DIFFRACTION' 
_refine_ls_shell.d_res_high                       1.8900 
_refine_ls_shell.d_res_low                        1.9340 
_refine_ls_shell.number_reflns_all                ? 
_refine_ls_shell.number_reflns_obs                ? 
_refine_ls_shell.number_reflns_R_free             25 
_refine_ls_shell.number_reflns_R_work             420 
_refine_ls_shell.percent_reflns_obs               40.0500 
_refine_ls_shell.percent_reflns_R_free            ? 
_refine_ls_shell.R_factor_all                     ? 
_refine_ls_shell.R_factor_obs                     ? 
_refine_ls_shell.R_factor_R_free                  0.5990 
_refine_ls_shell.R_factor_R_free_error            0.0000 
_refine_ls_shell.R_factor_R_work                  0.5870 
_refine_ls_shell.redundancy_reflns_all            ? 
_refine_ls_shell.redundancy_reflns_obs            ? 
_refine_ls_shell.wR_factor_all                    ? 
_refine_ls_shell.wR_factor_obs                    ? 
_refine_ls_shell.wR_factor_R_free                 ? 
_refine_ls_shell.wR_factor_R_work                 ? 
_refine_ls_shell.pdbx_R_complete                  ? 
_refine_ls_shell.pdbx_total_number_of_bins_used   ? 
_refine_ls_shell.pdbx_phase_error                 ? 
_refine_ls_shell.pdbx_fsc_work                    ? 
_refine_ls_shell.pdbx_fsc_free                    ? 
# 
_struct.entry_id                     6LJJ 
_struct.title                        'Swine dUTPase in complex with alpha,beta-iminodUTP and magnesium ion' 
_struct.pdbx_model_details           ? 
_struct.pdbx_formula_weight          ? 
_struct.pdbx_formula_weight_method   ? 
_struct.pdbx_model_type_details      ? 
_struct.pdbx_CASP_flag               N 
# 
_struct_keywords.entry_id        6LJJ 
_struct_keywords.text            'swine dUTPase, sDUT, dUTPase, HYDROLASE' 
_struct_keywords.pdbx_keywords   HYDROLASE 
# 
loop_
_struct_asym.id 
_struct_asym.pdbx_blank_PDB_chainid_flag 
_struct_asym.pdbx_modified 
_struct_asym.entity_id 
_struct_asym.details 
A N N 1 ? 
B N N 2 ? 
C N N 3 ? 
D N N 4 ? 
# 
loop_
_struct_conf.conf_type_id 
_struct_conf.id 
_struct_conf.pdbx_PDB_helix_id 
_struct_conf.beg_label_comp_id 
_struct_conf.beg_label_asym_id 
_struct_conf.beg_label_seq_id 
_struct_conf.pdbx_beg_PDB_ins_code 
_struct_conf.end_label_comp_id 
_struct_conf.end_label_asym_id 
_struct_conf.end_label_seq_id 
_struct_conf.pdbx_end_PDB_ins_code 
_struct_conf.beg_auth_comp_id 
_struct_conf.beg_auth_asym_id 
_struct_conf.beg_auth_seq_id 
_struct_conf.end_auth_comp_id 
_struct_conf.end_auth_asym_id 
_struct_conf.end_auth_seq_id 
_struct_conf.pdbx_PDB_helix_class 
_struct_conf.details 
_struct_conf.pdbx_PDB_helix_length 
HELX_P HELX_P1 AA1 ARG A 67  ? PHE A 75  ? ARG A 142 PHE A 150 1 ? 9  
HELX_P HELX_P2 AA2 ASN A 146 ? HIS A 155 ? ASN A 221 HIS A 230 1 ? 10 
# 
_struct_conf_type.id          HELX_P 
_struct_conf_type.criteria    ? 
_struct_conf_type.reference   ? 
# 
loop_
_struct_conn.id 
_struct_conn.conn_type_id 
_struct_conn.pdbx_leaving_atom_flag 
_struct_conn.pdbx_PDB_id 
_struct_conn.ptnr1_label_asym_id 
_struct_conn.ptnr1_label_comp_id 
_struct_conn.ptnr1_label_seq_id 
_struct_conn.ptnr1_label_atom_id 
_struct_conn.pdbx_ptnr1_label_alt_id 
_struct_conn.pdbx_ptnr1_PDB_ins_code 
_struct_conn.pdbx_ptnr1_standard_comp_id 
_struct_conn.ptnr1_symmetry 
_struct_conn.ptnr2_label_asym_id 
_struct_conn.ptnr2_label_comp_id 
_struct_conn.ptnr2_label_seq_id 
_struct_conn.ptnr2_label_atom_id 
_struct_conn.pdbx_ptnr2_label_alt_id 
_struct_conn.pdbx_ptnr2_PDB_ins_code 
_struct_conn.ptnr1_auth_asym_id 
_struct_conn.ptnr1_auth_comp_id 
_struct_conn.ptnr1_auth_seq_id 
_struct_conn.ptnr2_auth_asym_id 
_struct_conn.ptnr2_auth_comp_id 
_struct_conn.ptnr2_auth_seq_id 
_struct_conn.ptnr2_symmetry 
_struct_conn.pdbx_ptnr3_label_atom_id 
_struct_conn.pdbx_ptnr3_label_seq_id 
_struct_conn.pdbx_ptnr3_label_comp_id 
_struct_conn.pdbx_ptnr3_label_asym_id 
_struct_conn.pdbx_ptnr3_label_alt_id 
_struct_conn.pdbx_ptnr3_PDB_ins_code 
_struct_conn.details 
_struct_conn.pdbx_dist_value 
_struct_conn.pdbx_value_order 
_struct_conn.pdbx_role 
metalc1 metalc ? ? B DUP . O1A ? ? ? 1_555 C MG  . MG ? ? A DUP 301 A MG  302 1_555  ? ? ? ? ? ? ? 2.074 ? ? 
metalc2 metalc ? ? B DUP . O1B ? ? ? 1_555 C MG  . MG ? ? A DUP 301 A MG  302 1_555  ? ? ? ? ? ? ? 2.105 ? ? 
metalc3 metalc ? ? B DUP . O3G ? ? ? 1_555 C MG  . MG ? ? A DUP 301 A MG  302 1_555  ? ? ? ? ? ? ? 2.084 ? ? 
metalc4 metalc ? ? C MG  . MG  ? ? ? 1_555 D HOH . O  ? ? A MG  302 A HOH 423 59_555 ? ? ? ? ? ? ? 2.183 ? ? 
metalc5 metalc ? ? C MG  . MG  ? ? ? 1_555 D HOH . O  ? ? A MG  302 A HOH 459 59_555 ? ? ? ? ? ? ? 2.120 ? ? 
metalc6 metalc ? ? C MG  . MG  ? ? ? 1_555 D HOH . O  ? ? A MG  302 A HOH 479 1_555  ? ? ? ? ? ? ? 2.186 ? ? 
# 
_struct_conn_type.id          metalc 
_struct_conn_type.criteria    ? 
_struct_conn_type.reference   ? 
# 
loop_
_struct_sheet.id 
_struct_sheet.type 
_struct_sheet.number_strands 
_struct_sheet.details 
AA1 ? 2 ? 
AA2 ? 5 ? 
AA3 ? 2 ? 
AA4 ? 3 ? 
# 
loop_
_struct_sheet_order.sheet_id 
_struct_sheet_order.range_id_1 
_struct_sheet_order.range_id_2 
_struct_sheet_order.offset 
_struct_sheet_order.sense 
AA1 1 2 ? anti-parallel 
AA2 1 2 ? anti-parallel 
AA2 2 3 ? anti-parallel 
AA2 3 4 ? anti-parallel 
AA2 4 5 ? anti-parallel 
AA3 1 2 ? anti-parallel 
AA4 1 2 ? anti-parallel 
AA4 2 3 ? anti-parallel 
# 
loop_
_struct_sheet_range.sheet_id 
_struct_sheet_range.id 
_struct_sheet_range.beg_label_comp_id 
_struct_sheet_range.beg_label_asym_id 
_struct_sheet_range.beg_label_seq_id 
_struct_sheet_range.pdbx_beg_PDB_ins_code 
_struct_sheet_range.end_label_comp_id 
_struct_sheet_range.end_label_asym_id 
_struct_sheet_range.end_label_seq_id 
_struct_sheet_range.pdbx_end_PDB_ins_code 
_struct_sheet_range.beg_auth_comp_id 
_struct_sheet_range.beg_auth_asym_id 
_struct_sheet_range.beg_auth_seq_id 
_struct_sheet_range.end_auth_comp_id 
_struct_sheet_range.end_auth_asym_id 
_struct_sheet_range.end_auth_seq_id 
AA1 1 ARG A 9   ? ARG A 12  ? ARG A 84  ARG A 87  
AA1 2 ILE A 52  ? ALA A 55  ? ILE A 127 ALA A 130 
AA2 1 THR A 21  ? LYS A 22  ? THR A 96  LYS A 97  
AA2 2 GLY A 29  ? TYR A 33  ? GLY A 104 TYR A 108 
AA2 3 ARG A 110 ? ARG A 118 ? ARG A 185 ARG A 193 
AA2 4 CYS A 60  ? ALA A 65  ? CYS A 135 ALA A 140 
AA2 5 VAL A 82  ? ILE A 83  ? VAL A 157 ILE A 158 
AA3 1 TYR A 38  ? VAL A 40  ? TYR A 113 VAL A 115 
AA3 2 PHE A 103 ? VAL A 105 ? PHE A 178 VAL A 180 
AA4 1 GLU A 44  ? LYS A 49  ? GLU A 119 LYS A 124 
AA4 2 GLY A 92  ? ASN A 97  ? GLY A 167 ASN A 172 
AA4 3 ILE A 76  ? GLY A 79  ? ILE A 151 GLY A 154 
# 
loop_
_pdbx_struct_sheet_hbond.sheet_id 
_pdbx_struct_sheet_hbond.range_id_1 
_pdbx_struct_sheet_hbond.range_id_2 
_pdbx_struct_sheet_hbond.range_1_label_atom_id 
_pdbx_struct_sheet_hbond.range_1_label_comp_id 
_pdbx_struct_sheet_hbond.range_1_label_asym_id 
_pdbx_struct_sheet_hbond.range_1_label_seq_id 
_pdbx_struct_sheet_hbond.range_1_PDB_ins_code 
_pdbx_struct_sheet_hbond.range_1_auth_atom_id 
_pdbx_struct_sheet_hbond.range_1_auth_comp_id 
_pdbx_struct_sheet_hbond.range_1_auth_asym_id 
_pdbx_struct_sheet_hbond.range_1_auth_seq_id 
_pdbx_struct_sheet_hbond.range_2_label_atom_id 
_pdbx_struct_sheet_hbond.range_2_label_comp_id 
_pdbx_struct_sheet_hbond.range_2_label_asym_id 
_pdbx_struct_sheet_hbond.range_2_label_seq_id 
_pdbx_struct_sheet_hbond.range_2_PDB_ins_code 
_pdbx_struct_sheet_hbond.range_2_auth_atom_id 
_pdbx_struct_sheet_hbond.range_2_auth_comp_id 
_pdbx_struct_sheet_hbond.range_2_auth_asym_id 
_pdbx_struct_sheet_hbond.range_2_auth_seq_id 
AA1 1 2 N ARG A 9   ? N ARG A 84  O ALA A 55  ? O ALA A 130 
AA2 1 2 N THR A 21  ? N THR A 96  O ASP A 31  ? O ASP A 106 
AA2 2 3 N TYR A 30  ? N TYR A 105 O LEU A 114 ? O LEU A 189 
AA2 3 4 O GLN A 113 ? O GLN A 188 N ALA A 65  ? N ALA A 140 
AA2 4 5 N GLY A 62  ? N GLY A 137 O ILE A 83  ? O ILE A 158 
AA3 1 2 N VAL A 40  ? N VAL A 115 O PHE A 103 ? O PHE A 178 
AA4 1 2 N VAL A 48  ? N VAL A 123 O VAL A 93  ? O VAL A 168 
AA4 2 3 O PHE A 96  ? O PHE A 171 N ASP A 77  ? N ASP A 152 
# 
loop_
_struct_site.id 
_struct_site.pdbx_evidence_code 
_struct_site.pdbx_auth_asym_id 
_struct_site.pdbx_auth_comp_id 
_struct_site.pdbx_auth_seq_id 
_struct_site.pdbx_auth_ins_code 
_struct_site.pdbx_num_residues 
_struct_site.details 
AC1 Software A DUP 301 ? 25 'binding site for residue DUP A 301' 
AC2 Software A MG  302 ? 4  'binding site for residue MG A 302'  
# 
loop_
_struct_site_gen.id 
_struct_site_gen.site_id 
_struct_site_gen.pdbx_num_res 
_struct_site_gen.label_comp_id 
_struct_site_gen.label_asym_id 
_struct_site_gen.label_seq_id 
_struct_site_gen.pdbx_auth_ins_code 
_struct_site_gen.auth_comp_id 
_struct_site_gen.auth_asym_id 
_struct_site_gen.auth_seq_id 
_struct_site_gen.label_atom_id 
_struct_site_gen.label_alt_id 
_struct_site_gen.symmetry 
_struct_site_gen.details 
1  AC1 25 ARG A 67  ? ARG A 142 . ? 59_555 ? 
2  AC1 25 SER A 68  ? SER A 143 . ? 59_555 ? 
3  AC1 25 GLY A 69  ? GLY A 144 . ? 59_555 ? 
4  AC1 25 ALA A 80  ? ALA A 155 . ? 80_555 ? 
5  AC1 25 GLY A 81  ? GLY A 156 . ? 80_555 ? 
6  AC1 25 VAL A 82  ? VAL A 157 . ? 80_555 ? 
7  AC1 25 ILE A 83  ? ILE A 158 . ? 80_555 ? 
8  AC1 25 ASP A 84  ? ASP A 159 . ? 80_555 ? 
9  AC1 25 TYR A 87  ? TYR A 162 . ? 80_555 ? 
10 AC1 25 GLY A 92  ? GLY A 167 . ? 80_555 ? 
11 AC1 25 GLN A 113 ? GLN A 188 . ? 59_555 ? 
12 AC1 25 ARG A 135 ? ARG A 210 . ? 1_555  ? 
13 AC1 25 GLY A 139 ? GLY A 214 . ? 1_555  ? 
14 AC1 25 PHE A 140 ? PHE A 215 . ? 1_555  ? 
15 AC1 25 GLY A 141 ? GLY A 216 . ? 1_555  ? 
16 AC1 25 SER A 142 ? SER A 217 . ? 1_555  ? 
17 AC1 25 THR A 143 ? THR A 218 . ? 1_555  ? 
18 AC1 25 MG  C .   ? MG  A 302 . ? 1_555  ? 
19 AC1 25 HOH D .   ? HOH A 417 . ? 1_555  ? 
20 AC1 25 HOH D .   ? HOH A 423 . ? 59_555 ? 
21 AC1 25 HOH D .   ? HOH A 427 . ? 1_555  ? 
22 AC1 25 HOH D .   ? HOH A 433 . ? 1_555  ? 
23 AC1 25 HOH D .   ? HOH A 446 . ? 1_555  ? 
24 AC1 25 HOH D .   ? HOH A 459 . ? 59_555 ? 
25 AC1 25 HOH D .   ? HOH A 479 . ? 1_555  ? 
26 AC2 4  DUP B .   ? DUP A 301 . ? 1_555  ? 
27 AC2 4  HOH D .   ? HOH A 423 . ? 59_555 ? 
28 AC2 4  HOH D .   ? HOH A 459 . ? 59_555 ? 
29 AC2 4  HOH D .   ? HOH A 479 . ? 1_555  ? 
# 
_atom_sites.entry_id                    6LJJ 
_atom_sites.Cartn_transf_matrix[1][1]   ? 
_atom_sites.Cartn_transf_matrix[1][2]   ? 
_atom_sites.Cartn_transf_matrix[1][3]   ? 
_atom_sites.Cartn_transf_matrix[2][1]   ? 
_atom_sites.Cartn_transf_matrix[2][2]   ? 
_atom_sites.Cartn_transf_matrix[2][3]   ? 
_atom_sites.Cartn_transf_matrix[3][1]   ? 
_atom_sites.Cartn_transf_matrix[3][2]   ? 
_atom_sites.Cartn_transf_matrix[3][3]   ? 
_atom_sites.Cartn_transf_vector[1]      ? 
_atom_sites.Cartn_transf_vector[2]      ? 
_atom_sites.Cartn_transf_vector[3]      ? 
_atom_sites.fract_transf_matrix[1][1]   -0.00019966 
_atom_sites.fract_transf_matrix[1][2]   -0.00615256 
_atom_sites.fract_transf_matrix[1][3]   -0.00016480 
_atom_sites.fract_transf_matrix[2][1]   -0.00606215 
_atom_sites.fract_transf_matrix[2][2]   0.00016809 
_atom_sites.fract_transf_matrix[2][3]   0.00106915 
_atom_sites.fract_transf_matrix[3][1]   -0.00106371 
_atom_sites.fract_transf_matrix[3][2]   0.00019690 
_atom_sites.fract_transf_matrix[3][3]   -0.00606224 
_atom_sites.fract_transf_vector[1]      0.142648 
_atom_sites.fract_transf_vector[2]      0.136484 
_atom_sites.fract_transf_vector[3]      -0.098352 
_atom_sites.solution_primary            ? 
_atom_sites.solution_secondary          ? 
_atom_sites.solution_hydrogens          ? 
_atom_sites.special_details             ? 
# 
loop_
_atom_type.symbol 
C  
H  
MG 
N  
O  
P  
S  
# 
loop_
_atom_site.group_PDB 
_atom_site.id 
_atom_site.type_symbol 
_atom_site.label_atom_id 
_atom_site.label_alt_id 
_atom_site.label_comp_id 
_atom_site.label_asym_id 
_atom_site.label_entity_id 
_atom_site.label_seq_id 
_atom_site.pdbx_PDB_ins_code 
_atom_site.Cartn_x 
_atom_site.Cartn_y 
_atom_site.Cartn_z 
_atom_site.occupancy 
_atom_site.B_iso_or_equiv 
_atom_site.pdbx_formal_charge 
_atom_site.auth_seq_id 
_atom_site.auth_comp_id 
_atom_site.auth_asym_id 
_atom_site.auth_atom_id 
_atom_site.pdbx_PDB_model_num 
ATOM   1    N  N     . LYS A 1 6   ? -11.216 -13.316 7.315   1.00 51.85  ?  81  LYS A N     1 
ATOM   2    C  CA    . LYS A 1 6   ? -11.624 -14.702 6.880   1.00 49.95  ?  81  LYS A CA    1 
ATOM   3    C  C     . LYS A 1 6   ? -11.620 -14.799 5.343   1.00 41.64  ?  81  LYS A C     1 
ATOM   4    O  O     . LYS A 1 6   ? -10.759 -15.558 4.807   1.00 38.07  ?  81  LYS A O     1 
ATOM   5    C  CB    . LYS A 1 6   ? -12.988 -15.098 7.475   1.00 55.57  ?  81  LYS A CB    1 
ATOM   6    C  CG    . LYS A 1 6   ? -12.998 -15.474 8.955   1.00 51.92  ?  81  LYS A CG    1 
ATOM   7    N  N     . ARG A 1 7   ? -12.547 -14.133 4.637   1.00 35.44  ?  82  ARG A N     1 
ATOM   8    C  CA    . ARG A 1 7   ? -12.645 -14.282 3.153   1.00 33.49  ?  82  ARG A CA    1 
ATOM   9    C  C     . ARG A 1 7   ? -12.431 -12.930 2.461   1.00 29.43  ?  82  ARG A C     1 
ATOM   10   O  O     . ARG A 1 7   ? -13.085 -11.948 2.823   1.00 25.19  ?  82  ARG A O     1 
ATOM   11   C  CB    . ARG A 1 7   ? -13.965 -14.942 2.724   1.00 33.36  ?  82  ARG A CB    1 
ATOM   12   C  CG    . ARG A 1 7   ? -13.932 -16.468 2.744   1.00 40.28  ?  82  ARG A CG    1 
ATOM   13   C  CD    . ARG A 1 7   ? -15.128 -17.161 2.074   1.00 45.27  ?  82  ARG A CD    1 
ATOM   14   N  N     . LEU A 1 8   ? -11.547 -12.891 1.462   1.00 27.40  ?  83  LEU A N     1 
ATOM   15   C  CA    . LEU A 1 8   ? -11.428 -11.730 0.557   1.00 23.62  ?  83  LEU A CA    1 
ATOM   16   C  C     . LEU A 1 8   ? -12.238 -12.029 -0.700  1.00 23.45  ?  83  LEU A C     1 
ATOM   17   O  O     . LEU A 1 8   ? -11.787 -12.827 -1.526  1.00 24.20  ?  83  LEU A O     1 
ATOM   18   C  CB    . LEU A 1 8   ? -9.949  -11.465 0.253   1.00 23.86  ?  83  LEU A CB    1 
ATOM   19   C  CG    . LEU A 1 8   ? -9.653  -10.408 -0.819  1.00 23.15  ?  83  LEU A CG    1 
ATOM   20   C  CD1   . LEU A 1 8   ? -10.305 -9.066  -0.489  1.00 21.36  ?  83  LEU A CD1   1 
ATOM   21   C  CD2   . LEU A 1 8   ? -8.141  -10.250 -0.984  1.00 24.09  ?  83  LEU A CD2   1 
ATOM   22   N  N     . ARG A 1 9   ? -13.365 -11.343 -0.879  1.00 23.05  ?  84  ARG A N     1 
ATOM   23   C  CA    . ARG A 1 9   ? -14.251 -11.552 -2.053  1.00 21.81  ?  84  ARG A CA    1 
ATOM   24   C  C     . ARG A 1 9   ? -13.800 -10.639 -3.175  1.00 19.83  ?  84  ARG A C     1 
ATOM   25   O  O     . ARG A 1 9   ? -13.523 -9.467  -2.900  1.00 20.52  ?  84  ARG A O     1 
ATOM   26   C  CB    . ARG A 1 9   ? -15.722 -11.308 -1.689  1.00 25.10  ?  84  ARG A CB    1 
ATOM   27   C  CG    . ARG A 1 9   ? -16.362 -12.471 -0.936  1.00 29.36  ?  84  ARG A CG    1 
ATOM   28   C  CD    . ARG A 1 9   ? -17.722 -12.166 -0.339  1.00 36.13  ?  84  ARG A CD    1 
ATOM   29   N  NE    . ARG A 1 9   ? -18.160 -13.368 0.372   1.00 47.98  ?  84  ARG A NE    1 
ATOM   30   C  CZ    . ARG A 1 9   ? -19.202 -14.150 0.047   1.00 58.30  ?  84  ARG A CZ    1 
ATOM   31   N  NH1   . ARG A 1 9   ? -20.000 -13.841 -0.969  1.00 56.44  ?  84  ARG A NH1   1 
ATOM   32   N  NH2   . ARG A 1 9   ? -19.460 -15.235 0.768   1.00 61.76  ?  84  ARG A NH2   1 
ATOM   33   N  N     . PHE A 1 10  ? -13.795 -11.109 -4.416  1.00 18.51  ?  85  PHE A N     1 
ATOM   34   C  CA    . PHE A 1 10  ? -13.595 -10.182 -5.544  1.00 20.91  ?  85  PHE A CA    1 
ATOM   35   C  C     . PHE A 1 10  ? -14.491 -10.635 -6.690  1.00 22.10  ?  85  PHE A C     1 
ATOM   36   O  O     . PHE A 1 10  ? -14.879 -11.787 -6.752  1.00 24.35  ?  85  PHE A O     1 
ATOM   37   C  CB    . PHE A 1 10  ? -12.112 -10.054 -5.926  1.00 19.72  ?  85  PHE A CB    1 
ATOM   38   C  CG    . PHE A 1 10  ? -11.629 -11.194 -6.776  1.00 18.11  ?  85  PHE A CG    1 
ATOM   39   C  CD1   . PHE A 1 10  ? -11.341 -12.414 -6.202  1.00 18.26  ?  85  PHE A CD1   1 
ATOM   40   C  CD2   . PHE A 1 10  ? -11.604 -11.085 -8.151  1.00 19.26  ?  85  PHE A CD2   1 
ATOM   41   C  CE1   . PHE A 1 10  ? -10.966 -13.493 -6.986  1.00 18.10  ?  85  PHE A CE1   1 
ATOM   42   C  CE2   . PHE A 1 10  ? -11.210 -12.158 -8.940  1.00 19.49  ?  85  PHE A CE2   1 
ATOM   43   C  CZ    . PHE A 1 10  ? -10.897 -13.365 -8.353  1.00 18.32  ?  85  PHE A CZ    1 
ATOM   44   N  N     . ALA A 1 11  ? -14.778 -9.692  -7.564  1.00 23.52  ?  86  ALA A N     1 
ATOM   45   C  CA    . ALA A 1 11  ? -15.469 -9.912  -8.838  1.00 25.31  ?  86  ALA A CA    1 
ATOM   46   C  C     . ALA A 1 11  ? -14.664 -9.219  -9.932  1.00 23.99  ?  86  ALA A C     1 
ATOM   47   O  O     . ALA A 1 11  ? -14.098 -8.109  -9.685  1.00 22.88  ?  86  ALA A O     1 
ATOM   48   C  CB    . ALA A 1 11  ? -16.896 -9.395  -8.729  1.00 27.43  ?  86  ALA A CB    1 
ATOM   49   N  N     . ARG A 1 12  ? -14.637 -9.858  -11.098 1.00 22.58  ?  87  ARG A N     1 
ATOM   50   C  CA    . ARG A 1 12  ? -13.992 -9.338  -12.312 1.00 22.80  ?  87  ARG A CA    1 
ATOM   51   C  C     . ARG A 1 12  ? -14.890 -8.278  -12.942 1.00 22.93  ?  87  ARG A C     1 
ATOM   52   O  O     . ARG A 1 12  ? -16.043 -8.545  -13.106 1.00 26.47  ?  87  ARG A O     1 
ATOM   53   C  CB    . ARG A 1 12  ? -13.754 -10.484 -13.289 1.00 20.20  ?  87  ARG A CB    1 
ATOM   54   C  CG    . ARG A 1 12  ? -12.800 -11.554 -12.777 1.00 20.96  ?  87  ARG A CG    1 
ATOM   55   C  CD    . ARG A 1 12  ? -12.780 -12.757 -13.717 1.00 20.33  ?  87  ARG A CD    1 
ATOM   56   N  NE    . ARG A 1 12  ? -12.047 -13.802 -13.037 1.00 20.68  ?  87  ARG A NE    1 
ATOM   57   C  CZ    . ARG A 1 12  ? -10.751 -13.979 -13.150 1.00 19.59  ?  87  ARG A CZ    1 
ATOM   58   N  NH1   . ARG A 1 12  ? -10.058 -13.228 -13.978 1.00 20.79  ?  87  ARG A NH1   1 
ATOM   59   N  NH2   . ARG A 1 12  ? -10.160 -14.906 -12.438 1.00 22.22  ?  87  ARG A NH2   1 
ATOM   60   N  N     . LEU A 1 13  ? -14.340 -7.153  -13.350 1.00 23.77  ?  88  LEU A N     1 
ATOM   61   C  CA    . LEU A 1 13  ? -15.084 -6.082  -14.050 1.00 23.58  ?  88  LEU A CA    1 
ATOM   62   C  C     . LEU A 1 13  ? -14.805 -6.182  -15.550 1.00 25.13  ?  88  LEU A C     1 
ATOM   63   O  O     . LEU A 1 13  ? -15.366 -5.367  -16.296 1.00 25.35  ?  88  LEU A O     1 
ATOM   64   C  CB    . LEU A 1 13  ? -14.646 -4.727  -13.495 1.00 24.63  ?  88  LEU A CB    1 
ATOM   65   C  CG    . LEU A 1 13  ? -14.925 -4.514  -12.005 1.00 25.61  ?  88  LEU A CG    1 
ATOM   66   C  CD1   . LEU A 1 13  ? -14.231 -3.253  -11.518 1.00 23.80  ?  88  LEU A CD1   1 
ATOM   67   C  CD2   . LEU A 1 13  ? -16.425 -4.469  -11.735 1.00 25.06  ?  88  LEU A CD2   1 
ATOM   68   N  N     . SER A 1 14  ? -13.933 -7.103  -15.969 1.00 25.15  ?  89  SER A N     1 
ATOM   69   C  CA    . SER A 1 14  ? -13.589 -7.348  -17.397 1.00 25.09  ?  89  SER A CA    1 
ATOM   70   C  C     . SER A 1 14  ? -12.884 -8.694  -17.566 1.00 26.87  ?  89  SER A C     1 
ATOM   71   O  O     . SER A 1 14  ? -12.458 -9.285  -16.557 1.00 25.11  ?  89  SER A O     1 
ATOM   72   C  CB    . SER A 1 14  ? -12.747 -6.223  -17.968 1.00 26.20  ?  89  SER A CB    1 
ATOM   73   O  OG    . SER A 1 14  ? -11.352 -6.419  -17.705 1.00 23.88  ?  89  SER A OG    1 
ATOM   74   N  N     . GLU A 1 15  ? -12.744 -9.130  -18.824 1.00 28.72  ?  90  GLU A N     1 
ATOM   75   C  CA    . GLU A 1 15  ? -11.944 -10.314 -19.244 1.00 31.67  ?  90  GLU A CA    1 
ATOM   76   C  C     . GLU A 1 15  ? -10.451 -10.077 -18.983 1.00 28.08  ?  90  GLU A C     1 
ATOM   77   O  O     . GLU A 1 15  ? -9.717  -11.061 -18.935 1.00 29.35  ?  90  GLU A O     1 
ATOM   78   C  CB    . GLU A 1 15  ? -12.176 -10.658 -20.722 1.00 31.48  ?  90  GLU A CB    1 
ATOM   79   C  CG    . GLU A 1 15  ? -11.748 -9.590  -21.700 1.00 40.66  ?  90  GLU A CG    1 
ATOM   80   C  CD    . GLU A 1 15  ? -12.720 -8.428  -21.896 1.00 49.31  ?  90  GLU A CD    1 
ATOM   81   O  OE1   . GLU A 1 15  ? -12.617 -7.768  -22.958 1.00 52.08  ?  90  GLU A OE1   1 
ATOM   82   O  OE2   . GLU A 1 15  ? -13.576 -8.165  -20.984 1.00 48.97  -1 90  GLU A OE2   1 
ATOM   83   N  N     . HIS A 1 16  ? -10.021 -8.831  -18.810 1.00 25.11  ?  91  HIS A N     1 
ATOM   84   C  CA    . HIS A 1 16  ? -8.584  -8.447  -18.749 1.00 26.17  ?  91  HIS A CA    1 
ATOM   85   C  C     . HIS A 1 16  ? -7.999  -8.632  -17.351 1.00 25.76  ?  91  HIS A C     1 
ATOM   86   O  O     . HIS A 1 16  ? -6.790  -8.539  -17.228 1.00 24.33  ?  91  HIS A O     1 
ATOM   87   C  CB    . HIS A 1 16  ? -8.402  -7.002  -19.200 1.00 28.30  ?  91  HIS A CB    1 
ATOM   88   C  CG    . HIS A 1 16  ? -8.895  -6.769  -20.581 1.00 33.37  ?  91  HIS A CG    1 
ATOM   89   N  ND1   . HIS A 1 16  ? -8.362  -7.440  -21.674 1.00 33.95  ?  91  HIS A ND1   1 
ATOM   90   C  CD2   . HIS A 1 16  ? -9.864  -5.956  -21.047 1.00 36.32  ?  91  HIS A CD2   1 
ATOM   91   C  CE1   . HIS A 1 16  ? -8.972  -7.021  -22.757 1.00 37.69  ?  91  HIS A CE1   1 
ATOM   92   N  NE2   . HIS A 1 16  ? -9.904  -6.112  -22.401 1.00 36.34  ?  91  HIS A NE2   1 
ATOM   93   N  N     . ALA A 1 17  ? -8.833  -8.863  -16.333 1.00 25.69  ?  92  ALA A N     1 
ATOM   94   C  CA    . ALA A 1 17  ? -8.404  -8.968  -14.923 1.00 24.13  ?  92  ALA A CA    1 
ATOM   95   C  C     . ALA A 1 17  ? -7.766  -10.338 -14.666 1.00 23.19  ?  92  ALA A C     1 
ATOM   96   O  O     . ALA A 1 17  ? -8.128  -11.330 -15.321 1.00 22.79  ?  92  ALA A O     1 
ATOM   97   C  CB    . ALA A 1 17  ? -9.608  -8.782  -14.019 1.00 25.62  ?  92  ALA A CB    1 
ATOM   98   N  N     . THR A 1 18  ? -6.904  -10.408 -13.665 1.00 19.43  ?  93  THR A N     1 
ATOM   99   C  CA    . THR A 1 18  ? -6.363  -11.685 -13.152 1.00 20.60  ?  93  THR A CA    1 
ATOM   100  C  C     . THR A 1 18  ? -6.698  -11.775 -11.659 1.00 19.62  ?  93  THR A C     1 
ATOM   101  O  O     . THR A 1 18  ? -6.522  -10.747 -10.952 1.00 21.81  ?  93  THR A O     1 
ATOM   102  C  CB    . THR A 1 18  ? -4.852  -11.772 -13.415 1.00 19.85  ?  93  THR A CB    1 
ATOM   103  O  OG1   . THR A 1 18  ? -4.506  -11.400 -14.762 1.00 20.66  ?  93  THR A OG1   1 
ATOM   104  C  CG2   . THR A 1 18  ? -4.330  -13.128 -13.049 1.00 20.63  ?  93  THR A CG2   1 
ATOM   105  N  N     . ALA A 1 19  ? -7.180  -12.924 -11.187 1.00 17.81  ?  94  ALA A N     1 
ATOM   106  C  CA    . ALA A 1 19  ? -7.338  -13.162 -9.740  1.00 17.65  ?  94  ALA A CA    1 
ATOM   107  C  C     . ALA A 1 19  ? -5.987  -12.906 -9.082  1.00 19.48  ?  94  ALA A C     1 
ATOM   108  O  O     . ALA A 1 19  ? -4.967  -13.450 -9.542  1.00 17.07  ?  94  ALA A O     1 
ATOM   109  C  CB    . ALA A 1 19  ? -7.820  -14.559 -9.437  1.00 18.04  ?  94  ALA A CB    1 
ATOM   110  N  N     . PRO A 1 20  ? -5.937  -12.085 -8.001  1.00 19.13  ?  95  PRO A N     1 
ATOM   111  C  CA    . PRO A 1 20  ? -4.703  -11.881 -7.248  1.00 18.07  ?  95  PRO A CA    1 
ATOM   112  C  C     . PRO A 1 20  ? -4.123  -13.190 -6.712  1.00 19.08  ?  95  PRO A C     1 
ATOM   113  O  O     . PRO A 1 20  ? -4.870  -14.045 -6.356  1.00 17.71  ?  95  PRO A O     1 
ATOM   114  C  CB    . PRO A 1 20  ? -5.152  -10.977 -6.087  1.00 18.98  ?  95  PRO A CB    1 
ATOM   115  C  CG    . PRO A 1 20  ? -6.303  -10.164 -6.689  1.00 20.22  ?  95  PRO A CG    1 
ATOM   116  C  CD    . PRO A 1 20  ? -7.020  -11.188 -7.543  1.00 19.92  ?  95  PRO A CD    1 
ATOM   117  N  N     . THR A 1 21  ? -2.797  -13.269 -6.611  1.00 17.85  ?  96  THR A N     1 
ATOM   118  C  CA    . THR A 1 21  ? -2.048  -14.477 -6.190  1.00 18.03  ?  96  THR A CA    1 
ATOM   119  C  C     . THR A 1 21  ? -1.042  -14.137 -5.084  1.00 18.72  ?  96  THR A C     1 
ATOM   120  O  O     . THR A 1 21  ? -0.445  -13.069 -5.152  1.00 17.87  ?  96  THR A O     1 
ATOM   121  C  CB    . THR A 1 21  ? -1.335  -15.081 -7.406  1.00 18.59  ?  96  THR A CB    1 
ATOM   122  O  OG1   . THR A 1 21  ? -0.599  -14.068 -8.099  1.00 19.06  ?  96  THR A OG1   1 
ATOM   123  C  CG2   . THR A 1 21  ? -2.345  -15.677 -8.369  1.00 18.74  ?  96  THR A CG2   1 
ATOM   124  N  N     . LYS A 1 22  ? -0.783  -15.103 -4.216  1.00 19.62  ?  97  LYS A N     1 
ATOM   125  C  CA    . LYS A 1 22  ? 0.206   -15.041 -3.113  1.00 24.98  ?  97  LYS A CA    1 
ATOM   126  C  C     . LYS A 1 22  ? 1.604   -15.457 -3.589  1.00 22.31  ?  97  LYS A C     1 
ATOM   127  O  O     . LYS A 1 22  ? 1.769   -16.585 -4.018  1.00 24.25  ?  97  LYS A O     1 
ATOM   128  C  CB    . LYS A 1 22  ? -0.218  -15.991 -1.996  1.00 29.44  ?  97  LYS A CB    1 
ATOM   129  C  CG    . LYS A 1 22  ? -1.175  -15.417 -0.964  1.00 34.21  ?  97  LYS A CG    1 
ATOM   130  C  CD    . LYS A 1 22  ? -1.812  -16.494 -0.063  1.00 39.14  ?  97  LYS A CD    1 
ATOM   131  C  CE    . LYS A 1 22  ? -0.909  -17.635 0.392   1.00 38.69  ?  97  LYS A CE    1 
ATOM   132  N  N     . GLY A 1 23  ? 2.601   -14.598 -3.393  1.00 21.27  ?  98  GLY A N     1 
ATOM   133  C  CA    . GLY A 1 23  ? 4.010   -14.862 -3.744  1.00 20.51  ?  98  GLY A CA    1 
ATOM   134  C  C     . GLY A 1 23  ? 4.602   -16.027 -2.978  1.00 20.56  ?  98  GLY A C     1 
ATOM   135  O  O     . GLY A 1 23  ? 5.547   -16.657 -3.511  1.00 21.91  ?  98  GLY A O     1 
ATOM   136  N  N     . SER A 1 24  ? 4.130   -16.266 -1.753  1.00 18.64  ?  99  SER A N     1 
ATOM   137  C  CA    . SER A 1 24  ? 4.646   -17.321 -0.843  1.00 20.27  ?  99  SER A CA    1 
ATOM   138  C  C     . SER A 1 24  ? 3.557   -17.697 0.146   1.00 19.75  ?  99  SER A C     1 
ATOM   139  O  O     . SER A 1 24  ? 2.567   -16.913 0.250   1.00 16.79  ?  99  SER A O     1 
ATOM   140  C  CB    . SER A 1 24  ? 5.913   -16.868 -0.111  1.00 20.94  ?  99  SER A CB    1 
ATOM   141  O  OG    . SER A 1 24  ? 5.632   -15.791 0.778   1.00 20.92  ?  99  SER A OG    1 
ATOM   142  N  N     . GLU A 1 25  ? 3.744   -18.827 0.840   1.00 21.53  ?  100 GLU A N     1 
ATOM   143  C  CA    . GLU A 1 25  ? 2.702   -19.443 1.710   1.00 22.25  ?  100 GLU A CA    1 
ATOM   144  C  C     . GLU A 1 25  ? 2.221   -18.406 2.724   1.00 21.46  ?  100 GLU A C     1 
ATOM   145  O  O     . GLU A 1 25  ? 1.004   -18.336 2.987   1.00 19.73  ?  100 GLU A O     1 
ATOM   146  C  CB    . GLU A 1 25  ? 3.226   -20.693 2.441   1.00 22.61  ?  100 GLU A CB    1 
ATOM   147  N  N     . ARG A 1 26  ? 3.130   -17.634 3.318   1.00 21.08  ?  101 ARG A N     1 
ATOM   148  C  CA    . ARG A 1 26  ? 2.743   -16.642 4.364   1.00 21.74  ?  101 ARG A CA    1 
ATOM   149  C  C     . ARG A 1 26  ? 3.110   -15.232 3.890   1.00 21.39  ?  101 ARG A C     1 
ATOM   150  O  O     . ARG A 1 26  ? 3.588   -14.416 4.698   1.00 21.65  ?  101 ARG A O     1 
ATOM   151  C  CB    . ARG A 1 26  ? 3.388   -17.004 5.702   1.00 24.17  ?  101 ARG A CB    1 
ATOM   152  C  CG    . ARG A 1 26  ? 2.900   -18.322 6.282   1.00 25.91  ?  101 ARG A CG    1 
ATOM   153  C  CD    . ARG A 1 26  ? 1.463   -18.197 6.751   1.00 26.67  ?  101 ARG A CD    1 
ATOM   154  N  NE    . ARG A 1 26  ? 1.391   -17.511 8.036   1.00 31.16  ?  101 ARG A NE    1 
ATOM   155  C  CZ    . ARG A 1 26  ? 0.261   -17.211 8.676   1.00 30.48  ?  101 ARG A CZ    1 
ATOM   156  N  NH1   . ARG A 1 26  ? -0.909  -17.500 8.119   1.00 31.58  ?  101 ARG A NH1   1 
ATOM   157  N  NH2   . ARG A 1 26  ? 0.309   -16.628 9.866   1.00 29.37  ?  101 ARG A NH2   1 
ATOM   158  N  N     . ALA A 1 27  ? 2.870   -14.960 2.619   1.00 20.45  ?  102 ALA A N     1 
ATOM   159  C  CA    . ALA A 1 27  ? 3.037   -13.620 2.036   1.00 19.79  ?  102 ALA A CA    1 
ATOM   160  C  C     . ALA A 1 27  ? 1.996   -12.719 2.689   1.00 19.01  ?  102 ALA A C     1 
ATOM   161  O  O     . ALA A 1 27  ? 0.877   -13.209 2.953   1.00 18.52  ?  102 ALA A O     1 
ATOM   162  C  CB    . ALA A 1 27  ? 2.887   -13.674 0.538   1.00 18.00  ?  102 ALA A CB    1 
ATOM   163  N  N     . ALA A 1 28  ? 2.370   -11.466 2.958   1.00 17.47  ?  103 ALA A N     1 
ATOM   164  C  CA    . ALA A 1 28  ? 1.509   -10.459 3.614   1.00 16.97  ?  103 ALA A CA    1 
ATOM   165  C  C     . ALA A 1 28  ? 0.378   -10.040 2.673   1.00 18.68  ?  103 ALA A C     1 
ATOM   166  O  O     . ALA A 1 28  ? -0.681  -9.547  3.142   1.00 19.93  ?  103 ALA A O     1 
ATOM   167  C  CB    . ALA A 1 28  ? 2.341   -9.289  4.012   1.00 17.87  ?  103 ALA A CB    1 
ATOM   168  N  N     . GLY A 1 29  ? 0.633   -10.162 1.384   1.00 20.05  ?  104 GLY A N     1 
ATOM   169  C  CA    . GLY A 1 29  ? -0.191  -9.532  0.343   1.00 22.80  ?  104 GLY A CA    1 
ATOM   170  C  C     . GLY A 1 29  ? -0.552  -10.498 -0.761  1.00 19.66  ?  104 GLY A C     1 
ATOM   171  O  O     . GLY A 1 29  ? 0.223   -11.449 -1.012  1.00 20.15  ?  104 GLY A O     1 
ATOM   172  N  N     . TYR A 1 30  ? -1.658  -10.201 -1.421  1.00 18.37  ?  105 TYR A N     1 
ATOM   173  C  CA    . TYR A 1 30  ? -2.042  -10.781 -2.728  1.00 17.92  ?  105 TYR A CA    1 
ATOM   174  C  C     . TYR A 1 30  ? -1.509  -9.847  -3.815  1.00 17.63  ?  105 TYR A C     1 
ATOM   175  O  O     . TYR A 1 30  ? -1.843  -8.632  -3.820  1.00 16.35  ?  105 TYR A O     1 
ATOM   176  C  CB    . TYR A 1 30  ? -3.560  -10.953 -2.819  1.00 18.63  ?  105 TYR A CB    1 
ATOM   177  C  CG    . TYR A 1 30  ? -4.087  -12.222 -2.198  1.00 19.87  ?  105 TYR A CG    1 
ATOM   178  C  CD1   . TYR A 1 30  ? -4.128  -13.419 -2.912  1.00 21.01  ?  105 TYR A CD1   1 
ATOM   179  C  CD2   . TYR A 1 30  ? -4.585  -12.221 -0.909  1.00 22.40  ?  105 TYR A CD2   1 
ATOM   180  C  CE1   . TYR A 1 30  ? -4.591  -14.589 -2.329  1.00 20.56  ?  105 TYR A CE1   1 
ATOM   181  C  CE2   . TYR A 1 30  ? -5.084  -13.375 -0.329  1.00 22.27  ?  105 TYR A CE2   1 
ATOM   182  C  CZ    . TYR A 1 30  ? -5.073  -14.563 -1.037  1.00 23.49  ?  105 TYR A CZ    1 
ATOM   183  O  OH    . TYR A 1 30  ? -5.575  -15.691 -0.455  1.00 25.91  ?  105 TYR A OH    1 
ATOM   184  N  N     . ASP A 1 31  ? -0.735  -10.397 -4.752  1.00 14.69  ?  106 ASP A N     1 
ATOM   185  C  CA    . ASP A 1 31  ? -0.205  -9.613  -5.881  1.00 15.25  ?  106 ASP A CA    1 
ATOM   186  C  C     . ASP A 1 31  ? -1.342  -9.192  -6.785  1.00 16.53  ?  106 ASP A C     1 
ATOM   187  O  O     . ASP A 1 31  ? -2.211  -10.043 -7.071  1.00 17.41  ?  106 ASP A O     1 
ATOM   188  C  CB    . ASP A 1 31  ? 0.858   -10.417 -6.623  1.00 16.20  ?  106 ASP A CB    1 
ATOM   189  C  CG    . ASP A 1 31  ? 2.097   -10.657 -5.781  1.00 17.74  ?  106 ASP A CG    1 
ATOM   190  O  OD1   . ASP A 1 31  ? 2.176   -10.060 -4.654  1.00 17.17  ?  106 ASP A OD1   1 
ATOM   191  O  OD2   . ASP A 1 31  ? 2.982   -11.459 -6.239  1.00 16.98  -1 106 ASP A OD2   1 
ATOM   192  N  N     . LEU A 1 32  ? -1.289  -7.950  -7.257  1.00 15.97  ?  107 LEU A N     1 
ATOM   193  C  CA    . LEU A 1 32  ? -2.295  -7.350  -8.147  1.00 17.41  ?  107 LEU A CA    1 
ATOM   194  C  C     . LEU A 1 32  ? -1.685  -7.248  -9.545  1.00 18.16  ?  107 LEU A C     1 
ATOM   195  O  O     . LEU A 1 32  ? -0.521  -6.809  -9.668  1.00 18.93  ?  107 LEU A O     1 
ATOM   196  C  CB    . LEU A 1 32  ? -2.711  -5.971  -7.639  1.00 16.66  ?  107 LEU A CB    1 
ATOM   197  C  CG    . LEU A 1 32  ? -3.339  -5.926  -6.248  1.00 16.57  ?  107 LEU A CG    1 
ATOM   198  C  CD1   . LEU A 1 32  ? -3.598  -4.480  -5.871  1.00 16.77  ?  107 LEU A CD1   1 
ATOM   199  C  CD2   . LEU A 1 32  ? -4.653  -6.719  -6.201  1.00 16.09  ?  107 LEU A CD2   1 
ATOM   200  N  N     . TYR A 1 33  ? -2.492  -7.633  -10.538 1.00 18.89  ?  108 TYR A N     1 
ATOM   201  C  CA    . TYR A 1 33  ? -2.143  -7.710  -11.971 1.00 17.93  ?  108 TYR A CA    1 
ATOM   202  C  C     . TYR A 1 33  ? -2.756  -6.513  -12.683 1.00 17.60  ?  108 TYR A C     1 
ATOM   203  O  O     . TYR A 1 33  ? -3.967  -6.240  -12.487 1.00 19.12  ?  108 TYR A O     1 
ATOM   204  C  CB    . TYR A 1 33  ? -2.661  -9.023  -12.559 1.00 17.72  ?  108 TYR A CB    1 
ATOM   205  C  CG    . TYR A 1 33  ? -2.017  -10.272 -12.030 1.00 16.90  ?  108 TYR A CG    1 
ATOM   206  C  CD1   . TYR A 1 33  ? -2.345  -10.811 -10.796 1.00 17.04  ?  108 TYR A CD1   1 
ATOM   207  C  CD2   . TYR A 1 33  ? -1.090  -10.950 -12.797 1.00 18.15  ?  108 TYR A CD2   1 
ATOM   208  C  CE1   . TYR A 1 33  ? -1.762  -11.979 -10.335 1.00 16.66  ?  108 TYR A CE1   1 
ATOM   209  C  CE2   . TYR A 1 33  ? -0.477  -12.104 -12.353 1.00 16.61  ?  108 TYR A CE2   1 
ATOM   210  C  CZ    . TYR A 1 33  ? -0.798  -12.608 -11.115 1.00 17.28  ?  108 TYR A CZ    1 
ATOM   211  O  OH    . TYR A 1 33  ? -0.179  -13.744 -10.700 1.00 17.69  ?  108 TYR A OH    1 
ATOM   212  N  N     . SER A 1 34  ? -1.952  -5.791  -13.462 1.00 17.96  ?  109 SER A N     1 
ATOM   213  C  CA    . SER A 1 34  ? -2.485  -4.781  -14.408 1.00 19.19  ?  109 SER A CA    1 
ATOM   214  C  C     . SER A 1 34  ? -3.381  -5.510  -15.413 1.00 21.22  ?  109 SER A C     1 
ATOM   215  O  O     . SER A 1 34  ? -2.983  -6.648  -15.824 1.00 20.81  ?  109 SER A O     1 
ATOM   216  C  CB    . SER A 1 34  ? -1.394  -4.034  -15.112 1.00 19.63  ?  109 SER A CB    1 
ATOM   217  O  OG    . SER A 1 34  ? -1.967  -3.035  -15.929 1.00 20.23  ?  109 SER A OG    1 
ATOM   218  N  N     . ALA A 1 35  ? -4.537  -4.911  -15.740 1.00 20.14  ?  110 ALA A N     1 
ATOM   219  C  CA    . ALA A 1 35  ? -5.460  -5.326  -16.815 1.00 22.92  ?  110 ALA A CA    1 
ATOM   220  C  C     . ALA A 1 35  ? -5.077  -4.672  -18.154 1.00 24.87  ?  110 ALA A C     1 
ATOM   221  O  O     . ALA A 1 35  ? -5.712  -5.019  -19.152 1.00 27.10  ?  110 ALA A O     1 
ATOM   222  C  CB    . ALA A 1 35  ? -6.879  -4.967  -16.436 1.00 23.72  ?  110 ALA A CB    1 
ATOM   223  N  N     . TYR A 1 36  ? -4.124  -3.732  -18.173 1.00 25.47  ?  111 TYR A N     1 
ATOM   224  C  CA    . TYR A 1 36  ? -3.790  -2.925  -19.370 1.00 27.54  ?  111 TYR A CA    1 
ATOM   225  C  C     . TYR A 1 36  ? -2.296  -2.618  -19.420 1.00 28.98  ?  111 TYR A C     1 
ATOM   226  O  O     . TYR A 1 36  ? -1.523  -2.812  -18.434 1.00 29.05  ?  111 TYR A O     1 
ATOM   227  C  CB    . TYR A 1 36  ? -4.596  -1.613  -19.441 1.00 27.16  ?  111 TYR A CB    1 
ATOM   228  C  CG    . TYR A 1 36  ? -6.078  -1.829  -19.343 1.00 27.31  ?  111 TYR A CG    1 
ATOM   229  C  CD1   . TYR A 1 36  ? -6.826  -2.163  -20.469 1.00 27.18  ?  111 TYR A CD1   1 
ATOM   230  C  CD2   . TYR A 1 36  ? -6.726  -1.794  -18.105 1.00 26.49  ?  111 TYR A CD2   1 
ATOM   231  C  CE1   . TYR A 1 36  ? -8.192  -2.425  -20.374 1.00 28.36  ?  111 TYR A CE1   1 
ATOM   232  C  CE2   . TYR A 1 36  ? -8.079  -2.078  -17.997 1.00 25.52  ?  111 TYR A CE2   1 
ATOM   233  C  CZ    . TYR A 1 36  ? -8.816  -2.405  -19.130 1.00 27.16  ?  111 TYR A CZ    1 
ATOM   234  O  OH    . TYR A 1 36  ? -10.145 -2.699  -19.028 1.00 25.16  ?  111 TYR A OH    1 
ATOM   235  N  N     . ASP A 1 37  ? -1.916  -2.124  -20.599 1.00 31.14  ?  112 ASP A N     1 
ATOM   236  C  CA    . ASP A 1 37  ? -0.571  -1.603  -20.907 1.00 28.74  ?  112 ASP A CA    1 
ATOM   237  C  C     . ASP A 1 37  ? -0.568  -0.133  -20.519 1.00 27.52  ?  112 ASP A C     1 
ATOM   238  O  O     . ASP A 1 37  ? -1.534  0.563   -20.836 1.00 26.78  ?  112 ASP A O     1 
ATOM   239  C  CB    . ASP A 1 37  ? -0.246  -1.718  -22.391 1.00 29.88  ?  112 ASP A CB    1 
ATOM   240  C  CG    . ASP A 1 37  ? -0.099  -3.130  -22.929 1.00 32.80  ?  112 ASP A CG    1 
ATOM   241  O  OD1   . ASP A 1 37  ? -0.214  -4.118  -22.153 1.00 30.42  ?  112 ASP A OD1   1 
ATOM   242  O  OD2   . ASP A 1 37  ? 0.144   -3.222  -24.136 1.00 36.84  -1 112 ASP A OD2   1 
ATOM   243  N  N     . TYR A 1 38  ? 0.498   0.304   -19.873 1.00 24.31  ?  113 TYR A N     1 
ATOM   244  C  CA    . TYR A 1 38  ? 0.728   1.715   -19.528 1.00 26.47  ?  113 TYR A CA    1 
ATOM   245  C  C     . TYR A 1 38  ? 2.201   1.946   -19.731 1.00 25.70  ?  113 TYR A C     1 
ATOM   246  O  O     . TYR A 1 38  ? 2.996   1.051   -19.440 1.00 26.31  ?  113 TYR A O     1 
ATOM   247  C  CB    . TYR A 1 38  ? 0.383   2.051   -18.072 1.00 26.82  ?  113 TYR A CB    1 
ATOM   248  C  CG    . TYR A 1 38  ? -1.046  1.763   -17.697 1.00 24.63  ?  113 TYR A CG    1 
ATOM   249  C  CD1   . TYR A 1 38  ? -1.400  0.517   -17.219 1.00 23.56  ?  113 TYR A CD1   1 
ATOM   250  C  CD2   . TYR A 1 38  ? -2.031  2.741   -17.761 1.00 24.25  ?  113 TYR A CD2   1 
ATOM   251  C  CE1   . TYR A 1 38  ? -2.710  0.236   -16.849 1.00 25.49  ?  113 TYR A CE1   1 
ATOM   252  C  CE2   . TYR A 1 38  ? -3.346  2.472   -17.383 1.00 24.60  ?  113 TYR A CE2   1 
ATOM   253  C  CZ    . TYR A 1 38  ? -3.688  1.211   -16.928 1.00 22.48  ?  113 TYR A CZ    1 
ATOM   254  O  OH    . TYR A 1 38  ? -4.973  0.900   -16.571 1.00 23.92  ?  113 TYR A OH    1 
ATOM   255  N  N     . THR A 1 39  ? 2.518   3.123   -20.230 1.00 27.14  ?  114 THR A N     1 
ATOM   256  C  CA    . THR A 1 39  ? 3.897   3.637   -20.267 1.00 27.86  ?  114 THR A CA    1 
ATOM   257  C  C     . THR A 1 39  ? 3.976   4.701   -19.191 1.00 25.51  ?  114 THR A C     1 
ATOM   258  O  O     . THR A 1 39  ? 3.212   5.668   -19.248 1.00 30.60  ?  114 THR A O     1 
ATOM   259  C  CB    . THR A 1 39  ? 4.273   4.113   -21.671 1.00 27.37  ?  114 THR A CB    1 
ATOM   260  O  OG1   . THR A 1 39  ? 4.116   2.972   -22.516 1.00 31.22  ?  114 THR A OG1   1 
ATOM   261  C  CG2   . THR A 1 39  ? 5.694   4.607   -21.714 1.00 28.61  ?  114 THR A CG2   1 
ATOM   262  N  N     . VAL A 1 40  ? 4.834   4.480   -18.215 1.00 25.78  ?  115 VAL A N     1 
ATOM   263  C  CA    . VAL A 1 40  ? 5.028   5.459   -17.128 1.00 25.16  ?  115 VAL A CA    1 
ATOM   264  C  C     . VAL A 1 40  ? 6.357   6.156   -17.402 1.00 26.15  ?  115 VAL A C     1 
ATOM   265  O  O     . VAL A 1 40  ? 7.428   5.513   -17.273 1.00 25.05  ?  115 VAL A O     1 
ATOM   266  C  CB    . VAL A 1 40  ? 4.968   4.795   -15.746 1.00 24.16  ?  115 VAL A CB    1 
ATOM   267  C  CG1   . VAL A 1 40  ? 4.780   5.860   -14.679 1.00 24.77  ?  115 VAL A CG1   1 
ATOM   268  C  CG2   . VAL A 1 40  ? 3.870   3.748   -15.669 1.00 23.98  ?  115 VAL A CG2   1 
ATOM   269  N  N     . LEU A 1 41  ? 6.273   7.423   -17.803 1.00 29.35  ?  116 LEU A N     1 
ATOM   270  C  CA    . LEU A 1 41  ? 7.459   8.234   -18.131 1.00 31.08  ?  116 LEU A CA    1 
ATOM   271  C  C     . LEU A 1 41  ? 8.193   8.542   -16.831 1.00 34.06  ?  116 LEU A C     1 
ATOM   272  O  O     . LEU A 1 41  ? 7.615   8.464   -15.736 1.00 31.20  ?  116 LEU A O     1 
ATOM   273  C  CB    . LEU A 1 41  ? 7.014   9.488   -18.892 1.00 33.93  ?  116 LEU A CB    1 
ATOM   274  C  CG    . LEU A 1 41  ? 6.654   9.256   -20.369 1.00 34.04  ?  116 LEU A CG    1 
ATOM   275  C  CD1   . LEU A 1 41  ? 5.837   10.421  -20.900 1.00 33.92  ?  116 LEU A CD1   1 
ATOM   276  N  N     . PRO A 1 42  ? 9.500   8.869   -16.917 1.00 33.56  ?  117 PRO A N     1 
ATOM   277  C  CA    . PRO A 1 42  ? 10.282  9.206   -15.727 1.00 31.74  ?  117 PRO A CA    1 
ATOM   278  C  C     . PRO A 1 42  ? 9.634   10.373  -14.967 1.00 29.52  ?  117 PRO A C     1 
ATOM   279  O  O     . PRO A 1 42  ? 9.039   11.252  -15.582 1.00 28.57  ?  117 PRO A O     1 
ATOM   280  C  CB    . PRO A 1 42  ? 11.679  9.575   -16.268 1.00 33.42  ?  117 PRO A CB    1 
ATOM   281  C  CG    . PRO A 1 42  ? 11.713  9.000   -17.674 1.00 33.31  ?  117 PRO A CG    1 
ATOM   282  C  CD    . PRO A 1 42  ? 10.276  9.010   -18.163 1.00 34.60  ?  117 PRO A CD    1 
ATOM   283  N  N     . MET A 1 43  ? 9.686   10.309  -13.635 1.00 29.68  ?  118 MET A N     1 
ATOM   284  C  CA    . MET A 1 43  ? 9.059   11.289  -12.716 1.00 31.71  ?  118 MET A CA    1 
ATOM   285  C  C     . MET A 1 43  ? 7.579   11.489  -13.056 1.00 29.16  ?  118 MET A C     1 
ATOM   286  O  O     . MET A 1 43  ? 7.071   12.579  -12.766 1.00 29.92  ?  118 MET A O     1 
ATOM   287  C  CB    . MET A 1 43  ? 9.776   12.647  -12.793 1.00 33.41  ?  118 MET A CB    1 
ATOM   288  C  CG    . MET A 1 43  ? 11.271  12.559  -12.544 1.00 38.30  ?  118 MET A CG    1 
ATOM   289  S  SD    . MET A 1 43  ? 11.720  11.649  -11.018 1.00 47.56  ?  118 MET A SD    1 
ATOM   290  C  CE    . MET A 1 43  ? 10.527  12.333  -9.851  1.00 40.02  ?  118 MET A CE    1 
ATOM   291  N  N     . GLU A 1 44  ? 6.901   10.511  -13.658 1.00 29.18  ?  119 GLU A N     1 
ATOM   292  C  CA    . GLU A 1 44  ? 5.423   10.586  -13.789 1.00 34.08  ?  119 GLU A CA    1 
ATOM   293  C  C     . GLU A 1 44  ? 4.738   9.412   -13.066 1.00 29.97  ?  119 GLU A C     1 
ATOM   294  O  O     . GLU A 1 44  ? 5.395   8.520   -12.519 1.00 24.06  ?  119 GLU A O     1 
ATOM   295  C  CB    . GLU A 1 44  ? 4.981   10.742  -15.249 1.00 37.34  ?  119 GLU A CB    1 
ATOM   296  C  CG    . GLU A 1 44  ? 4.452   12.149  -15.529 1.00 48.45  ?  119 GLU A CG    1 
ATOM   297  C  CD    . GLU A 1 44  ? 3.368   12.704  -14.581 1.00 54.22  ?  119 GLU A CD    1 
ATOM   298  O  OE1   . GLU A 1 44  ? 2.223   12.149  -14.534 1.00 47.77  ?  119 GLU A OE1   1 
ATOM   299  O  OE2   . GLU A 1 44  ? 3.647   13.735  -13.901 1.00 59.14  -1 119 GLU A OE2   1 
ATOM   300  N  N     . LYS A 1 45  ? 3.421   9.431   -13.112 1.00 29.46  ?  120 LYS A N     1 
ATOM   301  C  CA    . LYS A 1 45  ? 2.547   8.506   -12.373 1.00 32.61  ?  120 LYS A CA    1 
ATOM   302  C  C     . LYS A 1 45  ? 1.582   7.923   -13.391 1.00 30.83  ?  120 LYS A C     1 
ATOM   303  O  O     . LYS A 1 45  ? 1.355   8.592   -14.412 1.00 30.25  ?  120 LYS A O     1 
ATOM   304  C  CB    . LYS A 1 45  ? 1.841   9.273   -11.248 1.00 31.54  ?  120 LYS A CB    1 
ATOM   305  C  CG    . LYS A 1 45  ? 0.809   10.279  -11.728 1.00 32.81  ?  120 LYS A CG    1 
ATOM   306  C  CD    . LYS A 1 45  ? 0.249   11.195  -10.655 1.00 34.90  ?  120 LYS A CD    1 
ATOM   307  C  CE    . LYS A 1 45  ? -0.132  12.554  -11.205 1.00 33.16  ?  120 LYS A CE    1 
ATOM   308  N  NZ    . LYS A 1 45  ? -1.043  12.407  -12.367 1.00 36.06  ?  120 LYS A NZ    1 
ATOM   309  N  N     . ALA A 1 46  ? 1.069   6.726   -13.119 1.00 27.30  ?  121 ALA A N     1 
ATOM   310  C  CA    . ALA A 1 46  ? -0.056  6.127   -13.849 1.00 27.21  ?  121 ALA A CA    1 
ATOM   311  C  C     . ALA A 1 46  ? -1.061  5.577   -12.829 1.00 27.16  ?  121 ALA A C     1 
ATOM   312  O  O     . ALA A 1 46  ? -0.639  5.028   -11.783 1.00 24.75  ?  121 ALA A O     1 
ATOM   313  C  CB    . ALA A 1 46  ? 0.441   5.049   -14.782 1.00 29.27  ?  121 ALA A CB    1 
ATOM   314  N  N     . ILE A 1 47  ? -2.350  5.647   -13.132 1.00 26.56  ?  122 ILE A N     1 
ATOM   315  C  CA    . ILE A 1 47  ? -3.317  4.824   -12.345 1.00 27.80  ?  122 ILE A CA    1 
ATOM   316  C  C     . ILE A 1 47  ? -3.612  3.542   -13.143 1.00 24.04  ?  122 ILE A C     1 
ATOM   317  O  O     . ILE A 1 47  ? -4.220  3.569   -14.209 1.00 23.18  ?  122 ILE A O     1 
ATOM   318  C  CB    . ILE A 1 47  ? -4.501  5.625   -11.740 1.00 29.01  ?  122 ILE A CB    1 
ATOM   319  C  CG1   . ILE A 1 47  ? -5.827  4.864   -11.777 1.00 29.66  ?  122 ILE A CG1   1 
ATOM   320  C  CG2   . ILE A 1 47  ? -4.577  7.055   -12.245 1.00 30.34  ?  122 ILE A CG2   1 
ATOM   321  N  N     . VAL A 1 48  ? -3.081  2.443   -12.622 1.00 22.72  ?  123 VAL A N     1 
ATOM   322  C  CA    . VAL A 1 48  ? -3.159  1.078   -13.197 1.00 23.12  ?  123 VAL A CA    1 
ATOM   323  C  C     . VAL A 1 48  ? -4.465  0.447   -12.722 1.00 22.58  ?  123 VAL A C     1 
ATOM   324  O  O     . VAL A 1 48  ? -4.640  0.259   -11.507 1.00 22.73  ?  123 VAL A O     1 
ATOM   325  C  CB    . VAL A 1 48  ? -1.906  0.284   -12.784 1.00 22.51  ?  123 VAL A CB    1 
ATOM   326  C  CG1   . VAL A 1 48  ? -1.934  -1.146  -13.252 1.00 23.10  ?  123 VAL A CG1   1 
ATOM   327  C  CG2   . VAL A 1 48  ? -0.646  0.977   -13.252 1.00 24.91  ?  123 VAL A CG2   1 
ATOM   328  N  N     . LYS A 1 49  ? -5.376  0.173   -13.651 1.00 23.07  ?  124 LYS A N     1 
ATOM   329  C  CA    . LYS A 1 49  ? -6.632  -0.572  -13.370 1.00 22.22  ?  124 LYS A CA    1 
ATOM   330  C  C     . LYS A 1 49  ? -6.335  -2.065  -13.254 1.00 21.38  ?  124 LYS A C     1 
ATOM   331  O  O     . LYS A 1 49  ? -5.660  -2.600  -14.136 1.00 20.66  ?  124 LYS A O     1 
ATOM   332  C  CB    . LYS A 1 49  ? -7.670  -0.320  -14.457 1.00 23.54  ?  124 LYS A CB    1 
ATOM   333  C  CG    . LYS A 1 49  ? -8.143  1.118   -14.556 1.00 27.50  ?  124 LYS A CG    1 
ATOM   334  C  CD    . LYS A 1 49  ? -9.169  1.290   -15.653 1.00 32.40  ?  124 LYS A CD    1 
ATOM   335  C  CE    . LYS A 1 49  ? -10.122 2.449   -15.455 1.00 38.43  ?  124 LYS A CE    1 
ATOM   336  N  NZ    . LYS A 1 49  ? -11.397 2.186   -16.177 1.00 47.02  ?  124 LYS A NZ    1 
ATOM   337  N  N     . THR A 1 50  ? -6.830  -2.693  -12.186 1.00 18.92  ?  125 THR A N     1 
ATOM   338  C  CA    . THR A 1 50  ? -6.876  -4.154  -11.966 1.00 17.78  ?  125 THR A CA    1 
ATOM   339  C  C     . THR A 1 50  ? -8.132  -4.743  -12.612 1.00 18.01  ?  125 THR A C     1 
ATOM   340  O  O     . THR A 1 50  ? -8.159  -5.968  -12.847 1.00 19.32  ?  125 THR A O     1 
ATOM   341  C  CB    . THR A 1 50  ? -6.882  -4.485  -10.471 1.00 17.82  ?  125 THR A CB    1 
ATOM   342  O  OG1   . THR A 1 50  ? -8.040  -3.872  -9.886  1.00 17.37  ?  125 THR A OG1   1 
ATOM   343  C  CG2   . THR A 1 50  ? -5.622  -4.003  -9.786  1.00 18.59  ?  125 THR A CG2   1 
ATOM   344  N  N     . ASP A 1 51  ? -9.152  -3.917  -12.841 1.00 18.61  ?  126 ASP A N     1 
ATOM   345  C  CA    . ASP A 1 51  ? -10.468 -4.380  -13.321 1.00 20.43  ?  126 ASP A CA    1 
ATOM   346  C  C     . ASP A 1 51  ? -10.973 -5.471  -12.367 1.00 20.63  ?  126 ASP A C     1 
ATOM   347  O  O     . ASP A 1 51  ? -11.680 -6.388  -12.828 1.00 20.13  ?  126 ASP A O     1 
ATOM   348  C  CB    . ASP A 1 51  ? -10.364 -4.821  -14.780 1.00 21.20  ?  126 ASP A CB    1 
ATOM   349  C  CG    . ASP A 1 51  ? -10.440 -3.694  -15.793 1.00 22.07  ?  126 ASP A CG    1 
ATOM   350  O  OD1   . ASP A 1 51  ? -10.419 -2.481  -15.400 1.00 21.55  ?  126 ASP A OD1   1 
ATOM   351  O  OD2   . ASP A 1 51  ? -10.578 -4.037  -16.999 1.00 26.36  -1 126 ASP A OD2   1 
ATOM   352  N  N     . ILE A 1 52  ? -10.653 -5.373  -11.068 1.00 19.54  ?  127 ILE A N     1 
ATOM   353  C  CA    . ILE A 1 52  ? -11.404 -6.114  -10.027 1.00 19.29  ?  127 ILE A CA    1 
ATOM   354  C  C     . ILE A 1 52  ? -12.048 -5.095  -9.073  1.00 19.78  ?  127 ILE A C     1 
ATOM   355  O  O     . ILE A 1 52  ? -11.486 -3.979  -8.877  1.00 19.42  ?  127 ILE A O     1 
ATOM   356  C  CB    . ILE A 1 52  ? -10.540 -7.154  -9.286  1.00 19.63  ?  127 ILE A CB    1 
ATOM   357  C  CG1   . ILE A 1 52  ? -9.522  -6.480  -8.370  1.00 18.61  ?  127 ILE A CG1   1 
ATOM   358  C  CG2   . ILE A 1 52  ? -9.858  -8.112  -10.273 1.00 21.10  ?  127 ILE A CG2   1 
ATOM   359  C  CD1   . ILE A 1 52  ? -8.736  -7.421  -7.496  1.00 20.37  ?  127 ILE A CD1   1 
ATOM   360  N  N     . GLN A 1 53  ? -13.193 -5.488  -8.509  1.00 18.37  ?  128 GLN A N     1 
ATOM   361  C  CA    . GLN A 1 53  ? -13.804 -4.855  -7.308  1.00 19.82  ?  128 GLN A CA    1 
ATOM   362  C  C     . GLN A 1 53  ? -13.667 -5.878  -6.188  1.00 18.43  ?  128 GLN A C     1 
ATOM   363  O  O     . GLN A 1 53  ? -13.765 -7.072  -6.481  1.00 17.92  ?  128 GLN A O     1 
ATOM   364  C  CB    . GLN A 1 53  ? -15.258 -4.467  -7.566  1.00 22.32  ?  128 GLN A CB    1 
ATOM   365  C  CG    . GLN A 1 53  ? -16.130 -5.657  -7.936  1.00 25.01  ?  128 GLN A CG    1 
ATOM   366  C  CD    . GLN A 1 53  ? -17.585 -5.323  -8.178  1.00 30.47  ?  128 GLN A CD    1 
ATOM   367  O  OE1   . GLN A 1 53  ? -18.347 -6.206  -8.565  1.00 33.72  ?  128 GLN A OE1   1 
ATOM   368  N  NE2   . GLN A 1 53  ? -17.987 -4.080  -7.910  1.00 24.66  ?  128 GLN A NE2   1 
ATOM   369  N  N     . ILE A 1 54  ? -13.372 -5.438  -4.969  1.00 18.03  ?  129 ILE A N     1 
ATOM   370  C  CA    . ILE A 1 54  ? -13.180 -6.353  -3.821  1.00 17.62  ?  129 ILE A CA    1 
ATOM   371  C  C     . ILE A 1 54  ? -14.182 -6.019  -2.714  1.00 18.65  ?  129 ILE A C     1 
ATOM   372  O  O     . ILE A 1 54  ? -14.599 -4.875  -2.593  1.00 18.14  ?  129 ILE A O     1 
ATOM   373  C  CB    . ILE A 1 54  ? -11.727 -6.309  -3.331  1.00 17.86  ?  129 ILE A CB    1 
ATOM   374  C  CG1   . ILE A 1 54  ? -11.365 -4.946  -2.723  1.00 17.90  ?  129 ILE A CG1   1 
ATOM   375  C  CG2   . ILE A 1 54  ? -10.775 -6.722  -4.460  1.00 17.67  ?  129 ILE A CG2   1 
ATOM   376  C  CD1   . ILE A 1 54  ? -9.983  -4.918  -2.070  1.00 18.41  ?  129 ILE A CD1   1 
ATOM   377  N  N     . ALA A 1 55  ? -14.505 -7.012  -1.901  1.00 19.53  ?  130 ALA A N     1 
ATOM   378  C  CA    . ALA A 1 55  ? -15.198 -6.814  -0.611  1.00 19.58  ?  130 ALA A CA    1 
ATOM   379  C  C     . ALA A 1 55  ? -14.272 -7.351  0.469   1.00 18.97  ?  130 ALA A C     1 
ATOM   380  O  O     . ALA A 1 55  ? -14.179 -8.548  0.601   1.00 20.70  ?  130 ALA A O     1 
ATOM   381  C  CB    . ALA A 1 55  ? -16.544 -7.496  -0.586  1.00 19.60  ?  130 ALA A CB    1 
ATOM   382  N  N     . LEU A 1 56  ? -13.581 -6.460  1.166   1.00 18.61  ?  131 LEU A N     1 
ATOM   383  C  CA    . LEU A 1 56  ? -12.602 -6.805  2.216   1.00 19.55  ?  131 LEU A CA    1 
ATOM   384  C  C     . LEU A 1 56  ? -13.343 -7.363  3.416   1.00 20.71  ?  131 LEU A C     1 
ATOM   385  O  O     . LEU A 1 56  ? -14.461 -6.960  3.714   1.00 20.71  ?  131 LEU A O     1 
ATOM   386  C  CB    . LEU A 1 56  ? -11.810 -5.555  2.601   1.00 20.70  ?  131 LEU A CB    1 
ATOM   387  C  CG    . LEU A 1 56  ? -10.801 -5.084  1.547   1.00 21.69  ?  131 LEU A CG    1 
ATOM   388  C  CD1   . LEU A 1 56  ? -10.648 -3.568  1.586   1.00 20.70  ?  131 LEU A CD1   1 
ATOM   389  C  CD2   . LEU A 1 56  ? -9.455  -5.779  1.762   1.00 22.20  ?  131 LEU A CD2   1 
ATOM   390  N  N     . PRO A 1 57  ? -12.721 -8.301  4.142   1.00 22.02  ?  132 PRO A N     1 
ATOM   391  C  CA    . PRO A 1 57  ? -13.345 -8.846  5.334   1.00 23.99  ?  132 PRO A CA    1 
ATOM   392  C  C     . PRO A 1 57  ? -13.486 -7.769  6.402   1.00 24.73  ?  132 PRO A C     1 
ATOM   393  O  O     . PRO A 1 57  ? -12.731 -6.790  6.380   1.00 23.35  ?  132 PRO A O     1 
ATOM   394  C  CB    . PRO A 1 57  ? -12.387 -9.953  5.796   1.00 24.34  ?  132 PRO A CB    1 
ATOM   395  C  CG    . PRO A 1 57  ? -11.085 -9.702  5.075   1.00 22.15  ?  132 PRO A CG    1 
ATOM   396  C  CD    . PRO A 1 57  ? -11.432 -8.931  3.824   1.00 22.18  ?  132 PRO A CD    1 
ATOM   397  N  N     . SER A 1 58  ? -14.360 -8.033  7.371   1.00 25.91  ?  133 SER A N     1 
ATOM   398  C  CA    . SER A 1 58  ? -14.625 -7.127  8.514   1.00 26.95  ?  133 SER A CA    1 
ATOM   399  C  C     . SER A 1 58  ? -13.356 -6.958  9.358   1.00 24.17  ?  133 SER A C     1 
ATOM   400  O  O     . SER A 1 58  ? -12.692 -7.946  9.594   1.00 25.44  ?  133 SER A O     1 
ATOM   401  C  CB    . SER A 1 58  ? -15.759 -7.628  9.340   1.00 27.94  ?  133 SER A CB    1 
ATOM   402  O  OG    . SER A 1 58  ? -16.319 -6.526  10.024  1.00 35.50  ?  133 SER A OG    1 
ATOM   403  N  N     . GLY A 1 59  ? -13.000 -5.735  9.738   1.00 23.55  ?  134 GLY A N     1 
ATOM   404  C  CA    . GLY A 1 59  ? -11.876 -5.490  10.666  1.00 22.87  ?  134 GLY A CA    1 
ATOM   405  C  C     . GLY A 1 59  ? -10.532 -5.192  9.986   1.00 22.27  ?  134 GLY A C     1 
ATOM   406  O  O     . GLY A 1 59  ? -9.508  -5.063  10.703  1.00 21.08  ?  134 GLY A O     1 
ATOM   407  N  N     . CYS A 1 60  ? -10.508 -5.058  8.668   1.00 20.11  ?  135 CYS A N     1 
ATOM   408  C  CA    . CYS A 1 60  ? -9.312  -4.619  7.929   1.00 20.22  ?  135 CYS A CA    1 
ATOM   409  C  C     . CYS A 1 60  ? -9.669  -3.590  6.852   1.00 19.30  ?  135 CYS A C     1 
ATOM   410  O  O     . CYS A 1 60  ? -10.882 -3.370  6.517   1.00 21.86  ?  135 CYS A O     1 
ATOM   411  C  CB    . CYS A 1 60  ? -8.611  -5.835  7.335   1.00 21.95  ?  135 CYS A CB    1 
ATOM   412  S  SG    . CYS A 1 60  ? -9.437  -6.438  5.845   1.00 21.98  ?  135 CYS A SG    1 
ATOM   413  N  N     . TYR A 1 61  ? -8.653  -2.952  6.295   1.00 18.10  ?  136 TYR A N     1 
ATOM   414  C  CA    . TYR A 1 61  ? -8.776  -2.310  4.967   1.00 16.87  ?  136 TYR A CA    1 
ATOM   415  C  C     . TYR A 1 61  ? -7.752  -2.985  4.063   1.00 17.59  ?  136 TYR A C     1 
ATOM   416  O  O     . TYR A 1 61  ? -6.914  -3.776  4.572   1.00 16.42  ?  136 TYR A O     1 
ATOM   417  C  CB    . TYR A 1 61  ? -8.580  -0.798  5.075   1.00 17.22  ?  136 TYR A CB    1 
ATOM   418  C  CG    . TYR A 1 61  ? -7.144  -0.389  5.304   1.00 15.78  ?  136 TYR A CG    1 
ATOM   419  C  CD1   . TYR A 1 61  ? -6.573  -0.404  6.566   1.00 15.49  ?  136 TYR A CD1   1 
ATOM   420  C  CD2   . TYR A 1 61  ? -6.364  0.041   4.244   1.00 16.58  ?  136 TYR A CD2   1 
ATOM   421  C  CE1   . TYR A 1 61  ? -5.237  -0.079  6.771   1.00 13.93  ?  136 TYR A CE1   1 
ATOM   422  C  CE2   . TYR A 1 61  ? -5.032  0.364   4.424   1.00 15.82  ?  136 TYR A CE2   1 
ATOM   423  C  CZ    . TYR A 1 61  ? -4.466  0.329   5.689   1.00 15.30  ?  136 TYR A CZ    1 
ATOM   424  O  OH    . TYR A 1 61  ? -3.150  0.680   5.799   1.00 15.32  ?  136 TYR A OH    1 
ATOM   425  N  N     . GLY A 1 62  ? -7.808  -2.663  2.770   1.00 16.74  ?  137 GLY A N     1 
ATOM   426  C  CA    . GLY A 1 62  ? -6.892  -3.201  1.760   1.00 16.78  ?  137 GLY A CA    1 
ATOM   427  C  C     . GLY A 1 62  ? -5.826  -2.166  1.480   1.00 15.75  ?  137 GLY A C     1 
ATOM   428  O  O     . GLY A 1 62  ? -6.158  -1.116  0.931   1.00 15.52  ?  137 GLY A O     1 
ATOM   429  N  N     . ARG A 1 63  ? -4.604  -2.437  1.904   1.00 14.61  ?  138 ARG A N     1 
ATOM   430  C  CA    . ARG A 1 63  ? -3.488  -1.530  1.580   1.00 14.04  ?  138 ARG A CA    1 
ATOM   431  C  C     . ARG A 1 63  ? -2.775  -2.016  0.310   1.00 14.12  ?  138 ARG A C     1 
ATOM   432  O  O     . ARG A 1 63  ? -2.289  -3.139  0.304   1.00 13.53  ?  138 ARG A O     1 
ATOM   433  C  CB    . ARG A 1 63  ? -2.446  -1.425  2.694   1.00 13.25  ?  138 ARG A CB    1 
ATOM   434  C  CG    . ARG A 1 63  ? -1.340  -0.431  2.378   1.00 13.47  ?  138 ARG A CG    1 
ATOM   435  C  CD    . ARG A 1 63  ? -0.461  -0.053  3.548   1.00 13.13  ?  138 ARG A CD    1 
ATOM   436  N  NE    . ARG A 1 63  ? 0.590   -0.997  3.820   1.00 13.26  ?  138 ARG A NE    1 
ATOM   437  C  CZ    . ARG A 1 63  ? 1.806   -0.982  3.302   1.00 13.95  ?  138 ARG A CZ    1 
ATOM   438  N  NH1   . ARG A 1 63  ? 2.665   -1.915  3.660   1.00 14.32  ?  138 ARG A NH1   1 
ATOM   439  N  NH2   . ARG A 1 63  ? 2.173   -0.054  2.438   1.00 13.10  ?  138 ARG A NH2   1 
ATOM   440  N  N     . VAL A 1 64  ? -2.764  -1.175  -0.713  1.00 13.11  ?  139 VAL A N     1 
ATOM   441  C  CA    . VAL A 1 64  ? -1.966  -1.384  -1.958  1.00 14.39  ?  139 VAL A CA    1 
ATOM   442  C  C     . VAL A 1 64  ? -0.543  -0.975  -1.643  1.00 14.61  ?  139 VAL A C     1 
ATOM   443  O  O     . VAL A 1 64  ? -0.325  0.196   -1.291  1.00 17.76  ?  139 VAL A O     1 
ATOM   444  C  CB    . VAL A 1 64  ? -2.496  -0.598  -3.162  1.00 14.95  ?  139 VAL A CB    1 
ATOM   445  C  CG1   . VAL A 1 64  ? -1.843  -1.076  -4.453  1.00 14.20  ?  139 VAL A CG1   1 
ATOM   446  C  CG2   . VAL A 1 64  ? -4.005  -0.694  -3.228  1.00 15.67  ?  139 VAL A CG2   1 
ATOM   447  N  N     . ALA A 1 65  ? 0.360   -1.941  -1.667  1.00 14.37  ?  140 ALA A N     1 
ATOM   448  C  CA    . ALA A 1 65  ? 1.750   -1.760  -1.244  1.00 14.30  ?  140 ALA A CA    1 
ATOM   449  C  C     . ALA A 1 65  ? 2.681   -2.087  -2.403  1.00 15.06  ?  140 ALA A C     1 
ATOM   450  O  O     . ALA A 1 65  ? 2.383   -2.939  -3.236  1.00 14.17  ?  140 ALA A O     1 
ATOM   451  C  CB    . ALA A 1 65  ? 2.055   -2.631  -0.058  1.00 14.36  ?  140 ALA A CB    1 
ATOM   452  N  N     . PRO A 1 66  ? 3.862   -1.442  -2.422  1.00 14.75  ?  141 PRO A N     1 
ATOM   453  C  CA    . PRO A 1 66  ? 4.865   -1.686  -3.450  1.00 14.64  ?  141 PRO A CA    1 
ATOM   454  C  C     . PRO A 1 66  ? 5.549   -3.042  -3.289  1.00 15.17  ?  141 PRO A C     1 
ATOM   455  O  O     . PRO A 1 66  ? 5.755   -3.485  -2.143  1.00 17.49  ?  141 PRO A O     1 
ATOM   456  C  CB    . PRO A 1 66  ? 5.836   -0.527  -3.256  1.00 15.61  ?  141 PRO A CB    1 
ATOM   457  C  CG    . PRO A 1 66  ? 5.735   -0.193  -1.789  1.00 15.18  ?  141 PRO A CG    1 
ATOM   458  C  CD    . PRO A 1 66  ? 4.273   -0.407  -1.455  1.00 15.80  ?  141 PRO A CD    1 
ATOM   459  N  N     . ARG A 1 67  ? 5.874   -3.670  -4.410  1.00 13.84  ?  142 ARG A N     1 
ATOM   460  C  CA    . ARG A 1 67  ? 6.779   -4.851  -4.429  1.00 16.39  ?  142 ARG A CA    1 
ATOM   461  C  C     . ARG A 1 67  ? 8.229   -4.354  -4.355  1.00 15.79  ?  142 ARG A C     1 
ATOM   462  O  O     . ARG A 1 67  ? 8.498   -3.245  -4.782  1.00 18.13  ?  142 ARG A O     1 
ATOM   463  C  CB    . ARG A 1 67  ? 6.550   -5.698  -5.683  1.00 16.31  ?  142 ARG A CB    1 
ATOM   464  C  CG    . ARG A 1 67  ? 5.146   -6.257  -5.788  1.00 17.99  ?  142 ARG A CG    1 
ATOM   465  C  CD    . ARG A 1 67  ? 5.000   -7.134  -7.002  1.00 17.87  ?  142 ARG A CD    1 
ATOM   466  N  NE    . ARG A 1 67  ? 5.871   -8.282  -6.862  1.00 17.19  ?  142 ARG A NE    1 
ATOM   467  C  CZ    . ARG A 1 67  ? 6.311   -9.030  -7.880  1.00 18.39  ?  142 ARG A CZ    1 
ATOM   468  N  NH1   . ARG A 1 67  ? 7.095   -10.053 -7.640  1.00 19.06  ?  142 ARG A NH1   1 
ATOM   469  N  NH2   . ARG A 1 67  ? 5.975   -8.766  -9.126  1.00 18.08  ?  142 ARG A NH2   1 
ATOM   470  N  N     . SER A 1 68  ? 9.107   -5.132  -3.767  1.00 16.22  ?  143 SER A N     1 
ATOM   471  C  CA    . SER A 1 68  ? 10.506  -4.722  -3.492  1.00 18.18  ?  143 SER A CA    1 
ATOM   472  C  C     . SER A 1 68  ? 11.354  -4.812  -4.769  1.00 19.69  ?  143 SER A C     1 
ATOM   473  O  O     . SER A 1 68  ? 12.388  -4.072  -4.886  1.00 21.30  ?  143 SER A O     1 
ATOM   474  C  CB    . SER A 1 68  ? 11.096  -5.531  -2.367  1.00 18.43  ?  143 SER A CB    1 
ATOM   475  O  OG    . SER A 1 68  ? 11.013  -6.929  -2.625  1.00 18.70  ?  143 SER A OG    1 
ATOM   476  N  N     . GLY A 1 69  ? 10.983  -5.713  -5.671  1.00 18.60  ?  144 GLY A N     1 
ATOM   477  C  CA    . GLY A 1 69  ? 11.738  -5.931  -6.918  1.00 19.70  ?  144 GLY A CA    1 
ATOM   478  C  C     . GLY A 1 69  ? 11.676  -4.713  -7.779  1.00 19.83  ?  144 GLY A C     1 
ATOM   479  O  O     . GLY A 1 69  ? 12.737  -4.228  -8.175  1.00 21.84  ?  144 GLY A O     1 
ATOM   480  N  N     . LEU A 1 70  ? 10.457  -4.220  -8.029  1.00 20.07  ?  145 LEU A N     1 
ATOM   481  C  CA    . LEU A 1 70  ? 10.212  -3.032  -8.868  1.00 19.66  ?  145 LEU A CA    1 
ATOM   482  C  C     . LEU A 1 70  ? 10.823  -1.808  -8.189  1.00 21.66  ?  145 LEU A C     1 
ATOM   483  O  O     . LEU A 1 70  ? 11.281  -0.883  -8.938  1.00 19.83  ?  145 LEU A O     1 
ATOM   484  C  CB    . LEU A 1 70  ? 8.709   -2.849  -9.112  1.00 19.85  ?  145 LEU A CB    1 
ATOM   485  C  CG    . LEU A 1 70  ? 8.024   -3.981  -9.883  1.00 19.83  ?  145 LEU A CG    1 
ATOM   486  C  CD1   . LEU A 1 70  ? 6.572   -3.633  -10.194 1.00 20.42  ?  145 LEU A CD1   1 
ATOM   487  C  CD2   . LEU A 1 70  ? 8.756   -4.314  -11.167 1.00 20.44  ?  145 LEU A CD2   1 
ATOM   488  N  N     . ALA A 1 71  ? 10.795  -1.773  -6.851  1.00 21.62  ?  146 ALA A N     1 
ATOM   489  C  CA    . ALA A 1 71  ? 11.331  -0.653  -6.046  1.00 22.27  ?  146 ALA A CA    1 
ATOM   490  C  C     . ALA A 1 71  ? 12.845  -0.623  -6.205  1.00 24.75  ?  146 ALA A C     1 
ATOM   491  O  O     . ALA A 1 71  ? 13.339  0.446   -6.608  1.00 25.89  ?  146 ALA A O     1 
ATOM   492  C  CB    . ALA A 1 71  ? 10.962  -0.772  -4.598  1.00 22.88  ?  146 ALA A CB    1 
ATOM   493  N  N     . ALA A 1 72  ? 13.535  -1.733  -5.904  1.00 24.65  ?  147 ALA A N     1 
ATOM   494  C  CA    . ALA A 1 72  ? 15.020  -1.786  -5.893  1.00 28.09  ?  147 ALA A CA    1 
ATOM   495  C  C     . ALA A 1 72  ? 15.577  -1.707  -7.325  1.00 32.81  ?  147 ALA A C     1 
ATOM   496  O  O     . ALA A 1 72  ? 16.551  -0.966  -7.503  1.00 34.07  ?  147 ALA A O     1 
ATOM   497  C  CB    . ALA A 1 72  ? 15.538  -3.009  -5.190  1.00 28.60  ?  147 ALA A CB    1 
ATOM   498  N  N     . LYS A 1 73  ? 14.972  -2.398  -8.297  1.00 29.46  ?  148 LYS A N     1 
ATOM   499  C  CA    . LYS A 1 73  ? 15.484  -2.522  -9.683  1.00 31.38  ?  148 LYS A CA    1 
ATOM   500  C  C     . LYS A 1 73  ? 15.087  -1.304  -10.527 1.00 32.77  ?  148 LYS A C     1 
ATOM   501  O  O     . LYS A 1 73  ? 15.921  -0.884  -11.374 1.00 36.86  ?  148 LYS A O     1 
ATOM   502  C  CB    . LYS A 1 73  ? 14.990  -3.819  -10.335 1.00 34.97  ?  148 LYS A CB    1 
ATOM   503  C  CG    . LYS A 1 73  ? 15.401  -5.099  -9.612  1.00 40.96  ?  148 LYS A CG    1 
ATOM   504  C  CD    . LYS A 1 73  ? 14.690  -6.370  -10.108 1.00 43.17  ?  148 LYS A CD    1 
ATOM   505  N  N     . HIS A 1 74  ? 13.873  -0.765  -10.369 1.00 28.88  ?  149 HIS A N     1 
ATOM   506  C  CA    . HIS A 1 74  ? 13.271  0.187   -11.344 1.00 27.56  ?  149 HIS A CA    1 
ATOM   507  C  C     . HIS A 1 74  ? 12.828  1.494   -10.678 1.00 24.77  ?  149 HIS A C     1 
ATOM   508  O  O     . HIS A 1 74  ? 12.319  2.354   -11.399 1.00 27.28  ?  149 HIS A O     1 
ATOM   509  C  CB    . HIS A 1 74  ? 12.140  -0.483  -12.128 1.00 28.95  ?  149 HIS A CB    1 
ATOM   510  C  CG    . HIS A 1 74  ? 12.584  -1.688  -12.882 1.00 32.60  ?  149 HIS A CG    1 
ATOM   511  N  ND1   . HIS A 1 74  ? 13.613  -1.637  -13.793 1.00 35.28  ?  149 HIS A ND1   1 
ATOM   512  C  CD2   . HIS A 1 74  ? 12.197  -2.986  -12.813 1.00 35.31  ?  149 HIS A CD2   1 
ATOM   513  C  CE1   . HIS A 1 74  ? 13.830  -2.843  -14.271 1.00 37.37  ?  149 HIS A CE1   1 
ATOM   514  N  NE2   . HIS A 1 74  ? 12.958  -3.695  -13.697 1.00 36.44  ?  149 HIS A NE2   1 
ATOM   515  N  N     . PHE A 1 75  ? 13.047  1.663   -9.374  1.00 23.09  ?  150 PHE A N     1 
ATOM   516  C  CA    . PHE A 1 75  ? 12.693  2.908   -8.635  1.00 23.01  ?  150 PHE A CA    1 
ATOM   517  C  C     . PHE A 1 75  ? 11.186  3.170   -8.773  1.00 21.10  ?  150 PHE A C     1 
ATOM   518  O  O     . PHE A 1 75  ? 10.727  4.335   -8.899  1.00 19.23  ?  150 PHE A O     1 
ATOM   519  C  CB    . PHE A 1 75  ? 13.538  4.068   -9.170  1.00 23.50  ?  150 PHE A CB    1 
ATOM   520  C  CG    . PHE A 1 75  ? 13.888  5.116   -8.153  1.00 28.31  ?  150 PHE A CG    1 
ATOM   521  C  CD1   . PHE A 1 75  ? 13.070  5.358   -7.059  1.00 26.84  ?  150 PHE A CD1   1 
ATOM   522  C  CD2   . PHE A 1 75  ? 15.040  5.874   -8.304  1.00 28.17  ?  150 PHE A CD2   1 
ATOM   523  C  CE1   . PHE A 1 75  ? 13.401  6.331   -6.131  1.00 29.48  ?  150 PHE A CE1   1 
ATOM   524  C  CE2   . PHE A 1 75  ? 15.352  6.859   -7.386  1.00 30.39  ?  150 PHE A CE2   1 
ATOM   525  C  CZ    . PHE A 1 75  ? 14.523  7.098   -6.309  1.00 29.49  ?  150 PHE A CZ    1 
ATOM   526  N  N     . ILE A 1 76  ? 10.397  2.099   -8.726  1.00 21.63  ?  151 ILE A N     1 
ATOM   527  C  CA    . ILE A 1 76  ? 8.907   2.177   -8.768  1.00 21.92  ?  151 ILE A CA    1 
ATOM   528  C  C     . ILE A 1 76  ? 8.346   2.241   -7.345  1.00 21.57  ?  151 ILE A C     1 
ATOM   529  O  O     . ILE A 1 76  ? 8.841   1.507   -6.470  1.00 22.60  ?  151 ILE A O     1 
ATOM   530  C  CB    . ILE A 1 76  ? 8.332   0.987   -9.541  1.00 22.74  ?  151 ILE A CB    1 
ATOM   531  C  CG1   . ILE A 1 76  ? 8.882   0.930   -10.968 1.00 26.38  ?  151 ILE A CG1   1 
ATOM   532  C  CG2   . ILE A 1 76  ? 6.822   1.033   -9.514  1.00 25.05  ?  151 ILE A CG2   1 
ATOM   533  C  CD1   . ILE A 1 76  ? 8.617   2.184   -11.762 1.00 29.37  ?  151 ILE A CD1   1 
ATOM   534  N  N     . ASP A 1 77  ? 7.304   3.043   -7.146  1.00 19.84  ?  152 ASP A N     1 
ATOM   535  C  CA    . ASP A 1 77  ? 6.657   3.209   -5.830  1.00 20.13  ?  152 ASP A CA    1 
ATOM   536  C  C     . ASP A 1 77  ? 5.144   3.226   -6.035  1.00 20.16  ?  152 ASP A C     1 
ATOM   537  O  O     . ASP A 1 77  ? 4.677   3.421   -7.197  1.00 18.75  ?  152 ASP A O     1 
ATOM   538  C  CB    . ASP A 1 77  ? 7.122   4.479   -5.116  1.00 22.48  ?  152 ASP A CB    1 
ATOM   539  C  CG    . ASP A 1 77  ? 6.926   4.419   -3.604  1.00 23.71  ?  152 ASP A CG    1 
ATOM   540  O  OD1   . ASP A 1 77  ? 6.707   3.296   -3.056  1.00 22.16  ?  152 ASP A OD1   1 
ATOM   541  O  OD2   . ASP A 1 77  ? 6.965   5.502   -2.994  1.00 28.43  -1 152 ASP A OD2   1 
ATOM   542  N  N     . VAL A 1 78  ? 4.409   2.976   -4.954  1.00 20.23  ?  153 VAL A N     1 
ATOM   543  C  CA    . VAL A 1 78  ? 2.918   2.972   -4.985  1.00 19.40  ?  153 VAL A CA    1 
ATOM   544  C  C     . VAL A 1 78  ? 2.459   4.156   -4.161  1.00 17.40  ?  153 VAL A C     1 
ATOM   545  O  O     . VAL A 1 78  ? 2.883   4.265   -3.066  1.00 18.51  ?  153 VAL A O     1 
ATOM   546  C  CB    . VAL A 1 78  ? 2.337   1.646   -4.485  1.00 19.28  ?  153 VAL A CB    1 
ATOM   547  C  CG1   . VAL A 1 78  ? 0.841   1.739   -4.289  1.00 20.70  ?  153 VAL A CG1   1 
ATOM   548  C  CG2   . VAL A 1 78  ? 2.681   0.511   -5.444  1.00 20.15  ?  153 VAL A CG2   1 
ATOM   549  N  N     . GLY A 1 79  ? 1.678   5.050   -4.722  1.00 16.75  ?  154 GLY A N     1 
ATOM   550  C  CA    . GLY A 1 79  ? 1.058   6.140   -3.955  1.00 16.56  ?  154 GLY A CA    1 
ATOM   551  C  C     . GLY A 1 79  ? -0.310  5.735   -3.456  1.00 16.49  ?  154 GLY A C     1 
ATOM   552  O  O     . GLY A 1 79  ? -0.754  4.616   -3.720  1.00 15.85  ?  154 GLY A O     1 
ATOM   553  N  N     . ALA A 1 80  ? -0.990  6.645   -2.780  1.00 17.62  ?  155 ALA A N     1 
ATOM   554  C  CA    . ALA A 1 80  ? -2.378  6.431   -2.312  1.00 16.92  ?  155 ALA A CA    1 
ATOM   555  C  C     . ALA A 1 80  ? -2.398  5.086   -1.565  1.00 16.83  ?  155 ALA A C     1 
ATOM   556  O  O     . ALA A 1 80  ? -1.613  4.958   -0.614  1.00 17.31  ?  155 ALA A O     1 
ATOM   557  C  CB    . ALA A 1 80  ? -3.286  6.494   -3.503  1.00 17.76  ?  155 ALA A CB    1 
ATOM   558  N  N     . GLY A 1 81  ? -3.181  4.097   -1.984  1.00 14.66  ?  156 GLY A N     1 
ATOM   559  C  CA    . GLY A 1 81  ? -3.031  2.752   -1.401  1.00 16.66  ?  156 GLY A CA    1 
ATOM   560  C  C     . GLY A 1 81  ? -4.111  2.342   -0.399  1.00 16.30  ?  156 GLY A C     1 
ATOM   561  O  O     . GLY A 1 81  ? -4.077  1.150   0.022   1.00 15.36  ?  156 GLY A O     1 
ATOM   562  N  N     . VAL A 1 82  ? -5.025  3.231   0.014   1.00 14.06  ?  157 VAL A N     1 
ATOM   563  C  CA    . VAL A 1 82  ? -5.998  2.879   1.082   1.00 15.58  ?  157 VAL A CA    1 
ATOM   564  C  C     . VAL A 1 82  ? -7.311  2.414   0.446   1.00 17.25  ?  157 VAL A C     1 
ATOM   565  O  O     . VAL A 1 82  ? -8.159  3.283   0.151   1.00 16.88  ?  157 VAL A O     1 
ATOM   566  C  CB    . VAL A 1 82  ? -6.206  4.041   2.063   1.00 16.71  ?  157 VAL A CB    1 
ATOM   567  C  CG1   . VAL A 1 82  ? -7.166  3.646   3.181   1.00 16.58  ?  157 VAL A CG1   1 
ATOM   568  C  CG2   . VAL A 1 82  ? -4.858  4.479   2.649   1.00 17.06  ?  157 VAL A CG2   1 
ATOM   569  N  N     . ILE A 1 83  ? -7.505  1.098   0.310   1.00 15.75  ?  158 ILE A N     1 
ATOM   570  C  CA    . ILE A 1 83  ? -8.783  0.569   -0.235  1.00 17.36  ?  158 ILE A CA    1 
ATOM   571  C  C     . ILE A 1 83  ? -9.712  0.320   0.962   1.00 17.61  ?  158 ILE A C     1 
ATOM   572  O  O     . ILE A 1 83  ? -9.411  -0.543  1.829   1.00 17.69  ?  158 ILE A O     1 
ATOM   573  C  CB    . ILE A 1 83  ? -8.603  -0.689  -1.094  1.00 18.31  ?  158 ILE A CB    1 
ATOM   574  C  CG1   . ILE A 1 83  ? -7.426  -0.585  -2.070  1.00 17.31  ?  158 ILE A CG1   1 
ATOM   575  C  CG2   . ILE A 1 83  ? -9.912  -1.017  -1.778  1.00 18.45  ?  158 ILE A CG2   1 
ATOM   576  C  CD1   . ILE A 1 83  ? -7.538  0.521   -3.075  1.00 18.24  ?  158 ILE A CD1   1 
ATOM   577  N  N     . ASP A 1 84  ? -10.808 1.057   1.007   1.00 16.32  ?  159 ASP A N     1 
ATOM   578  C  CA    . ASP A 1 84  ? -11.740 1.000   2.153   1.00 17.04  ?  159 ASP A CA    1 
ATOM   579  C  C     . ASP A 1 84  ? -12.620 -0.232  2.068   1.00 17.10  ?  159 ASP A C     1 
ATOM   580  O  O     . ASP A 1 84  ? -12.879 -0.720  0.971   1.00 17.99  ?  159 ASP A O     1 
ATOM   581  C  CB    . ASP A 1 84  ? -12.601 2.233   2.203   1.00 16.26  ?  159 ASP A CB    1 
ATOM   582  C  CG    . ASP A 1 84  ? -11.791 3.490   2.322   1.00 18.03  ?  159 ASP A CG    1 
ATOM   583  O  OD1   . ASP A 1 84  ? -11.071 3.618   3.360   1.00 16.97  ?  159 ASP A OD1   1 
ATOM   584  O  OD2   . ASP A 1 84  ? -11.935 4.353   1.400   1.00 20.33  -1 159 ASP A OD2   1 
ATOM   585  N  N     . GLU A 1 85  ? -13.045 -0.710  3.223   1.00 20.64  ?  160 GLU A N     1 
ATOM   586  C  CA    . GLU A 1 85  ? -13.916 -1.894  3.335   1.00 20.72  ?  160 GLU A CA    1 
ATOM   587  C  C     . GLU A 1 85  ? -15.214 -1.656  2.550   1.00 21.19  ?  160 GLU A C     1 
ATOM   588  O  O     . GLU A 1 85  ? -15.726 -2.608  2.011   1.00 22.03  ?  160 GLU A O     1 
ATOM   589  C  CB    . GLU A 1 85  ? -14.147 -2.166  4.820   1.00 23.91  ?  160 GLU A CB    1 
ATOM   590  C  CG    . GLU A 1 85  ? -14.972 -3.385  5.124   1.00 28.17  ?  160 GLU A CG    1 
ATOM   591  C  CD    . GLU A 1 85  ? -15.449 -3.377  6.566   1.00 33.67  ?  160 GLU A CD    1 
ATOM   592  O  OE1   . GLU A 1 85  ? -16.576 -3.030  6.759   1.00 34.39  ?  160 GLU A OE1   1 
ATOM   593  O  OE2   . GLU A 1 85  ? -14.630 -3.610  7.467   1.00 32.35  -1 160 GLU A OE2   1 
ATOM   594  N  N     . ASP A 1 86  ? -15.676 -0.405  2.458   1.00 19.38  ?  161 ASP A N     1 
ATOM   595  C  CA    . ASP A 1 86  ? -16.967 -0.130  1.775   1.00 19.99  ?  161 ASP A CA    1 
ATOM   596  C  C     . ASP A 1 86  ? -16.755 0.236   0.297   1.00 19.31  ?  161 ASP A C     1 
ATOM   597  O  O     . ASP A 1 86  ? -17.739 0.572   -0.361  1.00 18.73  ?  161 ASP A O     1 
ATOM   598  C  CB    . ASP A 1 86  ? -17.789 0.933   2.514   1.00 20.82  ?  161 ASP A CB    1 
ATOM   599  C  CG    . ASP A 1 86  ? -17.028 2.206   2.831   1.00 21.55  ?  161 ASP A CG    1 
ATOM   600  O  OD1   . ASP A 1 86  ? -15.841 2.273   2.488   1.00 20.49  ?  161 ASP A OD1   1 
ATOM   601  O  OD2   . ASP A 1 86  ? -17.617 3.095   3.498   1.00 22.50  -1 161 ASP A OD2   1 
ATOM   602  N  N     . TYR A 1 87  ? -15.544 0.154   -0.245  1.00 18.70  ?  162 TYR A N     1 
ATOM   603  C  CA    . TYR A 1 87  ? -15.302 0.488   -1.673  1.00 18.04  ?  162 TYR A CA    1 
ATOM   604  C  C     . TYR A 1 87  ? -15.691 -0.687  -2.571  1.00 18.25  ?  162 TYR A C     1 
ATOM   605  O  O     . TYR A 1 87  ? -15.287 -1.821  -2.297  1.00 15.63  ?  162 TYR A O     1 
ATOM   606  C  CB    . TYR A 1 87  ? -13.850 0.808   -1.936  1.00 17.13  ?  162 TYR A CB    1 
ATOM   607  C  CG    . TYR A 1 87  ? -13.535 1.194   -3.355  1.00 17.64  ?  162 TYR A CG    1 
ATOM   608  C  CD1   . TYR A 1 87  ? -14.043 2.349   -3.918  1.00 16.33  ?  162 TYR A CD1   1 
ATOM   609  C  CD2   . TYR A 1 87  ? -12.683 0.420   -4.125  1.00 17.23  ?  162 TYR A CD2   1 
ATOM   610  C  CE1   . TYR A 1 87  ? -13.685 2.748   -5.195  1.00 17.38  ?  162 TYR A CE1   1 
ATOM   611  C  CE2   . TYR A 1 87  ? -12.289 0.822   -5.387  1.00 16.04  ?  162 TYR A CE2   1 
ATOM   612  C  CZ    . TYR A 1 87  ? -12.802 1.980   -5.928  1.00 16.47  ?  162 TYR A CZ    1 
ATOM   613  O  OH    . TYR A 1 87  ? -12.408 2.372   -7.166  1.00 16.28  ?  162 TYR A OH    1 
ATOM   614  N  N     . ARG A 1 88  ? -16.476 -0.398  -3.607  1.00 18.57  ?  163 ARG A N     1 
ATOM   615  C  CA    . ARG A 1 88  ? -16.990 -1.433  -4.536  1.00 19.03  ?  163 ARG A CA    1 
ATOM   616  C  C     . ARG A 1 88  ? -16.598 -1.064  -5.963  1.00 19.28  ?  163 ARG A C     1 
ATOM   617  O  O     . ARG A 1 88  ? -17.069 -1.751  -6.897  1.00 19.62  ?  163 ARG A O     1 
ATOM   618  C  CB    . ARG A 1 88  ? -18.508 -1.613  -4.395  1.00 19.41  ?  163 ARG A CB    1 
ATOM   619  C  CG    . ARG A 1 88  ? -18.963 -2.283  -3.113  1.00 19.01  ?  163 ARG A CG    1 
ATOM   620  C  CD    . ARG A 1 88  ? -18.516 -3.719  -2.954  1.00 19.89  ?  163 ARG A CD    1 
ATOM   621  N  NE    . ARG A 1 88  ? -18.871 -4.205  -1.620  1.00 19.73  ?  163 ARG A NE    1 
ATOM   622  C  CZ    . ARG A 1 88  ? -18.149 -4.048  -0.517  1.00 19.95  ?  163 ARG A CZ    1 
ATOM   623  N  NH1   . ARG A 1 88  ? -18.627 -4.493  0.630   1.00 20.59  ?  163 ARG A NH1   1 
ATOM   624  N  NH2   . ARG A 1 88  ? -16.980 -3.426  -0.530  1.00 21.10  ?  163 ARG A NH2   1 
ATOM   625  N  N     . GLY A 1 89  ? -15.738 -0.061  -6.119  1.00 18.60  ?  164 GLY A N     1 
ATOM   626  C  CA    . GLY A 1 89  ? -15.181 0.370   -7.412  1.00 18.04  ?  164 GLY A CA    1 
ATOM   627  C  C     . GLY A 1 89  ? -14.010 -0.486  -7.899  1.00 19.16  ?  164 GLY A C     1 
ATOM   628  O  O     . GLY A 1 89  ? -13.620 -1.455  -7.238  1.00 16.50  ?  164 GLY A O     1 
ATOM   629  N  N     . ASN A 1 90  ? -13.482 -0.106  -9.059  1.00 19.59  ?  165 ASN A N     1 
ATOM   630  C  CA    . ASN A 1 90  ? -12.295 -0.721  -9.690  1.00 19.43  ?  165 ASN A CA    1 
ATOM   631  C  C     . ASN A 1 90  ? -11.113 -0.396  -8.768  1.00 18.48  ?  165 ASN A C     1 
ATOM   632  O  O     . ASN A 1 90  ? -10.880 0.785   -8.452  1.00 17.59  ?  165 ASN A O     1 
ATOM   633  C  CB    . ASN A 1 90  ? -12.172 -0.196  -11.122 1.00 19.95  ?  165 ASN A CB    1 
ATOM   634  C  CG    . ASN A 1 90  ? -11.179 -0.956  -11.987 1.00 22.01  ?  165 ASN A CG    1 
ATOM   635  O  OD1   . ASN A 1 90  ? -10.230 -1.567  -11.484 1.00 19.55  ?  165 ASN A OD1   1 
ATOM   636  N  ND2   . ASN A 1 90  ? -11.413 -0.941  -13.298 1.00 18.45  ?  165 ASN A ND2   1 
ATOM   637  N  N     . VAL A 1 91  ? -10.400 -1.406  -8.298  1.00 18.82  ?  166 VAL A N     1 
ATOM   638  C  CA    . VAL A 1 91  ? -9.173  -1.153  -7.511  1.00 18.30  ?  166 VAL A CA    1 
ATOM   639  C  C     . VAL A 1 91  ? -8.091  -0.614  -8.445  1.00 19.14  ?  166 VAL A C     1 
ATOM   640  O  O     . VAL A 1 91  ? -7.622  -1.370  -9.332  1.00 22.49  ?  166 VAL A O     1 
ATOM   641  C  CB    . VAL A 1 91  ? -8.725  -2.400  -6.737  1.00 18.47  ?  166 VAL A CB    1 
ATOM   642  C  CG1   . VAL A 1 91  ? -7.361  -2.190  -6.101  1.00 18.96  ?  166 VAL A CG1   1 
ATOM   643  C  CG2   . VAL A 1 91  ? -9.755  -2.745  -5.684  1.00 18.08  ?  166 VAL A CG2   1 
ATOM   644  N  N     . GLY A 1 92  ? -7.683  0.641   -8.230  1.00 18.47  ?  167 GLY A N     1 
ATOM   645  C  CA    . GLY A 1 92  ? -6.605  1.298   -8.984  1.00 20.18  ?  167 GLY A CA    1 
ATOM   646  C  C     . GLY A 1 92  ? -5.308  1.306   -8.195  1.00 20.45  ?  167 GLY A C     1 
ATOM   647  O  O     . GLY A 1 92  ? -5.363  1.553   -6.984  1.00 20.22  ?  167 GLY A O     1 
ATOM   648  N  N     . VAL A 1 93  ? -4.182  1.006   -8.849  1.00 19.34  ?  168 VAL A N     1 
ATOM   649  C  CA    . VAL A 1 93  ? -2.820  1.113   -8.270  1.00 17.75  ?  168 VAL A CA    1 
ATOM   650  C  C     . VAL A 1 93  ? -2.231  2.431   -8.780  1.00 20.74  ?  168 VAL A C     1 
ATOM   651  O  O     . VAL A 1 93  ? -2.124  2.601   -10.004 1.00 21.49  ?  168 VAL A O     1 
ATOM   652  C  CB    . VAL A 1 93  ? -1.955  -0.117  -8.623  1.00 17.97  ?  168 VAL A CB    1 
ATOM   653  C  CG1   . VAL A 1 93  ? -0.547  0.022   -8.069  1.00 18.17  ?  168 VAL A CG1   1 
ATOM   654  C  CG2   . VAL A 1 93  ? -2.587  -1.420  -8.158  1.00 16.32  ?  168 VAL A CG2   1 
ATOM   655  N  N     . VAL A 1 94  ? -1.890  3.364   -7.879  1.00 20.18  ?  169 VAL A N     1 
ATOM   656  C  CA    . VAL A 1 94  ? -1.224  4.645   -8.254  1.00 21.45  ?  169 VAL A CA    1 
ATOM   657  C  C     . VAL A 1 94  ? 0.294   4.362   -8.303  1.00 21.49  ?  169 VAL A C     1 
ATOM   658  O  O     . VAL A 1 94  ? 0.912   4.172   -7.209  1.00 22.04  ?  169 VAL A O     1 
ATOM   659  C  CB    . VAL A 1 94  ? -1.620  5.789   -7.296  1.00 19.35  ?  169 VAL A CB    1 
ATOM   660  C  CG1   . VAL A 1 94  ? -0.988  7.090   -7.688  1.00 21.73  ?  169 VAL A CG1   1 
ATOM   661  C  CG2   . VAL A 1 94  ? -3.147  5.954   -7.215  1.00 19.91  ?  169 VAL A CG2   1 
ATOM   662  N  N     . LEU A 1 95  ? 0.848   4.196   -9.508  1.00 19.85  ?  170 LEU A N     1 
ATOM   663  C  CA    . LEU A 1 95  ? 2.286   3.834   -9.684  1.00 21.39  ?  170 LEU A CA    1 
ATOM   664  C  C     . LEU A 1 95  ? 3.067   5.111   -9.881  1.00 21.97  ?  170 LEU A C     1 
ATOM   665  O  O     . LEU A 1 95  ? 2.611   5.952   -10.696 1.00 24.34  ?  170 LEU A O     1 
ATOM   666  C  CB    . LEU A 1 95  ? 2.513   2.969   -10.926 1.00 23.57  ?  170 LEU A CB    1 
ATOM   667  C  CG    . LEU A 1 95  ? 2.308   1.478   -10.807 1.00 24.60  ?  170 LEU A CG    1 
ATOM   668  C  CD1   . LEU A 1 95  ? 2.794   0.799   -12.082 1.00 26.81  ?  170 LEU A CD1   1 
ATOM   669  C  CD2   . LEU A 1 95  ? 3.008   0.885   -9.590  1.00 25.50  ?  170 LEU A CD2   1 
ATOM   670  N  N     . PHE A 1 96  ? 4.189   5.234   -9.195  1.00 22.19  ?  171 PHE A N     1 
ATOM   671  C  CA    . PHE A 1 96  ? 5.127   6.374   -9.326  1.00 20.80  ?  171 PHE A CA    1 
ATOM   672  C  C     . PHE A 1 96  ? 6.432   5.827   -9.924  1.00 22.50  ?  171 PHE A C     1 
ATOM   673  O  O     . PHE A 1 96  ? 6.998   4.843   -9.379  1.00 20.42  ?  171 PHE A O     1 
ATOM   674  C  CB    . PHE A 1 96  ? 5.392   7.021   -7.963  1.00 21.30  ?  171 PHE A CB    1 
ATOM   675  C  CG    . PHE A 1 96  ? 4.251   7.736   -7.267  1.00 18.90  ?  171 PHE A CG    1 
ATOM   676  C  CD1   . PHE A 1 96  ? 3.105   8.132   -7.934  1.00 19.41  ?  171 PHE A CD1   1 
ATOM   677  C  CD2   . PHE A 1 96  ? 4.348   8.048   -5.924  1.00 21.17  ?  171 PHE A CD2   1 
ATOM   678  C  CE1   . PHE A 1 96  ? 2.109   8.815   -7.281  1.00 18.24  ?  171 PHE A CE1   1 
ATOM   679  C  CE2   . PHE A 1 96  ? 3.332   8.717   -5.258  1.00 18.73  ?  171 PHE A CE2   1 
ATOM   680  C  CZ    . PHE A 1 96  ? 2.212   9.101   -5.938  1.00 19.31  ?  171 PHE A CZ    1 
ATOM   681  N  N     . ASN A 1 97  ? 6.882   6.410   -11.040 1.00 22.31  ?  172 ASN A N     1 
ATOM   682  C  CA    . ASN A 1 97  ? 8.185   6.069   -11.677 1.00 24.38  ?  172 ASN A CA    1 
ATOM   683  C  C     . ASN A 1 97  ? 9.173   7.161   -11.291 1.00 25.77  ?  172 ASN A C     1 
ATOM   684  O  O     . ASN A 1 97  ? 9.073   8.274   -11.866 1.00 27.70  ?  172 ASN A O     1 
ATOM   685  C  CB    . ASN A 1 97  ? 8.098   5.989   -13.203 1.00 24.45  ?  172 ASN A CB    1 
ATOM   686  C  CG    . ASN A 1 97  ? 9.409   5.604   -13.858 1.00 26.30  ?  172 ASN A CG    1 
ATOM   687  O  OD1   . ASN A 1 97  ? 10.352  5.183   -13.181 1.00 25.39  ?  172 ASN A OD1   1 
ATOM   688  N  ND2   . ASN A 1 97  ? 9.450   5.685   -15.184 1.00 24.09  ?  172 ASN A ND2   1 
ATOM   689  N  N     . PHE A 1 98  ? 10.048  6.897   -10.329 1.00 24.29  ?  173 PHE A N     1 
ATOM   690  C  CA    . PHE A 1 98  ? 11.073  7.887   -9.932  1.00 26.60  ?  173 PHE A CA    1 
ATOM   691  C  C     . PHE A 1 98  ? 12.375  7.612   -10.688 1.00 25.59  ?  173 PHE A C     1 
ATOM   692  O  O     . PHE A 1 98  ? 13.365  8.281   -10.404 1.00 27.38  ?  173 PHE A O     1 
ATOM   693  C  CB    . PHE A 1 98  ? 11.267  7.845   -8.421  1.00 26.19  ?  173 PHE A CB    1 
ATOM   694  C  CG    . PHE A 1 98  ? 10.075  8.296   -7.631  1.00 28.23  ?  173 PHE A CG    1 
ATOM   695  C  CD1   . PHE A 1 98  ? 9.494   9.521   -7.893  1.00 27.90  ?  173 PHE A CD1   1 
ATOM   696  C  CD2   . PHE A 1 98  ? 9.536   7.494   -6.635  1.00 27.11  ?  173 PHE A CD2   1 
ATOM   697  C  CE1   . PHE A 1 98  ? 8.422   9.968   -7.142  1.00 28.38  ?  173 PHE A CE1   1 
ATOM   698  C  CE2   . PHE A 1 98  ? 8.458   7.932   -5.891  1.00 28.66  ?  173 PHE A CE2   1 
ATOM   699  C  CZ    . PHE A 1 98  ? 7.909   9.174   -6.138  1.00 29.78  ?  173 PHE A CZ    1 
ATOM   700  N  N     . GLY A 1 99  ? 12.368  6.627   -11.582 1.00 26.65  ?  174 GLY A N     1 
ATOM   701  C  CA    . GLY A 1 99  ? 13.565  6.219   -12.343 1.00 32.64  ?  174 GLY A CA    1 
ATOM   702  C  C     . GLY A 1 99  ? 13.860  7.184   -13.479 1.00 31.48  ?  174 GLY A C     1 
ATOM   703  O  O     . GLY A 1 99  ? 13.037  8.076   -13.721 1.00 30.63  ?  174 GLY A O     1 
ATOM   704  N  N     . LYS A 1 100 ? 14.979  6.965   -14.174 1.00 36.99  ?  175 LYS A N     1 
ATOM   705  C  CA    . LYS A 1 100 ? 15.460  7.813   -15.297 1.00 39.45  ?  175 LYS A CA    1 
ATOM   706  C  C     . LYS A 1 100 ? 14.864  7.316   -16.620 1.00 38.25  ?  175 LYS A C     1 
ATOM   707  O  O     . LYS A 1 100 ? 14.726  8.150   -17.537 1.00 41.51  ?  175 LYS A O     1 
ATOM   708  C  CB    . LYS A 1 100 ? 16.994  7.838   -15.324 1.00 42.06  ?  175 LYS A CB    1 
ATOM   709  C  CG    . LYS A 1 100 ? 17.611  8.833   -14.345 1.00 42.30  ?  175 LYS A CG    1 
ATOM   710  N  N     . GLU A 1 101 ? 14.524  6.027   -16.716 1.00 32.13  ?  176 GLU A N     1 
ATOM   711  C  CA    . GLU A 1 101 ? 13.967  5.398   -17.938 1.00 32.56  ?  176 GLU A CA    1 
ATOM   712  C  C     . GLU A 1 101 ? 12.438  5.302   -17.806 1.00 38.11  ?  176 GLU A C     1 
ATOM   713  O  O     . GLU A 1 101 ? 11.942  5.281   -16.645 1.00 39.91  ?  176 GLU A O     1 
ATOM   714  C  CB    . GLU A 1 101 ? 14.623  4.027   -18.157 1.00 33.47  ?  176 GLU A CB    1 
ATOM   715  N  N     . LYS A 1 102 ? 11.721  5.260   -18.941 1.00 34.49  ?  177 LYS A N     1 
ATOM   716  C  CA    . LYS A 1 102 ? 10.294  4.878   -18.986 1.00 33.72  ?  177 LYS A CA    1 
ATOM   717  C  C     . LYS A 1 102 ? 10.171  3.581   -18.183 1.00 30.83  ?  177 LYS A C     1 
ATOM   718  O  O     . LYS A 1 102 ? 11.105  2.759   -18.220 1.00 28.00  ?  177 LYS A O     1 
ATOM   719  C  CB    . LYS A 1 102 ? 9.719   4.609   -20.390 1.00 38.35  ?  177 LYS A CB    1 
ATOM   720  C  CG    . LYS A 1 102 ? 10.523  5.035   -21.613 1.00 43.10  ?  177 LYS A CG    1 
ATOM   721  C  CD    . LYS A 1 102 ? 9.772   4.914   -22.934 1.00 39.70  ?  177 LYS A CD    1 
ATOM   722  N  N     . PHE A 1 103 ? 9.029   3.358   -17.534 1.00 29.11  ?  178 PHE A N     1 
ATOM   723  C  CA    . PHE A 1 103 ? 8.663   2.010   -17.018 1.00 27.29  ?  178 PHE A CA    1 
ATOM   724  C  C     . PHE A 1 103 ? 7.446   1.489   -17.781 1.00 24.69  ?  178 PHE A C     1 
ATOM   725  O  O     . PHE A 1 103 ? 6.409   2.156   -17.838 1.00 25.94  ?  178 PHE A O     1 
ATOM   726  C  CB    . PHE A 1 103 ? 8.391   2.058   -15.516 1.00 28.68  ?  178 PHE A CB    1 
ATOM   727  C  CG    . PHE A 1 103 ? 8.125   0.698   -14.931 1.00 26.46  ?  178 PHE A CG    1 
ATOM   728  C  CD1   . PHE A 1 103 ? 9.168   -0.178  -14.692 1.00 24.34  ?  178 PHE A CD1   1 
ATOM   729  C  CD2   . PHE A 1 103 ? 6.835   0.316   -14.613 1.00 27.29  ?  178 PHE A CD2   1 
ATOM   730  C  CE1   . PHE A 1 103 ? 8.937   -1.414  -14.122 1.00 24.83  ?  178 PHE A CE1   1 
ATOM   731  C  CE2   . PHE A 1 103 ? 6.602   -0.926  -14.054 1.00 27.65  ?  178 PHE A CE2   1 
ATOM   732  C  CZ    . PHE A 1 103 ? 7.650   -1.792  -13.827 1.00 27.15  ?  178 PHE A CZ    1 
ATOM   733  N  N     . GLU A 1 104 ? 7.570   0.301   -18.355 1.00 27.34  ?  179 GLU A N     1 
ATOM   734  C  CA    . GLU A 1 104 ? 6.490   -0.310  -19.159 1.00 26.77  ?  179 GLU A CA    1 
ATOM   735  C  C     . GLU A 1 104 ? 5.693   -1.264  -18.264 1.00 27.24  ?  179 GLU A C     1 
ATOM   736  O  O     . GLU A 1 104 ? 6.268   -2.216  -17.724 1.00 24.49  ?  179 GLU A O     1 
ATOM   737  C  CB    . GLU A 1 104 ? 7.084   -1.060  -20.354 1.00 31.00  ?  179 GLU A CB    1 
ATOM   738  C  CG    . GLU A 1 104 ? 7.799   -0.145  -21.316 1.00 30.88  ?  179 GLU A CG    1 
ATOM   739  C  CD    . GLU A 1 104 ? 6.944   0.900   -22.000 1.00 36.78  ?  179 GLU A CD    1 
ATOM   740  O  OE1   . GLU A 1 104 ? 7.553   1.781   -22.643 1.00 37.58  ?  179 GLU A OE1   1 
ATOM   741  O  OE2   . GLU A 1 104 ? 5.675   0.847   -21.883 1.00 37.71  -1 179 GLU A OE2   1 
ATOM   742  N  N     . VAL A 1 105 ? 4.407   -0.997  -18.102 1.00 26.31  ?  180 VAL A N     1 
ATOM   743  C  CA    . VAL A 1 105 ? 3.470   -1.975  -17.497 1.00 23.74  ?  180 VAL A CA    1 
ATOM   744  C  C     . VAL A 1 105 ? 2.796   -2.724  -18.638 1.00 22.01  ?  180 VAL A C     1 
ATOM   745  O  O     . VAL A 1 105 ? 2.265   -2.080  -19.546 1.00 24.60  ?  180 VAL A O     1 
ATOM   746  C  CB    . VAL A 1 105 ? 2.437   -1.262  -16.601 1.00 23.95  ?  180 VAL A CB    1 
ATOM   747  C  CG1   . VAL A 1 105 ? 1.441   -2.256  -16.054 1.00 21.75  ?  180 VAL A CG1   1 
ATOM   748  C  CG2   . VAL A 1 105 ? 3.113   -0.477  -15.479 1.00 24.70  ?  180 VAL A CG2   1 
ATOM   749  N  N     . LYS A 1 106 ? 2.761   -4.035  -18.579 1.00 22.80  ?  181 LYS A N     1 
ATOM   750  C  CA    . LYS A 1 106 ? 1.948   -4.815  -19.550 1.00 25.51  ?  181 LYS A CA    1 
ATOM   751  C  C     . LYS A 1 106 ? 0.780   -5.447  -18.796 1.00 24.64  ?  181 LYS A C     1 
ATOM   752  O  O     . LYS A 1 106 ? 0.943   -5.791  -17.604 1.00 24.60  ?  181 LYS A O     1 
ATOM   753  C  CB    . LYS A 1 106 ? 2.802   -5.892  -20.235 1.00 27.50  ?  181 LYS A CB    1 
ATOM   754  C  CG    . LYS A 1 106 ? 4.023   -5.353  -20.974 1.00 27.65  ?  181 LYS A CG    1 
ATOM   755  C  CD    . LYS A 1 106 ? 3.631   -4.472  -22.138 1.00 28.93  ?  181 LYS A CD    1 
ATOM   756  C  CE    . LYS A 1 106 ? 4.840   -4.010  -22.928 1.00 30.28  ?  181 LYS A CE    1 
ATOM   757  N  NZ    . LYS A 1 106 ? 4.457   -2.958  -23.882 1.00 34.28  ?  181 LYS A NZ    1 
ATOM   758  N  N     . LYS A 1 107 ? -0.339  -5.616  -19.482 1.00 23.45  ?  182 LYS A N     1 
ATOM   759  C  CA    . LYS A 1 107 ? -1.441  -6.445  -18.988 1.00 23.19  ?  182 LYS A CA    1 
ATOM   760  C  C     . LYS A 1 107 ? -0.805  -7.736  -18.479 1.00 22.01  ?  182 LYS A C     1 
ATOM   761  O  O     . LYS A 1 107 ? 0.003   -8.335  -19.207 1.00 21.87  ?  182 LYS A O     1 
ATOM   762  C  CB    . LYS A 1 107 ? -2.481  -6.652  -20.088 1.00 26.42  ?  182 LYS A CB    1 
ATOM   763  C  CG    . LYS A 1 107 ? -3.516  -7.705  -19.729 1.00 27.73  ?  182 LYS A CG    1 
ATOM   764  C  CD    . LYS A 1 107 ? -4.512  -8.032  -20.810 1.00 30.15  ?  182 LYS A CD    1 
ATOM   765  C  CE    . LYS A 1 107 ? -5.266  -9.297  -20.442 1.00 31.08  ?  182 LYS A CE    1 
ATOM   766  N  NZ    . LYS A 1 107 ? -6.225  -9.705  -21.498 1.00 34.27  ?  182 LYS A NZ    1 
ATOM   767  N  N     . GLY A 1 108 ? -1.149  -8.144  -17.259 1.00 21.98  ?  183 GLY A N     1 
ATOM   768  C  CA    . GLY A 1 108 ? -0.728  -9.423  -16.654 1.00 20.75  ?  183 GLY A CA    1 
ATOM   769  C  C     . GLY A 1 108 ? 0.541   -9.295  -15.828 1.00 18.32  ?  183 GLY A C     1 
ATOM   770  O  O     . GLY A 1 108 ? 0.957   -10.285 -15.277 1.00 18.69  ?  183 GLY A O     1 
ATOM   771  N  N     . ASP A 1 109 ? 1.167   -8.131  -15.790 1.00 20.07  ?  184 ASP A N     1 
ATOM   772  C  CA    . ASP A 1 109 ? 2.307   -7.827  -14.872 1.00 20.57  ?  184 ASP A CA    1 
ATOM   773  C  C     . ASP A 1 109 ? 1.815   -7.617  -13.422 1.00 21.46  ?  184 ASP A C     1 
ATOM   774  O  O     . ASP A 1 109 ? 0.836   -6.811  -13.212 1.00 22.35  ?  184 ASP A O     1 
ATOM   775  C  CB    . ASP A 1 109 ? 3.037   -6.567  -15.331 1.00 21.70  ?  184 ASP A CB    1 
ATOM   776  C  CG    . ASP A 1 109 ? 3.842   -6.738  -16.620 1.00 22.75  ?  184 ASP A CG    1 
ATOM   777  O  OD1   . ASP A 1 109 ? 4.009   -7.894  -17.074 1.00 22.33  ?  184 ASP A OD1   1 
ATOM   778  O  OD2   . ASP A 1 109 ? 4.315   -5.707  -17.130 1.00 22.40  -1 184 ASP A OD2   1 
ATOM   779  N  N     . ARG A 1 110 ? 2.475   -8.254  -12.454 1.00 18.26  ?  185 ARG A N     1 
ATOM   780  C  CA    . ARG A 1 110 ? 2.235   -8.000  -11.012 1.00 18.47  ?  185 ARG A CA    1 
ATOM   781  C  C     . ARG A 1 110 ? 2.999   -6.736  -10.600 1.00 19.64  ?  185 ARG A C     1 
ATOM   782  O  O     . ARG A 1 110 ? 4.266   -6.811  -10.452 1.00 17.19  ?  185 ARG A O     1 
ATOM   783  C  CB    . ARG A 1 110 ? 2.625   -9.205  -10.159 1.00 18.29  ?  185 ARG A CB    1 
ATOM   784  C  CG    . ARG A 1 110 ? 1.685   -10.388 -10.325 1.00 17.89  ?  185 ARG A CG    1 
ATOM   785  C  CD    . ARG A 1 110 ? 2.046   -11.583 -9.498  1.00 18.98  ?  185 ARG A CD    1 
ATOM   786  N  NE    . ARG A 1 110 ? 3.056   -12.353 -10.223 1.00 19.55  ?  185 ARG A NE    1 
ATOM   787  C  CZ    . ARG A 1 110 ? 4.204   -12.816 -9.711  1.00 22.34  ?  185 ARG A CZ    1 
ATOM   788  N  NH1   . ARG A 1 110 ? 4.545   -12.592 -8.441  1.00 21.10  ?  185 ARG A NH1   1 
ATOM   789  N  NH2   . ARG A 1 110 ? 5.029   -13.504 -10.493 1.00 22.27  ?  185 ARG A NH2   1 
ATOM   790  N  N     . ILE A 1 111 ? 2.257   -5.645  -10.372 1.00 17.40  ?  186 ILE A N     1 
ATOM   791  C  CA    . ILE A 1 111 ? 2.833   -4.293  -10.167 1.00 18.65  ?  186 ILE A CA    1 
ATOM   792  C  C     . ILE A 1 111 ? 2.499   -3.739  -8.793  1.00 19.51  ?  186 ILE A C     1 
ATOM   793  O  O     . ILE A 1 111 ? 2.816   -2.526  -8.556  1.00 19.55  ?  186 ILE A O     1 
ATOM   794  C  CB    . ILE A 1 111 ? 2.405   -3.355  -11.314 1.00 22.00  ?  186 ILE A CB    1 
ATOM   795  C  CG1   . ILE A 1 111 ? 0.912   -3.407  -11.661 1.00 21.80  ?  186 ILE A CG1   1 
ATOM   796  C  CG2   . ILE A 1 111 ? 3.252   -3.718  -12.545 1.00 22.21  ?  186 ILE A CG2   1 
ATOM   797  C  CD1   . ILE A 1 111 ? -0.053  -2.869  -10.615 1.00 22.22  ?  186 ILE A CD1   1 
ATOM   798  N  N     . ALA A 1 112 ? 1.953   -4.567  -7.898  1.00 16.69  ?  187 ALA A N     1 
ATOM   799  C  CA    . ALA A 1 112 ? 1.678   -4.146  -6.505  1.00 17.13  ?  187 ALA A CA    1 
ATOM   800  C  C     . ALA A 1 112 ? 1.154   -5.349  -5.744  1.00 17.31  ?  187 ALA A C     1 
ATOM   801  O  O     . ALA A 1 112 ? 1.045   -6.446  -6.354  1.00 16.80  ?  187 ALA A O     1 
ATOM   802  C  CB    . ALA A 1 112 ? 0.668   -3.022  -6.487  1.00 17.60  ?  187 ALA A CB    1 
ATOM   803  N  N     . GLN A 1 113 ? 0.853   -5.151  -4.470  1.00 16.35  ?  188 GLN A N     1 
ATOM   804  C  CA    . GLN A 1 113 ? 0.298   -6.200  -3.603  1.00 16.37  ?  188 GLN A CA    1 
ATOM   805  C  C     . GLN A 1 113 ? -0.743  -5.575  -2.677  1.00 16.72  ?  188 GLN A C     1 
ATOM   806  O  O     . GLN A 1 113 ? -0.568  -4.396  -2.275  1.00 16.16  ?  188 GLN A O     1 
ATOM   807  C  CB    . GLN A 1 113 ? 1.434   -6.922  -2.856  1.00 15.73  ?  188 GLN A CB    1 
ATOM   808  C  CG    . GLN A 1 113 ? 2.148   -6.102  -1.789  1.00 16.26  ?  188 GLN A CG    1 
ATOM   809  C  CD    . GLN A 1 113 ? 3.440   -6.776  -1.405  1.00 16.06  ?  188 GLN A CD    1 
ATOM   810  O  OE1   . GLN A 1 113 ? 3.430   -7.951  -1.050  1.00 17.44  ?  188 GLN A OE1   1 
ATOM   811  N  NE2   . GLN A 1 113 ? 4.557   -6.056  -1.488  1.00 15.11  ?  188 GLN A NE2   1 
ATOM   812  N  N     . LEU A 1 114 ? -1.773  -6.360  -2.349  1.00 17.18  ?  189 LEU A N     1 
ATOM   813  C  CA    . LEU A 1 114 ? -2.892  -5.965  -1.467  1.00 16.08  ?  189 LEU A CA    1 
ATOM   814  C  C     . LEU A 1 114 ? -2.751  -6.681  -0.129  1.00 15.73  ?  189 LEU A C     1 
ATOM   815  O  O     . LEU A 1 114 ? -2.787  -7.903  -0.109  1.00 16.10  ?  189 LEU A O     1 
ATOM   816  C  CB    . LEU A 1 114 ? -4.207  -6.388  -2.102  1.00 17.57  ?  189 LEU A CB    1 
ATOM   817  C  CG    . LEU A 1 114 ? -5.445  -5.815  -1.427  1.00 17.06  ?  189 LEU A CG    1 
ATOM   818  C  CD1   . LEU A 1 114 ? -5.471  -4.311  -1.570  1.00 18.06  ?  189 LEU A CD1   1 
ATOM   819  C  CD2   . LEU A 1 114 ? -6.700  -6.402  -2.041  1.00 18.48  ?  189 LEU A CD2   1 
ATOM   820  N  N     . ILE A 1 115 ? -2.640  -5.923  0.941   1.00 14.83  ?  190 ILE A N     1 
ATOM   821  C  CA    . ILE A 1 115 ? -2.513  -6.428  2.328   1.00 15.96  ?  190 ILE A CA    1 
ATOM   822  C  C     . ILE A 1 115 ? -3.833  -6.133  3.062   1.00 16.25  ?  190 ILE A C     1 
ATOM   823  O  O     . ILE A 1 115 ? -4.309  -4.990  3.011   1.00 15.71  ?  190 ILE A O     1 
ATOM   824  C  CB    . ILE A 1 115 ? -1.292  -5.807  3.030   1.00 14.82  ?  190 ILE A CB    1 
ATOM   825  C  CG1   . ILE A 1 115 ? -0.002  -6.026  2.252   1.00 17.14  ?  190 ILE A CG1   1 
ATOM   826  C  CG2   . ILE A 1 115 ? -1.173  -6.307  4.447   1.00 14.58  ?  190 ILE A CG2   1 
ATOM   827  C  CD1   . ILE A 1 115 ? 1.152   -5.175  2.729   1.00 17.59  ?  190 ILE A CD1   1 
ATOM   828  N  N     . CYS A 1 116 ? -4.372  -7.137  3.763   1.00 16.63  ?  191 CYS A N     1 
ATOM   829  C  CA    . CYS A 1 116 ? -5.528  -6.969  4.671   1.00 16.54  ?  191 CYS A CA    1 
ATOM   830  C  C     . CYS A 1 116 ? -4.989  -6.480  6.023   1.00 15.56  ?  191 CYS A C     1 
ATOM   831  O  O     . CYS A 1 116 ? -4.750  -7.299  6.938   1.00 13.91  ?  191 CYS A O     1 
ATOM   832  C  CB    . CYS A 1 116 ? -6.357  -8.250  4.695   1.00 18.30  ?  191 CYS A CB    1 
ATOM   833  S  SG    . CYS A 1 116 ? -7.195  -8.541  3.102   1.00 20.81  ?  191 CYS A SG    1 
ATOM   834  N  N     . GLU A 1 117 ? -4.780  -5.167  6.108   1.00 15.30  ?  192 GLU A N     1 
ATOM   835  C  CA    . GLU A 1 117 ? -4.229  -4.453  7.280   1.00 14.93  ?  192 GLU A CA    1 
ATOM   836  C  C     . GLU A 1 117 ? -5.329  -4.380  8.339   1.00 15.73  ?  192 GLU A C     1 
ATOM   837  O  O     . GLU A 1 117 ? -6.378  -3.782  8.058   1.00 15.84  ?  192 GLU A O     1 
ATOM   838  C  CB    . GLU A 1 117 ? -3.838  -3.040  6.886   1.00 14.81  ?  192 GLU A CB    1 
ATOM   839  C  CG    . GLU A 1 117 ? -2.629  -2.970  5.987   1.00 15.98  ?  192 GLU A CG    1 
ATOM   840  C  CD    . GLU A 1 117 ? -1.291  -3.243  6.626   1.00 15.58  ?  192 GLU A CD    1 
ATOM   841  O  OE1   . GLU A 1 117 ? -1.230  -3.742  7.777   1.00 16.54  ?  192 GLU A OE1   1 
ATOM   842  O  OE2   . GLU A 1 117 ? -0.306  -2.909  5.964   1.00 18.24  -1 192 GLU A OE2   1 
ATOM   843  N  N     . ARG A 1 118 ? -5.152  -5.031  9.476   1.00 15.18  ?  193 ARG A N     1 
ATOM   844  C  CA    . ARG A 1 118 ? -6.184  -4.986  10.542  1.00 16.07  ?  193 ARG A CA    1 
ATOM   845  C  C     . ARG A 1 118 ? -6.156  -3.610  11.184  1.00 15.88  ?  193 ARG A C     1 
ATOM   846  O  O     . ARG A 1 118 ? -5.033  -3.101  11.451  1.00 15.45  ?  193 ARG A O     1 
ATOM   847  C  CB    . ARG A 1 118 ? -5.918  -6.100  11.550  1.00 17.19  ?  193 ARG A CB    1 
ATOM   848  C  CG    . ARG A 1 118 ? -6.207  -7.483  10.981  1.00 18.62  ?  193 ARG A CG    1 
ATOM   849  C  CD    . ARG A 1 118 ? -5.883  -8.512  12.044  1.00 20.56  ?  193 ARG A CD    1 
ATOM   850  N  NE    . ARG A 1 118 ? -6.961  -8.543  13.024  1.00 23.56  ?  193 ARG A NE    1 
ATOM   851  C  CZ    . ARG A 1 118 ? -7.050  -9.417  14.035  1.00 25.82  ?  193 ARG A CZ    1 
ATOM   852  N  NH1   . ARG A 1 118 ? -8.095  -9.370  14.849  1.00 25.31  ?  193 ARG A NH1   1 
ATOM   853  N  NH2   . ARG A 1 118 ? -6.098  -10.317 14.229  1.00 23.64  ?  193 ARG A NH2   1 
ATOM   854  N  N     . ILE A 1 119 ? -7.331  -3.008  11.362  1.00 15.86  ?  194 ILE A N     1 
ATOM   855  C  CA    . ILE A 1 119 ? -7.489  -1.644  11.920  1.00 16.76  ?  194 ILE A CA    1 
ATOM   856  C  C     . ILE A 1 119 ? -8.639  -1.629  12.938  1.00 17.43  ?  194 ILE A C     1 
ATOM   857  O  O     . ILE A 1 119 ? -9.456  -2.519  12.924  1.00 16.93  ?  194 ILE A O     1 
ATOM   858  C  CB    . ILE A 1 119 ? -7.697  -0.639  10.787  1.00 17.71  ?  194 ILE A CB    1 
ATOM   859  C  CG1   . ILE A 1 119 ? -9.001  -0.917  10.028  1.00 19.28  ?  194 ILE A CG1   1 
ATOM   860  C  CG2   . ILE A 1 119 ? -6.476  -0.668  9.880   1.00 17.26  ?  194 ILE A CG2   1 
ATOM   861  C  CD1   . ILE A 1 119 ? -9.551  0.288   9.285   1.00 18.85  ?  194 ILE A CD1   1 
ATOM   862  N  N     . PHE A 1 120 ? -8.613  -0.674  13.841  1.00 18.72  ?  195 PHE A N     1 
ATOM   863  C  CA    . PHE A 1 120 ? -9.765  -0.264  14.672  1.00 18.82  ?  195 PHE A CA    1 
ATOM   864  C  C     . PHE A 1 120 ? -10.554 0.775   13.903  1.00 19.16  ?  195 PHE A C     1 
ATOM   865  O  O     . PHE A 1 120 ? -9.968  1.530   13.086  1.00 19.55  ?  195 PHE A O     1 
ATOM   866  C  CB    . PHE A 1 120 ? -9.317  0.369   15.994  1.00 19.42  ?  195 PHE A CB    1 
ATOM   867  C  CG    . PHE A 1 120 ? -8.624  -0.572  16.940  1.00 18.97  ?  195 PHE A CG    1 
ATOM   868  C  CD1   . PHE A 1 120 ? -9.104  -1.855  17.150  1.00 20.86  ?  195 PHE A CD1   1 
ATOM   869  C  CD2   . PHE A 1 120 ? -7.517  -0.143  17.661  1.00 21.82  ?  195 PHE A CD2   1 
ATOM   870  C  CE1   . PHE A 1 120 ? -8.486  -2.702  18.065  1.00 22.77  ?  195 PHE A CE1   1 
ATOM   871  C  CE2   . PHE A 1 120 ? -6.876  -0.998  18.546  1.00 23.30  ?  195 PHE A CE2   1 
ATOM   872  C  CZ    . PHE A 1 120 ? -7.362  -2.278  18.746  1.00 22.77  ?  195 PHE A CZ    1 
ATOM   873  N  N     . TYR A 1 121 ? -11.859 0.785   14.133  1.00 18.66  ?  196 TYR A N     1 
ATOM   874  C  CA    . TYR A 1 121 ? -12.777 1.817   13.627  1.00 20.61  ?  196 TYR A CA    1 
ATOM   875  C  C     . TYR A 1 121 ? -13.212 2.569   14.864  1.00 21.53  ?  196 TYR A C     1 
ATOM   876  O  O     . TYR A 1 121 ? -14.323 2.346   15.320  1.00 21.84  ?  196 TYR A O     1 
ATOM   877  C  CB    . TYR A 1 121 ? -13.949 1.199   12.862  1.00 21.63  ?  196 TYR A CB    1 
ATOM   878  C  CG    . TYR A 1 121 ? -13.600 0.569   11.531  1.00 21.59  ?  196 TYR A CG    1 
ATOM   879  C  CD1   . TYR A 1 121 ? -13.141 -0.736  11.441  1.00 23.90  ?  196 TYR A CD1   1 
ATOM   880  C  CD2   . TYR A 1 121 ? -13.738 1.280   10.354  1.00 21.89  ?  196 TYR A CD2   1 
ATOM   881  C  CE1   . TYR A 1 121 ? -12.820 -1.314  10.209  1.00 22.51  ?  196 TYR A CE1   1 
ATOM   882  C  CE2   . TYR A 1 121 ? -13.432 0.719   9.119   1.00 21.05  ?  196 TYR A CE2   1 
ATOM   883  C  CZ    . TYR A 1 121 ? -12.991 -0.583  9.038   1.00 21.81  ?  196 TYR A CZ    1 
ATOM   884  O  OH    . TYR A 1 121 ? -12.663 -1.096  7.810   1.00 20.37  ?  196 TYR A OH    1 
ATOM   885  N  N     . PRO A 1 122 ? -12.346 3.416   15.454  1.00 22.45  ?  197 PRO A N     1 
ATOM   886  C  CA    . PRO A 1 122 ? -12.684 4.077   16.711  1.00 26.35  ?  197 PRO A CA    1 
ATOM   887  C  C     . PRO A 1 122 ? -13.713 5.196   16.491  1.00 25.98  ?  197 PRO A C     1 
ATOM   888  O  O     . PRO A 1 122 ? -13.791 5.752   15.431  1.00 26.17  ?  197 PRO A O     1 
ATOM   889  C  CB    . PRO A 1 122 ? -11.332 4.621   17.207  1.00 25.46  ?  197 PRO A CB    1 
ATOM   890  C  CG    . PRO A 1 122 ? -10.587 4.897   15.925  1.00 25.75  ?  197 PRO A CG    1 
ATOM   891  C  CD    . PRO A 1 122 ? -11.018 3.809   14.961  1.00 22.89  ?  197 PRO A CD    1 
ATOM   892  N  N     . GLU A 1 123 ? -14.519 5.441   17.517  1.00 29.29  ?  198 GLU A N     1 
ATOM   893  C  CA    . GLU A 1 123 ? -15.343 6.665   17.680  1.00 26.46  ?  198 GLU A CA    1 
ATOM   894  C  C     . GLU A 1 123 ? -14.354 7.743   18.125  1.00 27.22  ?  198 GLU A C     1 
ATOM   895  O  O     . GLU A 1 123 ? -13.385 7.424   18.841  1.00 25.53  ?  198 GLU A O     1 
ATOM   896  C  CB    . GLU A 1 123 ? -16.466 6.436   18.708  1.00 28.61  ?  198 GLU A CB    1 
ATOM   897  N  N     . ILE A 1 124 ? -14.492 8.937   17.593  1.00 24.32  ?  199 ILE A N     1 
ATOM   898  C  CA    . ILE A 1 124 ? -13.540 10.024  17.887  1.00 27.93  ?  199 ILE A CA    1 
ATOM   899  C  C     . ILE A 1 124 ? -14.160 10.814  19.047  1.00 26.27  ?  199 ILE A C     1 
ATOM   900  O  O     . ILE A 1 124 ? -15.401 10.927  19.075  1.00 24.26  ?  199 ILE A O     1 
ATOM   901  C  CB    . ILE A 1 124 ? -13.279 10.860  16.630  1.00 28.12  ?  199 ILE A CB    1 
ATOM   902  C  CG1   . ILE A 1 124 ? -12.072 11.762  16.825  1.00 30.10  ?  199 ILE A CG1   1 
ATOM   903  C  CG2   . ILE A 1 124 ? -14.516 11.643  16.223  1.00 28.87  ?  199 ILE A CG2   1 
ATOM   904  C  CD1   . ILE A 1 124 ? -11.441 12.189  15.534  1.00 32.42  ?  199 ILE A CD1   1 
ATOM   905  N  N     . GLU A 1 125 ? -13.321 11.283  19.965  1.00 22.87  ?  200 GLU A N     1 
ATOM   906  C  CA    . GLU A 1 125 ? -13.728 11.955  21.225  1.00 24.80  ?  200 GLU A CA    1 
ATOM   907  C  C     . GLU A 1 125 ? -12.842 13.180  21.383  1.00 23.25  ?  200 GLU A C     1 
ATOM   908  O  O     . GLU A 1 125 ? -11.656 12.970  21.587  1.00 23.77  ?  200 GLU A O     1 
ATOM   909  C  CB    . GLU A 1 125 ? -13.527 11.006  22.424  1.00 26.24  ?  200 GLU A CB    1 
ATOM   910  N  N     . GLU A 1 126 ? -13.379 14.393  21.258  1.00 22.53  ?  201 GLU A N     1 
ATOM   911  C  CA    . GLU A 1 126 ? -12.637 15.621  21.601  1.00 23.13  ?  201 GLU A CA    1 
ATOM   912  C  C     . GLU A 1 126 ? -12.567 15.745  23.133  1.00 22.69  ?  201 GLU A C     1 
ATOM   913  O  O     . GLU A 1 126 ? -13.602 15.546  23.809  1.00 20.86  ?  201 GLU A O     1 
ATOM   914  C  CB    . GLU A 1 126 ? -13.300 16.857  21.007  1.00 24.12  ?  201 GLU A CB    1 
ATOM   915  C  CG    . GLU A 1 126 ? -12.557 18.111  21.388  1.00 25.20  ?  201 GLU A CG    1 
ATOM   916  C  CD    . GLU A 1 126 ? -12.974 19.359  20.637  1.00 25.44  ?  201 GLU A CD    1 
ATOM   917  O  OE1   . GLU A 1 126 ? -13.813 19.256  19.724  1.00 30.64  ?  201 GLU A OE1   1 
ATOM   918  O  OE2   . GLU A 1 126 ? -12.388 20.400  20.913  1.00 25.87  -1 201 GLU A OE2   1 
ATOM   919  N  N     . VAL A 1 127 ? -11.383 16.044  23.662  1.00 21.70  ?  202 VAL A N     1 
ATOM   920  C  CA    . VAL A 1 127 ? -11.128 16.227  25.124  1.00 24.28  ?  202 VAL A CA    1 
ATOM   921  C  C     . VAL A 1 127 ? -10.421 17.569  25.212  1.00 24.68  ?  202 VAL A C     1 
ATOM   922  O  O     . VAL A 1 127 ? -9.944  18.032  24.182  1.00 28.37  ?  202 VAL A O     1 
ATOM   923  C  CB    . VAL A 1 127 ? -10.279 15.073  25.728  1.00 22.70  ?  202 VAL A CB    1 
ATOM   924  N  N     . GLN A 1 128 ? -10.321 18.152  26.401  1.00 30.09  ?  203 GLN A N     1 
ATOM   925  C  CA    . GLN A 1 128 ? -9.635  19.451  26.631  1.00 33.40  ?  203 GLN A CA    1 
ATOM   926  C  C     . GLN A 1 128 ? -8.125  19.208  26.823  1.00 29.15  ?  203 GLN A C     1 
ATOM   927  O  O     . GLN A 1 128 ? -7.346  20.030  26.351  1.00 31.59  ?  203 GLN A O     1 
ATOM   928  C  CB    . GLN A 1 128 ? -10.301 20.181  27.809  1.00 36.88  ?  203 GLN A CB    1 
ATOM   929  C  CG    . GLN A 1 128 ? -10.597 21.644  27.525  1.00 48.16  ?  203 GLN A CG    1 
ATOM   930  C  CD    . GLN A 1 128 ? -11.731 21.861  26.542  1.00 58.22  ?  203 GLN A CD    1 
ATOM   931  O  OE1   . GLN A 1 128 ? -12.339 20.925  26.010  1.00 64.43  ?  203 GLN A OE1   1 
ATOM   932  N  NE2   . GLN A 1 128 ? -12.045 23.125  26.298  1.00 65.39  ?  203 GLN A NE2   1 
ATOM   933  N  N     . VAL A 1 129 ? -7.725  18.130  27.498  1.00 27.65  ?  204 VAL A N     1 
ATOM   934  C  CA    . VAL A 1 129 ? -6.300  17.846  27.848  1.00 30.52  ?  204 VAL A CA    1 
ATOM   935  C  C     . VAL A 1 129 ? -6.096  16.340  27.694  1.00 28.09  ?  204 VAL A C     1 
ATOM   936  O  O     . VAL A 1 129 ? -7.003  15.578  28.081  1.00 27.69  ?  204 VAL A O     1 
ATOM   937  C  CB    . VAL A 1 129 ? -5.958  18.311  29.284  1.00 33.22  ?  204 VAL A CB    1 
ATOM   938  N  N     . LEU A 1 130 ? -4.974  15.916  27.118  1.00 26.58  ?  205 LEU A N     1 
ATOM   939  C  CA    . LEU A 1 130 ? -4.610  14.481  27.072  1.00 28.28  ?  205 LEU A CA    1 
ATOM   940  C  C     . LEU A 1 130 ? -3.724  14.190  28.289  1.00 27.77  ?  205 LEU A C     1 
ATOM   941  O  O     . LEU A 1 130 ? -3.106  15.131  28.809  1.00 26.19  ?  205 LEU A O     1 
ATOM   942  C  CB    . LEU A 1 130 ? -3.881  14.178  25.752  1.00 27.28  ?  205 LEU A CB    1 
ATOM   943  C  CG    . LEU A 1 130 ? -4.711  14.354  24.481  1.00 26.81  ?  205 LEU A CG    1 
ATOM   944  C  CD1   . LEU A 1 130 ? -3.904  13.952  23.253  1.00 26.77  ?  205 LEU A CD1   1 
ATOM   945  C  CD2   . LEU A 1 130 ? -5.984  13.538  24.547  1.00 27.20  ?  205 LEU A CD2   1 
ATOM   946  N  N     . ASP A 1 131 ? -3.623  12.926  28.680  1.00 29.67  ?  206 ASP A N     1 
ATOM   947  C  CA    . ASP A 1 131 ? -2.627  12.460  29.677  1.00 31.06  ?  206 ASP A CA    1 
ATOM   948  C  C     . ASP A 1 131 ? -1.229  12.742  29.116  1.00 32.22  ?  206 ASP A C     1 
ATOM   949  O  O     . ASP A 1 131 ? -1.097  12.897  27.880  1.00 29.51  ?  206 ASP A O     1 
ATOM   950  C  CB    . ASP A 1 131 ? -2.880  10.993  30.056  1.00 33.29  ?  206 ASP A CB    1 
ATOM   951  C  CG    . ASP A 1 131 ? -2.540  9.893   29.034  1.00 36.43  ?  206 ASP A CG    1 
ATOM   952  O  OD1   . ASP A 1 131 ? -2.164  10.185  27.895  1.00 37.71  ?  206 ASP A OD1   1 
ATOM   953  O  OD2   . ASP A 1 131 ? -2.665  8.712   29.403  1.00 46.27  -1 206 ASP A OD2   1 
ATOM   954  N  N     . ASP A 1 132 ? -0.228  12.797  29.995  1.00 34.08  ?  207 ASP A N     1 
ATOM   955  C  CA    . ASP A 1 132 ? 1.199   12.989  29.633  1.00 33.26  ?  207 ASP A CA    1 
ATOM   956  C  C     . ASP A 1 132 ? 1.843   11.624  29.405  1.00 27.21  ?  207 ASP A C     1 
ATOM   957  O  O     . ASP A 1 132 ? 1.338   10.641  29.890  1.00 25.37  ?  207 ASP A O     1 
ATOM   958  C  CB    . ASP A 1 132 ? 1.964   13.732  30.730  1.00 39.14  ?  207 ASP A CB    1 
ATOM   959  C  CG    . ASP A 1 132 ? 1.425   15.130  31.024  1.00 46.13  ?  207 ASP A CG    1 
ATOM   960  O  OD1   . ASP A 1 132 ? 0.992   15.799  30.056  1.00 48.30  ?  207 ASP A OD1   1 
ATOM   961  O  OD2   . ASP A 1 132 ? 1.440   15.544  32.222  1.00 49.46  -1 207 ASP A OD2   1 
ATOM   962  N  N     . THR A 1 133 ? 2.971   11.604  28.716  1.00 26.21  ?  208 THR A N     1 
ATOM   963  C  CA    . THR A 1 133 ? 3.759   10.379  28.442  1.00 25.45  ?  208 THR A CA    1 
ATOM   964  C  C     . THR A 1 133 ? 5.221   10.772  28.535  1.00 24.92  ?  208 THR A C     1 
ATOM   965  O  O     . THR A 1 133 ? 5.481   12.016  28.509  1.00 23.62  ?  208 THR A O     1 
ATOM   966  C  CB    . THR A 1 133 ? 3.434   9.804   27.053  1.00 24.41  ?  208 THR A CB    1 
ATOM   967  O  OG1   . THR A 1 133 ? 3.935   10.731  26.083  1.00 22.86  ?  208 THR A OG1   1 
ATOM   968  C  CG2   . THR A 1 133 ? 1.963   9.530   26.860  1.00 25.03  ?  208 THR A CG2   1 
ATOM   969  N  N     . GLU A 1 134 ? 6.128   9.790   28.509  1.00 24.62  ?  209 GLU A N     1 
ATOM   970  C  CA    . GLU A 1 134 ? 7.593   10.031  28.603  1.00 23.23  ?  209 GLU A CA    1 
ATOM   971  C  C     . GLU A 1 134 ? 8.031   10.663  27.281  1.00 24.00  ?  209 GLU A C     1 
ATOM   972  O  O     . GLU A 1 134 ? 8.820   11.618  27.324  1.00 22.56  ?  209 GLU A O     1 
ATOM   973  C  CB    . GLU A 1 134 ? 8.364   8.742   28.952  1.00 23.62  ?  209 GLU A CB    1 
ATOM   974  N  N     . ARG A 1 135 ? 7.487   10.181  26.145  1.00 22.31  ?  210 ARG A N     1 
ATOM   975  C  CA    . ARG A 1 135 ? 7.759   10.769  24.810  1.00 21.79  ?  210 ARG A CA    1 
ATOM   976  C  C     . ARG A 1 135 ? 7.222   12.210  24.744  1.00 20.93  ?  210 ARG A C     1 
ATOM   977  O  O     . ARG A 1 135 ? 7.896   13.086  24.174  1.00 22.33  ?  210 ARG A O     1 
ATOM   978  C  CB    . ARG A 1 135 ? 7.129   9.944   23.685  1.00 22.04  ?  210 ARG A CB    1 
ATOM   979  C  CG    . ARG A 1 135 ? 7.272   10.627  22.332  1.00 21.09  ?  210 ARG A CG    1 
ATOM   980  C  CD    . ARG A 1 135 ? 6.767   9.773   21.191  1.00 21.57  ?  210 ARG A CD    1 
ATOM   981  N  NE    . ARG A 1 135 ? 7.763   8.838   20.701  1.00 19.20  ?  210 ARG A NE    1 
ATOM   982  C  CZ    . ARG A 1 135 ? 8.789   9.142   19.936  1.00 18.73  ?  210 ARG A CZ    1 
ATOM   983  N  NH1   . ARG A 1 135 ? 9.611   8.177   19.549  1.00 21.07  ?  210 ARG A NH1   1 
ATOM   984  N  NH2   . ARG A 1 135 ? 9.045   10.388  19.583  1.00 19.12  ?  210 ARG A NH2   1 
ATOM   985  N  N     . GLY A 1 136 ? 6.040   12.453  25.286  1.00 22.34  ?  211 GLY A N     1 
ATOM   986  C  CA    . GLY A 1 136 ? 5.438   13.792  25.255  1.00 21.80  ?  211 GLY A CA    1 
ATOM   987  C  C     . GLY A 1 136 ? 5.341   14.275  23.819  1.00 21.77  ?  211 GLY A C     1 
ATOM   988  O  O     . GLY A 1 136 ? 4.826   13.504  22.992  1.00 19.77  ?  211 GLY A O     1 
ATOM   989  N  N     . SER A 1 137 ? 5.876   15.468  23.561  1.00 19.98  ?  212 SER A N     1 
ATOM   990  C  CA    . SER A 1 137 ? 5.872   16.202  22.266  1.00 23.35  ?  212 SER A CA    1 
ATOM   991  C  C     . SER A 1 137 ? 7.005   15.687  21.392  1.00 21.44  ?  212 SER A C     1 
ATOM   992  O  O     . SER A 1 137 ? 7.202   16.245  20.302  1.00 21.99  ?  212 SER A O     1 
ATOM   993  C  CB    . SER A 1 137 ? 6.043   17.726  22.473  1.00 21.69  ?  212 SER A CB    1 
ATOM   994  N  N     . GLY A 1 138 ? 7.839   14.784  21.916  1.00 23.33  ?  213 GLY A N     1 
ATOM   995  C  CA    . GLY A 1 138 ? 9.040   14.336  21.191  1.00 22.31  ?  213 GLY A CA    1 
ATOM   996  C  C     . GLY A 1 138 ? 8.663   13.727  19.840  1.00 19.85  ?  213 GLY A C     1 
ATOM   997  O  O     . GLY A 1 138 ? 7.760   12.867  19.794  1.00 20.10  ?  213 GLY A O     1 
ATOM   998  N  N     . GLY A 1 139 ? 9.316   14.169  18.774  1.00 18.01  ?  214 GLY A N     1 
ATOM   999  C  CA    . GLY A 1 139 ? 9.201   13.548  17.448  1.00 18.50  ?  214 GLY A CA    1 
ATOM   1000 C  C     . GLY A 1 139 ? 10.204  14.120  16.480  1.00 19.57  ?  214 GLY A C     1 
ATOM   1001 O  O     . GLY A 1 139 ? 11.155  14.809  16.893  1.00 21.41  ?  214 GLY A O     1 
ATOM   1002 N  N     . PHE A 1 140 ? 10.024  13.828  15.209  1.00 19.06  ?  215 PHE A N     1 
ATOM   1003 C  CA    . PHE A 1 140 ? 10.876  14.365  14.129  1.00 19.39  ?  215 PHE A CA    1 
ATOM   1004 C  C     . PHE A 1 140 ? 12.362  14.224  14.500  1.00 21.19  ?  215 PHE A C     1 
ATOM   1005 O  O     . PHE A 1 140 ? 13.099  15.171  14.311  1.00 21.32  ?  215 PHE A O     1 
ATOM   1006 C  CB    . PHE A 1 140 ? 10.409  15.792  13.855  1.00 19.59  ?  215 PHE A CB    1 
ATOM   1007 C  CG    . PHE A 1 140 ? 9.043   15.809  13.197  1.00 18.06  ?  215 PHE A CG    1 
ATOM   1008 C  CD1   . PHE A 1 140 ? 8.906   15.563  11.844  1.00 18.17  ?  215 PHE A CD1   1 
ATOM   1009 C  CD2   . PHE A 1 140 ? 7.910   15.947  13.955  1.00 18.34  ?  215 PHE A CD2   1 
ATOM   1010 C  CE1   . PHE A 1 140 ? 7.648   15.557  11.243  1.00 19.07  ?  215 PHE A CE1   1 
ATOM   1011 C  CE2   . PHE A 1 140 ? 6.653   15.976  13.353  1.00 19.78  ?  215 PHE A CE2   1 
ATOM   1012 C  CZ    . PHE A 1 140 ? 6.529   15.763  12.013  1.00 19.23  ?  215 PHE A CZ    1 
ATOM   1013 N  N     . GLY A 1 141 ? 12.807  13.030  14.886  1.00 20.05  ?  216 GLY A N     1 
ATOM   1014 C  CA    . GLY A 1 141 ? 14.236  12.736  15.125  1.00 20.78  ?  216 GLY A CA    1 
ATOM   1015 C  C     . GLY A 1 141 ? 14.663  13.038  16.561  1.00 21.00  ?  216 GLY A C     1 
ATOM   1016 O  O     . GLY A 1 141 ? 15.873  13.052  16.816  1.00 22.37  ?  216 GLY A O     1 
ATOM   1017 N  N     . SER A 1 142 ? 13.723  13.245  17.478  1.00 21.32  ?  217 SER A N     1 
ATOM   1018 C  CA    . SER A 1 142 ? 14.011  13.591  18.891  1.00 22.93  ?  217 SER A CA    1 
ATOM   1019 C  C     . SER A 1 142 ? 14.980  12.547  19.491  1.00 26.12  ?  217 SER A C     1 
ATOM   1020 O  O     . SER A 1 142 ? 15.755  12.924  20.370  1.00 25.44  ?  217 SER A O     1 
ATOM   1021 C  CB    . SER A 1 142 ? 12.754  13.737  19.705  1.00 23.14  ?  217 SER A CB    1 
ATOM   1022 O  OG    . SER A 1 142 ? 12.181  12.474  20.062  1.00 21.23  ?  217 SER A OG    1 
ATOM   1023 N  N     . THR A 1 143 ? 14.928  11.276  19.080  1.00 23.13  ?  218 THR A N     1 
ATOM   1024 C  CA    . THR A 1 143 ? 15.704  10.187  19.759  1.00 22.10  ?  218 THR A CA    1 
ATOM   1025 C  C     . THR A 1 143 ? 17.081  10.048  19.119  1.00 22.19  ?  218 THR A C     1 
ATOM   1026 O  O     . THR A 1 143 ? 17.809  9.147   19.563  1.00 23.41  ?  218 THR A O     1 
ATOM   1027 C  CB    . THR A 1 143 ? 14.979  8.833   19.698  1.00 22.44  ?  218 THR A CB    1 
ATOM   1028 O  OG1   . THR A 1 143 ? 14.929  8.384   18.337  1.00 19.81  ?  218 THR A OG1   1 
ATOM   1029 C  CG2   . THR A 1 143 ? 13.601  8.929   20.304  1.00 22.23  ?  218 THR A CG2   1 
ATOM   1030 N  N     . GLY A 1 144 ? 17.355  10.802  18.038  1.00 20.61  ?  219 GLY A N     1 
ATOM   1031 C  CA    . GLY A 1 144 ? 18.684  10.917  17.407  1.00 20.67  ?  219 GLY A CA    1 
ATOM   1032 C  C     . GLY A 1 144 ? 18.950  9.876   16.317  1.00 20.86  ?  219 GLY A C     1 
ATOM   1033 O  O     . GLY A 1 144 ? 17.982  9.304   15.765  1.00 17.01  ?  219 GLY A O     1 
ATOM   1034 N  N     . THR A 1 145 ? 20.230  9.644   16.002  1.00 19.29  ?  220 THR A N     1 
ATOM   1035 C  CA    . THR A 1 145 ? 20.691  8.929   14.780  1.00 19.62  ?  220 THR A CA    1 
ATOM   1036 C  C     . THR A 1 145 ? 21.358  7.580   15.112  1.00 19.47  ?  220 THR A C     1 
ATOM   1037 O  O     . THR A 1 145 ? 21.357  6.701   14.239  1.00 19.58  ?  220 THR A O     1 
ATOM   1038 C  CB    . THR A 1 145 ? 21.664  9.793   13.967  1.00 20.92  ?  220 THR A CB    1 
ATOM   1039 O  OG1   . THR A 1 145 ? 22.748  10.089  14.849  1.00 24.55  ?  220 THR A OG1   1 
ATOM   1040 C  CG2   . THR A 1 145 ? 21.032  11.077  13.471  1.00 21.72  ?  220 THR A CG2   1 
ATOM   1041 N  N     . ASN A 1 146 ? 21.926  7.378   16.302  1.00 18.60  ?  221 ASN A N     1 
ATOM   1042 C  CA    . ASN A 1 146 ? 22.760  6.153   16.480  1.00 18.30  ?  221 ASN A CA    1 
ATOM   1043 C  C     . ASN A 1 146 ? 22.387  5.474   17.785  1.00 16.99  ?  221 ASN A C     1 
ATOM   1044 O  O     . ASN A 1 146 ? 21.395  5.874   18.461  1.00 15.14  ?  221 ASN A O     1 
ATOM   1045 C  CB    . ASN A 1 146 ? 24.254  6.478   16.334  1.00 17.66  ?  221 ASN A CB    1 
ATOM   1046 C  CG    . ASN A 1 146 ? 24.726  7.410   17.423  1.00 16.10  ?  221 ASN A CG    1 
ATOM   1047 O  OD1   . ASN A 1 146 ? 24.040  7.587   18.422  1.00 16.41  ?  221 ASN A OD1   1 
ATOM   1048 N  ND2   . ASN A 1 146 ? 25.861  8.024   17.217  1.00 17.25  ?  221 ASN A ND2   1 
ATOM   1049 N  N     . LEU A 1 147 ? 23.152  4.450   18.140  1.00 17.04  ?  222 LEU A N     1 
ATOM   1050 C  CA    . LEU A 1 147 ? 22.846  3.656   19.340  1.00 17.66  ?  222 LEU A CA    1 
ATOM   1051 C  C     . LEU A 1 147 ? 23.080  4.501   20.599  1.00 17.80  ?  222 LEU A C     1 
ATOM   1052 O  O     . LEU A 1 147 ? 22.336  4.342   21.572  1.00 17.48  ?  222 LEU A O     1 
ATOM   1053 C  CB    . LEU A 1 147 ? 23.727  2.405   19.301  1.00 18.01  ?  222 LEU A CB    1 
ATOM   1054 C  CG    . LEU A 1 147 ? 23.515  1.432   20.455  1.00 19.63  ?  222 LEU A CG    1 
ATOM   1055 C  CD1   . LEU A 1 147 ? 22.071  0.925   20.496  1.00 20.56  ?  222 LEU A CD1   1 
ATOM   1056 C  CD2   . LEU A 1 147 ? 24.486  0.265   20.324  1.00 18.43  ?  222 LEU A CD2   1 
ATOM   1057 N  N     . GLU A 1 148 ? 24.128  5.313   20.643  1.00 19.61  ?  223 GLU A N     1 
ATOM   1058 C  CA    . GLU A 1 148 ? 24.344  6.166   21.847  1.00 21.80  ?  223 GLU A CA    1 
ATOM   1059 C  C     . GLU A 1 148 ? 23.111  7.052   22.069  1.00 20.49  ?  223 GLU A C     1 
ATOM   1060 O  O     . GLU A 1 148 ? 22.654  7.158   23.240  1.00 18.69  ?  223 GLU A O     1 
ATOM   1061 C  CB    . GLU A 1 148 ? 25.560  7.075   21.696  1.00 21.22  ?  223 GLU A CB    1 
ATOM   1062 C  CG    . GLU A 1 148 ? 26.870  6.340   21.778  1.00 22.19  ?  223 GLU A CG    1 
ATOM   1063 C  CD    . GLU A 1 148 ? 27.997  7.310   22.019  1.00 20.52  ?  223 GLU A CD    1 
ATOM   1064 O  OE1   . GLU A 1 148 ? 28.617  7.709   21.034  1.00 21.70  ?  223 GLU A OE1   1 
ATOM   1065 O  OE2   . GLU A 1 148 ? 28.185  7.705   23.198  1.00 20.79  -1 223 GLU A OE2   1 
ATOM   1066 N  N     . HIS A 1 149 ? 22.611  7.683   20.999  1.00 20.18  ?  224 HIS A N     1 
ATOM   1067 C  CA    . HIS A 1 149 ? 21.507  8.673   21.117  1.00 20.27  ?  224 HIS A CA    1 
ATOM   1068 C  C     . HIS A 1 149 ? 20.316  7.963   21.736  1.00 21.97  ?  224 HIS A C     1 
ATOM   1069 O  O     . HIS A 1 149 ? 19.735  8.502   22.750  1.00 21.25  ?  224 HIS A O     1 
ATOM   1070 C  CB    . HIS A 1 149 ? 21.183  9.318   19.769  1.00 22.06  ?  224 HIS A CB    1 
ATOM   1071 C  CG    . HIS A 1 149 ? 22.297  10.126  19.208  1.00 22.37  ?  224 HIS A CG    1 
ATOM   1072 N  ND1   . HIS A 1 149 ? 22.380  10.418  17.861  1.00 22.18  ?  224 HIS A ND1   1 
ATOM   1073 C  CD2   . HIS A 1 149 ? 23.400  10.652  19.804  1.00 24.11  ?  224 HIS A CD2   1 
ATOM   1074 C  CE1   . HIS A 1 149 ? 23.490  11.104  17.634  1.00 25.45  ?  224 HIS A CE1   1 
ATOM   1075 N  NE2   . HIS A 1 149 ? 24.137  11.268  18.829  1.00 25.49  ?  224 HIS A NE2   1 
ATOM   1076 N  N     . HIS A 1 150 ? 20.013  6.764   21.209  1.00 21.96  ?  225 HIS A N     1 
ATOM   1077 C  CA    . HIS A 1 150 ? 18.915  5.907   21.730  1.00 21.02  ?  225 HIS A CA    1 
ATOM   1078 C  C     . HIS A 1 150 ? 19.038  5.776   23.251  1.00 22.12  ?  225 HIS A C     1 
ATOM   1079 O  O     . HIS A 1 150 ? 18.058  6.054   23.983  1.00 22.28  ?  225 HIS A O     1 
ATOM   1080 C  CB    . HIS A 1 150 ? 18.882  4.547   21.027  1.00 18.43  ?  225 HIS A CB    1 
ATOM   1081 C  CG    . HIS A 1 150 ? 18.014  3.604   21.780  1.00 19.96  ?  225 HIS A CG    1 
ATOM   1082 N  ND1   . HIS A 1 150 ? 18.552  2.520   22.486  1.00 19.90  ?  225 HIS A ND1   1 
ATOM   1083 C  CD2   . HIS A 1 150 ? 16.683  3.609   22.024  1.00 18.48  ?  225 HIS A CD2   1 
ATOM   1084 C  CE1   . HIS A 1 150 ? 17.554  1.889   23.113  1.00 20.29  ?  225 HIS A CE1   1 
ATOM   1085 N  NE2   . HIS A 1 150 ? 16.398  2.550   22.857  1.00 20.49  ?  225 HIS A NE2   1 
ATOM   1086 N  N     . HIS A 1 151 ? 20.193  5.311   23.730  1.00 24.74  ?  226 HIS A N     1 
ATOM   1087 C  CA    . HIS A 1 151 ? 20.404  5.001   25.167  1.00 25.14  ?  226 HIS A CA    1 
ATOM   1088 C  C     . HIS A 1 151 ? 20.525  6.304   25.976  1.00 27.97  ?  226 HIS A C     1 
ATOM   1089 O  O     . HIS A 1 151 ? 20.014  6.331   27.096  1.00 29.20  ?  226 HIS A O     1 
ATOM   1090 C  CB    . HIS A 1 151 ? 21.599  4.064   25.326  1.00 27.62  ?  226 HIS A CB    1 
ATOM   1091 C  CG    . HIS A 1 151 ? 21.287  2.656   24.936  1.00 26.12  ?  226 HIS A CG    1 
ATOM   1092 N  ND1   . HIS A 1 151 ? 20.365  1.901   25.624  1.00 25.69  ?  226 HIS A ND1   1 
ATOM   1093 C  CD2   . HIS A 1 151 ? 21.784  1.866   23.961  1.00 26.47  ?  226 HIS A CD2   1 
ATOM   1094 C  CE1   . HIS A 1 151 ? 20.316  0.692   25.095  1.00 25.16  ?  226 HIS A CE1   1 
ATOM   1095 N  NE2   . HIS A 1 151 ? 21.174  0.649   24.074  1.00 25.45  ?  226 HIS A NE2   1 
ATOM   1096 N  N     . HIS A 1 152 ? 21.086  7.376   25.418  1.00 31.88  ?  227 HIS A N     1 
ATOM   1097 C  CA    . HIS A 1 152 ? 21.128  8.683   26.138  1.00 40.74  ?  227 HIS A CA    1 
ATOM   1098 C  C     . HIS A 1 152 ? 19.687  9.075   26.464  1.00 44.05  ?  227 HIS A C     1 
ATOM   1099 O  O     . HIS A 1 152 ? 19.392  9.280   27.648  1.00 52.64  ?  227 HIS A O     1 
ATOM   1100 C  CB    . HIS A 1 152 ? 21.873  9.782   25.365  1.00 43.75  ?  227 HIS A CB    1 
ATOM   1101 C  CG    . HIS A 1 152 ? 21.956  11.063  26.139  1.00 54.56  ?  227 HIS A CG    1 
ATOM   1102 N  ND1   . HIS A 1 152 ? 22.999  11.343  27.017  1.00 54.61  ?  227 HIS A ND1   1 
ATOM   1103 C  CD2   . HIS A 1 152 ? 21.109  12.118  26.219  1.00 55.96  ?  227 HIS A CD2   1 
ATOM   1104 C  CE1   . HIS A 1 152 ? 22.800  12.520  27.574  1.00 53.50  ?  227 HIS A CE1   1 
ATOM   1105 N  NE2   . HIS A 1 152 ? 21.643  13.011  27.112  1.00 54.06  ?  227 HIS A NE2   1 
ATOM   1106 N  N     . HIS A 1 153 ? 18.813  9.062   25.452  1.00 52.66  ?  228 HIS A N     1 
ATOM   1107 C  CA    . HIS A 1 153 ? 17.382  9.472   25.527  1.00 60.75  ?  228 HIS A CA    1 
ATOM   1108 C  C     . HIS A 1 153 ? 16.672  8.862   26.746  1.00 65.83  ?  228 HIS A C     1 
ATOM   1109 O  O     . HIS A 1 153 ? 15.839  9.574   27.348  1.00 63.02  ?  228 HIS A O     1 
ATOM   1110 C  CB    . HIS A 1 153 ? 16.637  9.146   24.220  1.00 61.46  ?  228 HIS A CB    1 
ATOM   1111 C  CG    . HIS A 1 153 ? 15.720  10.252  23.840  1.00 66.79  ?  228 HIS A CG    1 
ATOM   1112 N  ND1   . HIS A 1 153 ? 16.187  11.538  23.613  1.00 69.10  ?  228 HIS A ND1   1 
ATOM   1113 C  CD2   . HIS A 1 153 ? 14.381  10.295  23.703  1.00 68.63  ?  228 HIS A CD2   1 
ATOM   1114 C  CE1   . HIS A 1 153 ? 15.169  12.320  23.324  1.00 71.92  ?  228 HIS A CE1   1 
ATOM   1115 N  NE2   . HIS A 1 153 ? 14.051  11.580  23.368  1.00 71.49  ?  228 HIS A NE2   1 
ATOM   1116 N  N     . HIS A 1 154 ? 16.976  7.608   27.097  1.00 73.40  ?  229 HIS A N     1 
ATOM   1117 C  CA    . HIS A 1 154 ? 16.345  6.871   28.231  1.00 81.48  ?  229 HIS A CA    1 
ATOM   1118 C  C     . HIS A 1 154 ? 17.186  7.028   29.512  1.00 81.78  ?  229 HIS A C     1 
ATOM   1119 O  O     . HIS A 1 154 ? 16.663  6.724   30.597  1.00 81.39  ?  229 HIS A O     1 
ATOM   1120 C  CB    . HIS A 1 154 ? 16.086  5.410   27.825  1.00 81.43  ?  229 HIS A CB    1 
ATOM   1121 C  CG    . HIS A 1 154 ? 15.179  5.259   26.642  1.00 83.72  ?  229 HIS A CG    1 
ATOM   1122 N  ND1   . HIS A 1 154 ? 14.043  6.042   26.464  1.00 80.60  ?  229 HIS A ND1   1 
ATOM   1123 C  CD2   . HIS A 1 154 ? 15.222  4.415   25.588  1.00 78.61  ?  229 HIS A CD2   1 
ATOM   1124 C  CE1   . HIS A 1 154 ? 13.437  5.690   25.350  1.00 78.53  ?  229 HIS A CE1   1 
ATOM   1125 N  NE2   . HIS A 1 154 ? 14.134  4.688   24.799  1.00 80.65  ?  229 HIS A NE2   1 
ATOM   1126 N  N     . HIS A 1 155 ? 18.431  7.500   29.392  1.00 83.60  ?  230 HIS A N     1 
ATOM   1127 C  CA    . HIS A 1 155 ? 19.362  7.791   30.518  1.00 88.57  ?  230 HIS A CA    1 
ATOM   1128 C  C     . HIS A 1 155 ? 19.510  6.564   31.420  1.00 82.34  ?  230 HIS A C     1 
ATOM   1129 O  O     . HIS A 1 155 ? 20.450  5.822   31.181  1.00 80.95  ?  230 HIS A O     1 
ATOM   1130 C  CB    . HIS A 1 155 ? 18.896  9.023   31.297  1.00 94.90  ?  230 HIS A CB    1 
ATOM   1131 C  CG    . HIS A 1 155 ? 19.059  10.293  30.529  1.00 101.79 ?  230 HIS A CG    1 
ATOM   1132 N  ND1   . HIS A 1 155 ? 17.975  11.022  30.060  1.00 96.75  ?  230 HIS A ND1   1 
ATOM   1133 C  CD2   . HIS A 1 155 ? 20.171  10.949  30.125  1.00 104.74 ?  230 HIS A CD2   1 
ATOM   1134 C  CE1   . HIS A 1 155 ? 18.416  12.082  29.411  1.00 100.65 ?  230 HIS A CE1   1 
ATOM   1135 N  NE2   . HIS A 1 155 ? 19.760  12.062  29.438  1.00 106.75 ?  230 HIS A NE2   1 
HETATM 1136 O  O4    . DUP B 2 .   ? 4.253   11.932  9.949   1.00 15.33  ?  301 DUP A O4    1 
HETATM 1137 C  C4    . DUP B 2 .   ? 4.547   12.075  11.125  1.00 15.86  ?  301 DUP A C4    1 
HETATM 1138 C  C5    . DUP B 2 .   ? 5.434   11.186  11.746  1.00 14.51  ?  301 DUP A C5    1 
HETATM 1139 C  C6    . DUP B 2 .   ? 5.763   11.372  13.050  1.00 14.45  ?  301 DUP A C6    1 
HETATM 1140 N  N3    . DUP B 2 .   ? 4.063   13.103  11.842  1.00 15.20  ?  301 DUP A N3    1 
HETATM 1141 C  C2    . DUP B 2 .   ? 4.387   13.267  13.155  1.00 16.99  ?  301 DUP A C2    1 
HETATM 1142 O  O2    . DUP B 2 .   ? 3.890   14.176  13.800  1.00 17.40  ?  301 DUP A O2    1 
HETATM 1143 N  N1    . DUP B 2 .   ? 5.275   12.366  13.758  1.00 14.98  ?  301 DUP A N1    1 
HETATM 1144 C  "C1'" . DUP B 2 .   ? 5.583   12.524  15.143  1.00 15.74  ?  301 DUP A "C1'" 1 
HETATM 1145 C  "C2'" . DUP B 2 .   ? 4.736   11.667  16.054  1.00 14.89  ?  301 DUP A "C2'" 1 
HETATM 1146 C  "C3'" . DUP B 2 .   ? 5.579   10.466  16.248  1.00 15.05  ?  301 DUP A "C3'" 1 
HETATM 1147 O  "O3'" . DUP B 2 .   ? 5.241   9.725   17.461  1.00 14.42  ?  301 DUP A "O3'" 1 
HETATM 1148 O  "O4'" . DUP B 2 .   ? 6.983   12.127  15.378  1.00 14.67  ?  301 DUP A "O4'" 1 
HETATM 1149 C  "C4'" . DUP B 2 .   ? 6.942   11.054  16.347  1.00 14.50  ?  301 DUP A "C4'" 1 
HETATM 1150 C  "C5'" . DUP B 2 .   ? 8.116   10.150  15.991  1.00 15.75  ?  301 DUP A "C5'" 1 
HETATM 1151 O  "O5'" . DUP B 2 .   ? 7.859   9.489   14.756  1.00 15.34  ?  301 DUP A "O5'" 1 
HETATM 1152 P  PA    . DUP B 2 .   ? 8.979   8.496   14.154  1.00 17.34  ?  301 DUP A PA    1 
HETATM 1153 O  O1A   . DUP B 2 .   ? 9.368   7.561   15.296  1.00 16.00  ?  301 DUP A O1A   1 
HETATM 1154 O  O2A   . DUP B 2 .   ? 8.311   7.782   12.993  1.00 17.50  -1 301 DUP A O2A   1 
HETATM 1155 N  N3A   . DUP B 2 .   ? 10.191  9.469   13.521  1.00 17.21  ?  301 DUP A N3A   1 
HETATM 1156 P  PB    . DUP B 2 .   ? 11.622  9.652   14.288  1.00 15.61  ?  301 DUP A PB    1 
HETATM 1157 O  O1B   . DUP B 2 .   ? 12.240  8.334   14.761  1.00 18.03  ?  301 DUP A O1B   1 
HETATM 1158 O  O2B   . DUP B 2 .   ? 12.537  10.430  13.375  1.00 17.65  -1 301 DUP A O2B   1 
HETATM 1159 O  O3B   . DUP B 2 .   ? 11.337  10.513  15.604  1.00 17.41  ?  301 DUP A O3B   1 
HETATM 1160 P  PG    . DUP B 2 .   ? 11.884  10.078  17.102  1.00 19.08  ?  301 DUP A PG    1 
HETATM 1161 O  O2G   . DUP B 2 .   ? 11.316  11.168  17.996  1.00 17.24  -1 301 DUP A O2G   1 
HETATM 1162 O  O1G   . DUP B 2 .   ? 13.395  10.094  17.065  1.00 16.99  ?  301 DUP A O1G   1 
HETATM 1163 O  O3G   . DUP B 2 .   ? 11.223  8.751   17.496  1.00 18.93  -1 301 DUP A O3G   1 
HETATM 1164 MG MG    . MG  C 3 .   ? 11.207  7.150   16.162  1.00 18.03  ?  302 MG  A MG    1 
HETATM 1165 O  O     . HOH D 4 .   ? 2.172   -3.238  -25.258 1.00 43.94  ?  401 HOH A O     1 
HETATM 1166 O  O     . HOH D 4 .   ? 2.370   1.484   -22.928 1.00 43.61  ?  402 HOH A O     1 
HETATM 1167 O  O     . HOH D 4 .   ? 10.287  13.212  24.325  1.00 31.00  ?  403 HOH A O     1 
HETATM 1168 O  O     . HOH D 4 .   ? 0.155   -1.493  -25.832 1.00 43.65  ?  404 HOH A O     1 
HETATM 1169 O  O     . HOH D 4 .   ? -13.668 19.141  25.050  1.00 31.23  ?  405 HOH A O     1 
HETATM 1170 O  O     . HOH D 4 .   ? 11.665  11.428  22.227  1.00 27.26  ?  406 HOH A O     1 
HETATM 1171 O  O     . HOH D 4 .   ? -12.354 22.231  22.562  1.00 49.34  ?  407 HOH A O     1 
HETATM 1172 O  O     . HOH D 4 .   ? -20.781 -6.417  -8.041  1.00 37.74  ?  408 HOH A O     1 
HETATM 1173 O  O     . HOH D 4 .   ? -3.031  -9.768  4.014   1.00 14.44  ?  409 HOH A O     1 
HETATM 1174 O  O     . HOH D 4 .   ? 0.105   -12.493 -16.143 1.00 24.03  ?  410 HOH A O     1 
HETATM 1175 O  O     . HOH D 4 .   ? -15.125 -10.381 2.074   1.00 34.32  ?  411 HOH A O     1 
HETATM 1176 O  O     . HOH D 4 .   ? 17.564  -1.895  -13.043 1.00 60.35  ?  412 HOH A O     1 
HETATM 1177 O  O     . HOH D 4 .   ? -16.156 -5.453  2.518   1.00 29.73  ?  413 HOH A O     1 
HETATM 1178 O  O     . HOH D 4 .   ? 18.741  2.528   27.529  1.00 40.94  ?  414 HOH A O     1 
HETATM 1179 O  O     . HOH D 4 .   ? 6.927   7.729   -1.684  0.33 31.50  ?  415 HOH A O     1 
HETATM 1180 O  O     . HOH D 4 .   ? -0.428  11.862  -14.852 1.00 41.38  ?  416 HOH A O     1 
HETATM 1181 O  O     . HOH D 4 .   ? 6.872   6.779   15.175  1.00 22.05  ?  417 HOH A O     1 
HETATM 1182 O  O     . HOH D 4 .   ? 28.589  6.630   18.644  1.00 28.83  ?  418 HOH A O     1 
HETATM 1183 O  O     . HOH D 4 .   ? -16.159 -8.492  -21.357 1.00 73.82  ?  419 HOH A O     1 
HETATM 1184 O  O     . HOH D 4 .   ? 5.206   3.427   -0.897  1.00 42.37  ?  420 HOH A O     1 
HETATM 1185 O  O     . HOH D 4 .   ? -17.631 -4.157  -15.700 1.00 45.27  ?  421 HOH A O     1 
HETATM 1186 O  O     . HOH D 4 .   ? -5.326  -8.588  -10.026 1.00 18.14  ?  422 HOH A O     1 
HETATM 1187 O  O     . HOH D 4 .   ? 5.222   -11.732 -4.859  1.00 16.60  ?  423 HOH A O     1 
HETATM 1188 O  O     . HOH D 4 .   ? 2.561   -9.307  -18.783 1.00 23.70  ?  424 HOH A O     1 
HETATM 1189 O  O     . HOH D 4 .   ? 1.030   4.903   -0.445  1.00 24.39  ?  425 HOH A O     1 
HETATM 1190 O  O     . HOH D 4 .   ? 0.100   -6.627  -22.950 1.00 51.89  ?  426 HOH A O     1 
HETATM 1191 O  O     . HOH D 4 .   ? 7.244   8.393   10.629  1.00 16.50  ?  427 HOH A O     1 
HETATM 1192 O  O     . HOH D 4 .   ? 6.232   -6.610  -18.748 1.00 31.19  ?  428 HOH A O     1 
HETATM 1193 O  O     . HOH D 4 .   ? 11.979  3.215   -13.950 1.00 26.32  ?  429 HOH A O     1 
HETATM 1194 O  O     . HOH D 4 .   ? -1.936  3.201   -20.807 1.00 42.66  ?  430 HOH A O     1 
HETATM 1195 O  O     . HOH D 4 .   ? -14.944 14.947  26.044  1.00 30.78  ?  431 HOH A O     1 
HETATM 1196 O  O     . HOH D 4 .   ? -6.172  -7.756  -12.394 1.00 16.13  ?  432 HOH A O     1 
HETATM 1197 O  O     . HOH D 4 .   ? 3.134   12.341  7.551   1.00 12.38  ?  433 HOH A O     1 
HETATM 1198 O  O     . HOH D 4 .   ? -20.173 3.258   2.716   1.00 26.01  ?  434 HOH A O     1 
HETATM 1199 O  O     . HOH D 4 .   ? 24.220  6.871   25.397  1.00 21.49  ?  435 HOH A O     1 
HETATM 1200 O  O     . HOH D 4 .   ? 1.855   -13.902 -7.026  1.00 18.35  ?  436 HOH A O     1 
HETATM 1201 O  O     . HOH D 4 .   ? -6.706  2.785   -17.380 1.00 41.81  ?  437 HOH A O     1 
HETATM 1202 O  O     . HOH D 4 .   ? 3.936   -10.242 0.255   1.00 32.87  ?  438 HOH A O     1 
HETATM 1203 O  O     . HOH D 4 .   ? -4.544  -8.899  -15.742 1.00 25.78  ?  439 HOH A O     1 
HETATM 1204 O  O     . HOH D 4 .   ? 21.561  -1.690  22.811  1.00 26.48  ?  440 HOH A O     1 
HETATM 1205 O  O     . HOH D 4 .   ? -10.793 -11.338 -16.063 1.00 29.23  ?  441 HOH A O     1 
HETATM 1206 O  O     . HOH D 4 .   ? 24.027  12.412  14.355  1.00 36.20  ?  442 HOH A O     1 
HETATM 1207 O  O     . HOH D 4 .   ? -2.587  -12.656 -16.188 1.00 23.99  ?  443 HOH A O     1 
HETATM 1208 O  O     . HOH D 4 .   ? 14.534  4.114   -14.807 1.00 35.71  ?  444 HOH A O     1 
HETATM 1209 O  O     . HOH D 4 .   ? 5.621   -4.105  -15.378 1.00 22.43  ?  445 HOH A O     1 
HETATM 1210 O  O     . HOH D 4 .   ? 14.833  10.506  11.938  1.00 15.61  ?  446 HOH A O     1 
HETATM 1211 O  O     . HOH D 4 .   ? 3.469   -0.728  -21.866 1.00 34.45  ?  447 HOH A O     1 
HETATM 1212 O  O     . HOH D 4 .   ? 2.369   -11.864 -2.637  1.00 17.35  ?  448 HOH A O     1 
HETATM 1213 O  O     . HOH D 4 .   ? -3.017  -17.105 9.794   1.00 49.82  ?  449 HOH A O     1 
HETATM 1214 O  O     . HOH D 4 .   ? -11.886 0.377   5.655   1.00 15.18  ?  450 HOH A O     1 
HETATM 1215 O  O     . HOH D 4 .   ? 6.569   -7.279  -11.855 1.00 24.04  ?  451 HOH A O     1 
HETATM 1216 O  O     . HOH D 4 .   ? -13.650 -2.724  -4.732  1.00 19.30  ?  452 HOH A O     1 
HETATM 1217 O  O     . HOH D 4 .   ? 26.262  8.933   24.730  1.00 32.51  ?  453 HOH A O     1 
HETATM 1218 O  O     . HOH D 4 .   ? -2.001  -2.888  10.282  0.33 17.96  ?  454 HOH A O     1 
HETATM 1219 O  O     . HOH D 4 .   ? 17.791  12.792  14.851  1.00 26.53  ?  455 HOH A O     1 
HETATM 1220 O  O     . HOH D 4 .   ? 12.183  1.546   -15.978 1.00 29.07  ?  456 HOH A O     1 
HETATM 1221 O  O     . HOH D 4 .   ? -5.992  -4.633  -21.884 1.00 40.85  ?  457 HOH A O     1 
HETATM 1222 O  O     . HOH D 4 .   ? 0.332   4.587   -21.109 1.00 35.62  ?  458 HOH A O     1 
HETATM 1223 O  O     . HOH D 4 .   ? 4.511   -9.236  -3.388  1.00 12.97  ?  459 HOH A O     1 
HETATM 1224 O  O     . HOH D 4 .   ? 5.811   -9.996  -17.346 1.00 28.82  ?  460 HOH A O     1 
HETATM 1225 O  O     . HOH D 4 .   ? 5.004   -2.304  -6.850  1.00 17.30  ?  461 HOH A O     1 
HETATM 1226 O  O     . HOH D 4 .   ? 8.690   1.388   -3.501  1.00 16.61  ?  462 HOH A O     1 
HETATM 1227 O  O     . HOH D 4 .   ? -9.053  -6.465  13.070  1.00 22.73  ?  463 HOH A O     1 
HETATM 1228 O  O     . HOH D 4 .   ? -4.992  -15.884 -10.918 1.00 20.61  ?  464 HOH A O     1 
HETATM 1229 O  O     . HOH D 4 .   ? 7.248   16.314  17.490  1.00 40.36  ?  465 HOH A O     1 
HETATM 1230 O  O     . HOH D 4 .   ? 3.858   8.868   -17.871 1.00 41.17  ?  466 HOH A O     1 
HETATM 1231 O  O     . HOH D 4 .   ? -12.465 -1.292  -16.937 1.00 35.18  ?  467 HOH A O     1 
HETATM 1232 O  O     . HOH D 4 .   ? 0.579   1.806   0.849   1.00 12.24  ?  468 HOH A O     1 
HETATM 1233 O  O     . HOH D 4 .   ? 8.179   -17.427 -2.808  1.00 28.13  ?  469 HOH A O     1 
HETATM 1234 O  O     . HOH D 4 .   ? 7.501   -1.000  -6.432  1.00 17.18  ?  470 HOH A O     1 
HETATM 1235 O  O     . HOH D 4 .   ? -12.081 -3.221  13.777  1.00 29.80  ?  471 HOH A O     1 
HETATM 1236 O  O     . HOH D 4 .   ? -2.236  -17.545 -4.491  1.00 27.54  ?  472 HOH A O     1 
HETATM 1237 O  O     . HOH D 4 .   ? -11.949 -2.587  -21.243 1.00 38.39  ?  473 HOH A O     1 
HETATM 1238 O  O     . HOH D 4 .   ? -9.969  20.346  22.498  1.00 24.72  ?  474 HOH A O     1 
HETATM 1239 O  O     . HOH D 4 .   ? -1.174  3.514   1.827   1.00 12.42  ?  475 HOH A O     1 
HETATM 1240 O  O     . HOH D 4 .   ? -14.673 2.068   -10.514 1.00 26.64  ?  476 HOH A O     1 
HETATM 1241 O  O     . HOH D 4 .   ? -1.177  12.659  32.710  1.00 49.16  ?  477 HOH A O     1 
HETATM 1242 O  O     . HOH D 4 .   ? 13.337  6.100   -21.179 1.00 46.79  ?  478 HOH A O     1 
HETATM 1243 O  O     . HOH D 4 .   ? 10.090  5.785   17.452  1.00 13.11  ?  479 HOH A O     1 
HETATM 1244 O  O     . HOH D 4 .   ? 19.883  11.381  22.562  1.00 41.21  ?  480 HOH A O     1 
HETATM 1245 O  O     . HOH D 4 .   ? -12.810 -1.326  15.881  1.00 29.62  ?  481 HOH A O     1 
HETATM 1246 O  O     . HOH D 4 .   ? 27.336  9.727   19.372  1.00 29.93  ?  482 HOH A O     1 
HETATM 1247 O  O     . HOH D 4 .   ? -13.870 -3.690  -0.020  1.00 20.40  ?  483 HOH A O     1 
HETATM 1248 O  O     . HOH D 4 .   ? -4.261  -9.814  1.546   1.00 24.68  ?  484 HOH A O     1 
HETATM 1249 O  O     . HOH D 4 .   ? 3.094   14.403  27.786  1.00 35.93  ?  485 HOH A O     1 
HETATM 1250 O  O     . HOH D 4 .   ? -3.803  -2.697  -22.801 1.00 39.75  ?  486 HOH A O     1 
HETATM 1251 O  O     . HOH D 4 .   ? -13.618 4.756   12.648  1.00 31.16  ?  487 HOH A O     1 
HETATM 1252 O  O     . HOH D 4 .   ? -3.058  6.849   -15.751 1.00 39.92  ?  488 HOH A O     1 
HETATM 1253 O  O     . HOH D 4 .   ? -16.575 -9.901  6.726   1.00 42.70  ?  489 HOH A O     1 
HETATM 1254 O  O     . HOH D 4 .   ? 27.436  6.417   15.258  1.00 31.84  ?  490 HOH A O     1 
HETATM 1255 O  O     . HOH D 4 .   ? 6.262   -20.341 0.308   1.00 28.46  ?  491 HOH A O     1 
HETATM 1256 O  O     . HOH D 4 .   ? 7.474   16.678  25.775  1.00 43.32  ?  492 HOH A O     1 
HETATM 1257 O  O     . HOH D 4 .   ? 10.083  -1.317  -18.355 1.00 37.89  ?  493 HOH A O     1 
HETATM 1258 O  O     . HOH D 4 .   ? 10.700  16.766  19.311  1.00 28.61  ?  494 HOH A O     1 
HETATM 1259 O  O     . HOH D 4 .   ? 1.627   7.651   -17.245 1.00 33.02  ?  495 HOH A O     1 
HETATM 1260 O  O     . HOH D 4 .   ? -9.787  16.331  28.931  1.00 43.00  ?  496 HOH A O     1 
HETATM 1261 O  O     . HOH D 4 .   ? 26.247  5.038   18.520  1.00 23.13  ?  497 HOH A O     1 
HETATM 1262 O  O     . HOH D 4 .   ? 26.312  11.998  20.783  1.00 41.62  ?  498 HOH A O     1 
HETATM 1263 O  O     . HOH D 4 .   ? -7.136  -12.428 16.113  1.00 34.08  ?  499 HOH A O     1 
HETATM 1264 O  O     . HOH D 4 .   ? -17.434 8.969   16.871  1.00 50.22  ?  500 HOH A O     1 
HETATM 1265 O  O     . HOH D 4 .   ? -18.980 -7.152  -11.374 1.00 55.83  ?  501 HOH A O     1 
HETATM 1266 O  O     . HOH D 4 .   ? -4.326  -10.982 -23.512 1.00 32.25  ?  502 HOH A O     1 
HETATM 1267 O  O     . HOH D 4 .   ? -1.752  -18.278 5.276   1.00 28.06  ?  503 HOH A O     1 
HETATM 1268 O  O     . HOH D 4 .   ? -12.254 -11.742 9.735   1.00 52.31  ?  504 HOH A O     1 
HETATM 1269 O  O     . HOH D 4 .   ? -16.438 14.639  21.053  1.00 41.84  ?  505 HOH A O     1 
HETATM 1270 O  O     . HOH D 4 .   ? -22.116 -16.703 0.263   1.00 37.63  ?  506 HOH A O     1 
HETATM 1271 O  O     . HOH D 4 .   ? -2.084  -13.125 2.106   1.00 31.77  ?  507 HOH A O     1 
HETATM 1272 O  O     . HOH D 4 .   ? -18.364 -1.899  4.488   1.00 38.32  ?  508 HOH A O     1 
HETATM 1273 O  O     . HOH D 4 .   ? -17.088 -7.696  5.205   1.00 49.43  ?  509 HOH A O     1 
HETATM 1274 O  O     . HOH D 4 .   ? 1.681   1.490   5.347   0.33 32.81  ?  510 HOH A O     1 
HETATM 1275 O  O     . HOH D 4 .   ? 11.328  -6.235  -12.900 1.00 55.05  ?  511 HOH A O     1 
HETATM 1276 O  O     . HOH D 4 .   ? 4.217   1.990   1.190   1.00 29.21  ?  512 HOH A O     1 
HETATM 1277 O  O     . HOH D 4 .   ? -6.328  -11.774 -17.875 1.00 38.40  ?  513 HOH A O     1 
HETATM 1278 O  O     . HOH D 4 .   ? 0.460   0.039   6.983   0.33 17.55  ?  514 HOH A O     1 
HETATM 1279 O  O     . HOH D 4 .   ? -2.343  -15.375 11.233  1.00 30.86  ?  515 HOH A O     1 
HETATM 1280 O  O     . HOH D 4 .   ? -17.590 -0.773  -10.059 1.00 44.34  ?  516 HOH A O     1 
HETATM 1281 O  O     . HOH D 4 .   ? -1.587  -11.154 -20.181 1.00 29.84  ?  517 HOH A O     1 
HETATM 1282 O  O     . HOH D 4 .   ? -8.105  -10.245 -24.265 1.00 46.04  ?  518 HOH A O     1 
HETATM 1283 O  O     . HOH D 4 .   ? 9.025   -7.819  -10.333 1.00 20.43  ?  519 HOH A O     1 
HETATM 1284 O  O     . HOH D 4 .   ? -2.150  -16.975 3.001   1.00 42.19  ?  520 HOH A O     1 
HETATM 1285 O  O     . HOH D 4 .   ? -16.863 5.541   13.864  1.00 44.26  ?  521 HOH A O     1 
HETATM 1286 O  O     . HOH D 4 .   ? -3.256  -11.002 -17.963 1.00 25.08  ?  522 HOH A O     1 
HETATM 1287 O  O     . HOH D 4 .   ? 5.979   -4.765  -26.410 1.00 70.77  ?  523 HOH A O     1 
HETATM 1288 O  O     . HOH D 4 .   ? -11.267 -8.202  14.050  1.00 30.65  ?  524 HOH A O     1 
HETATM 1289 O  O     . HOH D 4 .   ? 4.266   -6.161  -25.248 1.00 54.38  ?  525 HOH A O     1 
HETATM 1290 O  O     . HOH D 4 .   ? 3.984   17.341  25.815  1.00 43.35  ?  526 HOH A O     1 
HETATM 1291 O  O     . HOH D 4 .   ? 16.845  -0.457  24.571  1.00 37.26  ?  527 HOH A O     1 
HETATM 1292 O  O     . HOH D 4 .   ? -4.525  0.276   -22.725 1.00 57.98  ?  528 HOH A O     1 
HETATM 1293 O  O     . HOH D 4 .   ? 11.830  2.032   25.541  1.00 50.52  ?  529 HOH A O     1 
HETATM 1294 O  O     . HOH D 4 .   ? 3.193   3.289   3.320   0.33 18.84  ?  530 HOH A O     1 
HETATM 1295 O  O     . HOH D 4 .   ? 5.472   5.998   0.266   0.33 37.23  ?  531 HOH A O     1 
HETATM 1296 O  O     . HOH D 4 .   ? -7.314  -3.818  -23.539 1.00 55.87  ?  532 HOH A O     1 
HETATM 1297 O  O     . HOH D 4 .   ? -5.289  -6.530  -23.454 1.00 66.22  ?  533 HOH A O     1 
HETATM 1298 O  O     . HOH D 4 .   ? -2.716  -6.085  -24.062 1.00 47.83  ?  534 HOH A O     1 
HETATM 1299 O  O     . HOH D 4 .   ? 11.551  -6.740  -10.641 1.00 45.44  ?  535 HOH A O     1 
HETATM 1300 O  O     . HOH D 4 .   ? 18.563  14.999  19.073  1.00 53.69  ?  536 HOH A O     1 
HETATM 1301 O  O     . HOH D 4 .   ? 5.841   -0.005  -25.762 1.00 61.97  ?  537 HOH A O     1 
HETATM 1302 O  O     . HOH D 4 .   ? 10.816  8.561   25.456  1.00 25.61  ?  538 HOH A O     1 
HETATM 1303 O  O     . HOH D 4 .   ? 18.562  -2.111  23.571  1.00 37.16  ?  539 HOH A O     1 
HETATM 1304 O  O     . HOH D 4 .   ? -9.919  3.272   -11.235 1.00 38.41  ?  540 HOH A O     1 
HETATM 1305 O  O     . HOH D 4 .   ? 9.838   -3.659  -17.150 1.00 45.17  ?  541 HOH A O     1 
HETATM 1306 O  O     . HOH D 4 .   ? -8.677  -12.327 -23.005 1.00 36.01  ?  542 HOH A O     1 
HETATM 1307 O  O     . HOH D 4 .   ? -9.317  1.490   -19.471 1.00 53.64  ?  543 HOH A O     1 
HETATM 1308 O  O     . HOH D 4 .   ? 14.870  11.801  -11.446 1.00 42.17  ?  544 HOH A O     1 
HETATM 1309 O  O     . HOH D 4 .   ? 7.004   -5.938  -14.197 1.00 30.41  ?  545 HOH A O     1 
HETATM 1310 O  O     . HOH D 4 .   ? -15.869 -11.710 7.755   1.00 52.14  ?  546 HOH A O     1 
HETATM 1311 O  O     . HOH D 4 .   ? -10.514 -18.868 -13.056 1.00 38.79  ?  547 HOH A O     1 
HETATM 1312 O  O     . HOH D 4 .   ? 24.222  6.791   32.664  1.00 42.15  ?  548 HOH A O     1 
HETATM 1313 O  O     . HOH D 4 .   ? 6.197   -8.296  -20.731 1.00 39.94  ?  549 HOH A O     1 
HETATM 1314 O  O     . HOH D 4 .   ? 0.374   -12.666 -18.786 1.00 23.60  ?  550 HOH A O     1 
HETATM 1315 O  O     . HOH D 4 .   ? -9.352  26.570  25.987  1.00 54.90  ?  551 HOH A O     1 
HETATM 1316 O  O     . HOH D 4 .   ? -2.559  -9.085  -23.825 0.50 48.02  ?  552 HOH A O     1 
HETATM 1317 O  O     . HOH D 4 .   ? -5.168  -18.060 -4.188  1.00 50.94  ?  553 HOH A O     1 
HETATM 1318 O  O     . HOH D 4 .   ? 5.430   -22.838 -0.302  1.00 46.48  ?  554 HOH A O     1 
HETATM 1319 O  O     . HOH D 4 .   ? -3.021  -14.887 -17.738 1.00 20.80  ?  555 HOH A O     1 
HETATM 1320 O  O     . HOH D 4 .   ? 4.465   7.709   -23.549 1.00 45.29  ?  556 HOH A O     1 
HETATM 1321 O  O     . HOH D 4 .   ? 6.766   6.597   -24.530 1.00 47.30  ?  557 HOH A O     1 
HETATM 1322 O  O     . HOH D 4 .   ? 6.780   5.585   31.183  1.00 56.97  ?  558 HOH A O     1 
# 
loop_
_pdbx_poly_seq_scheme.asym_id 
_pdbx_poly_seq_scheme.entity_id 
_pdbx_poly_seq_scheme.seq_id 
_pdbx_poly_seq_scheme.mon_id 
_pdbx_poly_seq_scheme.ndb_seq_num 
_pdbx_poly_seq_scheme.pdb_seq_num 
_pdbx_poly_seq_scheme.auth_seq_num 
_pdbx_poly_seq_scheme.pdb_mon_id 
_pdbx_poly_seq_scheme.auth_mon_id 
_pdbx_poly_seq_scheme.pdb_strand_id 
_pdbx_poly_seq_scheme.pdb_ins_code 
_pdbx_poly_seq_scheme.hetero 
A 1 1   ALA 1   76  ?   ?   ?   A . n 
A 1 2   GLU 2   77  ?   ?   ?   A . n 
A 1 3   GLU 3   78  ?   ?   ?   A . n 
A 1 4   SER 4   79  ?   ?   ?   A . n 
A 1 5   ARG 5   80  ?   ?   ?   A . n 
A 1 6   LYS 6   81  81  LYS LYS A . n 
A 1 7   ARG 7   82  82  ARG ARG A . n 
A 1 8   LEU 8   83  83  LEU LEU A . n 
A 1 9   ARG 9   84  84  ARG ARG A . n 
A 1 10  PHE 10  85  85  PHE PHE A . n 
A 1 11  ALA 11  86  86  ALA ALA A . n 
A 1 12  ARG 12  87  87  ARG ARG A . n 
A 1 13  LEU 13  88  88  LEU LEU A . n 
A 1 14  SER 14  89  89  SER SER A . n 
A 1 15  GLU 15  90  90  GLU GLU A . n 
A 1 16  HIS 16  91  91  HIS HIS A . n 
A 1 17  ALA 17  92  92  ALA ALA A . n 
A 1 18  THR 18  93  93  THR THR A . n 
A 1 19  ALA 19  94  94  ALA ALA A . n 
A 1 20  PRO 20  95  95  PRO PRO A . n 
A 1 21  THR 21  96  96  THR THR A . n 
A 1 22  LYS 22  97  97  LYS LYS A . n 
A 1 23  GLY 23  98  98  GLY GLY A . n 
A 1 24  SER 24  99  99  SER SER A . n 
A 1 25  GLU 25  100 100 GLU GLU A . n 
A 1 26  ARG 26  101 101 ARG ARG A . n 
A 1 27  ALA 27  102 102 ALA ALA A . n 
A 1 28  ALA 28  103 103 ALA ALA A . n 
A 1 29  GLY 29  104 104 GLY GLY A . n 
A 1 30  TYR 30  105 105 TYR TYR A . n 
A 1 31  ASP 31  106 106 ASP ASP A . n 
A 1 32  LEU 32  107 107 LEU LEU A . n 
A 1 33  TYR 33  108 108 TYR TYR A . n 
A 1 34  SER 34  109 109 SER SER A . n 
A 1 35  ALA 35  110 110 ALA ALA A . n 
A 1 36  TYR 36  111 111 TYR TYR A . n 
A 1 37  ASP 37  112 112 ASP ASP A . n 
A 1 38  TYR 38  113 113 TYR TYR A . n 
A 1 39  THR 39  114 114 THR THR A . n 
A 1 40  VAL 40  115 115 VAL VAL A . n 
A 1 41  LEU 41  116 116 LEU LEU A . n 
A 1 42  PRO 42  117 117 PRO PRO A . n 
A 1 43  MET 43  118 118 MET MET A . n 
A 1 44  GLU 44  119 119 GLU GLU A . n 
A 1 45  LYS 45  120 120 LYS LYS A . n 
A 1 46  ALA 46  121 121 ALA ALA A . n 
A 1 47  ILE 47  122 122 ILE ILE A . n 
A 1 48  VAL 48  123 123 VAL VAL A . n 
A 1 49  LYS 49  124 124 LYS LYS A . n 
A 1 50  THR 50  125 125 THR THR A . n 
A 1 51  ASP 51  126 126 ASP ASP A . n 
A 1 52  ILE 52  127 127 ILE ILE A . n 
A 1 53  GLN 53  128 128 GLN GLN A . n 
A 1 54  ILE 54  129 129 ILE ILE A . n 
A 1 55  ALA 55  130 130 ALA ALA A . n 
A 1 56  LEU 56  131 131 LEU LEU A . n 
A 1 57  PRO 57  132 132 PRO PRO A . n 
A 1 58  SER 58  133 133 SER SER A . n 
A 1 59  GLY 59  134 134 GLY GLY A . n 
A 1 60  CYS 60  135 135 CYS CYS A . n 
A 1 61  TYR 61  136 136 TYR TYR A . n 
A 1 62  GLY 62  137 137 GLY GLY A . n 
A 1 63  ARG 63  138 138 ARG ARG A . n 
A 1 64  VAL 64  139 139 VAL VAL A . n 
A 1 65  ALA 65  140 140 ALA ALA A . n 
A 1 66  PRO 66  141 141 PRO PRO A . n 
A 1 67  ARG 67  142 142 ARG ARG A . n 
A 1 68  SER 68  143 143 SER SER A . n 
A 1 69  GLY 69  144 144 GLY GLY A . n 
A 1 70  LEU 70  145 145 LEU LEU A . n 
A 1 71  ALA 71  146 146 ALA ALA A . n 
A 1 72  ALA 72  147 147 ALA ALA A . n 
A 1 73  LYS 73  148 148 LYS LYS A . n 
A 1 74  HIS 74  149 149 HIS HIS A . n 
A 1 75  PHE 75  150 150 PHE PHE A . n 
A 1 76  ILE 76  151 151 ILE ILE A . n 
A 1 77  ASP 77  152 152 ASP ASP A . n 
A 1 78  VAL 78  153 153 VAL VAL A . n 
A 1 79  GLY 79  154 154 GLY GLY A . n 
A 1 80  ALA 80  155 155 ALA ALA A . n 
A 1 81  GLY 81  156 156 GLY GLY A . n 
A 1 82  VAL 82  157 157 VAL VAL A . n 
A 1 83  ILE 83  158 158 ILE ILE A . n 
A 1 84  ASP 84  159 159 ASP ASP A . n 
A 1 85  GLU 85  160 160 GLU GLU A . n 
A 1 86  ASP 86  161 161 ASP ASP A . n 
A 1 87  TYR 87  162 162 TYR TYR A . n 
A 1 88  ARG 88  163 163 ARG ARG A . n 
A 1 89  GLY 89  164 164 GLY GLY A . n 
A 1 90  ASN 90  165 165 ASN ASN A . n 
A 1 91  VAL 91  166 166 VAL VAL A . n 
A 1 92  GLY 92  167 167 GLY GLY A . n 
A 1 93  VAL 93  168 168 VAL VAL A . n 
A 1 94  VAL 94  169 169 VAL VAL A . n 
A 1 95  LEU 95  170 170 LEU LEU A . n 
A 1 96  PHE 96  171 171 PHE PHE A . n 
A 1 97  ASN 97  172 172 ASN ASN A . n 
A 1 98  PHE 98  173 173 PHE PHE A . n 
A 1 99  GLY 99  174 174 GLY GLY A . n 
A 1 100 LYS 100 175 175 LYS LYS A . n 
A 1 101 GLU 101 176 176 GLU GLU A . n 
A 1 102 LYS 102 177 177 LYS LYS A . n 
A 1 103 PHE 103 178 178 PHE PHE A . n 
A 1 104 GLU 104 179 179 GLU GLU A . n 
A 1 105 VAL 105 180 180 VAL VAL A . n 
A 1 106 LYS 106 181 181 LYS LYS A . n 
A 1 107 LYS 107 182 182 LYS LYS A . n 
A 1 108 GLY 108 183 183 GLY GLY A . n 
A 1 109 ASP 109 184 184 ASP ASP A . n 
A 1 110 ARG 110 185 185 ARG ARG A . n 
A 1 111 ILE 111 186 186 ILE ILE A . n 
A 1 112 ALA 112 187 187 ALA ALA A . n 
A 1 113 GLN 113 188 188 GLN GLN A . n 
A 1 114 LEU 114 189 189 LEU LEU A . n 
A 1 115 ILE 115 190 190 ILE ILE A . n 
A 1 116 CYS 116 191 191 CYS CYS A . n 
A 1 117 GLU 117 192 192 GLU GLU A . n 
A 1 118 ARG 118 193 193 ARG ARG A . n 
A 1 119 ILE 119 194 194 ILE ILE A . n 
A 1 120 PHE 120 195 195 PHE PHE A . n 
A 1 121 TYR 121 196 196 TYR TYR A . n 
A 1 122 PRO 122 197 197 PRO PRO A . n 
A 1 123 GLU 123 198 198 GLU GLU A . n 
A 1 124 ILE 124 199 199 ILE ILE A . n 
A 1 125 GLU 125 200 200 GLU GLU A . n 
A 1 126 GLU 126 201 201 GLU GLU A . n 
A 1 127 VAL 127 202 202 VAL VAL A . n 
A 1 128 GLN 128 203 203 GLN GLN A . n 
A 1 129 VAL 129 204 204 VAL VAL A . n 
A 1 130 LEU 130 205 205 LEU LEU A . n 
A 1 131 ASP 131 206 206 ASP ASP A . n 
A 1 132 ASP 132 207 207 ASP ASP A . n 
A 1 133 THR 133 208 208 THR THR A . n 
A 1 134 GLU 134 209 209 GLU GLU A . n 
A 1 135 ARG 135 210 210 ARG ARG A . n 
A 1 136 GLY 136 211 211 GLY GLY A . n 
A 1 137 SER 137 212 212 SER SER A . n 
A 1 138 GLY 138 213 213 GLY GLY A . n 
A 1 139 GLY 139 214 214 GLY GLY A . n 
A 1 140 PHE 140 215 215 PHE PHE A . n 
A 1 141 GLY 141 216 216 GLY GLY A . n 
A 1 142 SER 142 217 217 SER SER A . n 
A 1 143 THR 143 218 218 THR THR A . n 
A 1 144 GLY 144 219 219 GLY GLY A . n 
A 1 145 THR 145 220 220 THR THR A . n 
A 1 146 ASN 146 221 221 ASN ASN A . n 
A 1 147 LEU 147 222 222 LEU LEU A . n 
A 1 148 GLU 148 223 223 GLU GLU A . n 
A 1 149 HIS 149 224 224 HIS HIS A . n 
A 1 150 HIS 150 225 225 HIS HIS A . n 
A 1 151 HIS 151 226 226 HIS HIS A . n 
A 1 152 HIS 152 227 227 HIS HIS A . n 
A 1 153 HIS 153 228 228 HIS HIS A . n 
A 1 154 HIS 154 229 229 HIS HIS A . n 
A 1 155 HIS 155 230 230 HIS HIS A . n 
# 
loop_
_pdbx_nonpoly_scheme.asym_id 
_pdbx_nonpoly_scheme.entity_id 
_pdbx_nonpoly_scheme.mon_id 
_pdbx_nonpoly_scheme.ndb_seq_num 
_pdbx_nonpoly_scheme.pdb_seq_num 
_pdbx_nonpoly_scheme.auth_seq_num 
_pdbx_nonpoly_scheme.pdb_mon_id 
_pdbx_nonpoly_scheme.auth_mon_id 
_pdbx_nonpoly_scheme.pdb_strand_id 
_pdbx_nonpoly_scheme.pdb_ins_code 
B 2 DUP 1   301 1   DUP DUP A . 
C 3 MG  1   302 2   MG  MG  A . 
D 4 HOH 1   401 142 HOH HOH A . 
D 4 HOH 2   402 50  HOH HOH A . 
D 4 HOH 3   403 32  HOH HOH A . 
D 4 HOH 4   404 135 HOH HOH A . 
D 4 HOH 5   405 58  HOH HOH A . 
D 4 HOH 6   406 47  HOH HOH A . 
D 4 HOH 7   407 131 HOH HOH A . 
D 4 HOH 8   408 130 HOH HOH A . 
D 4 HOH 9   409 39  HOH HOH A . 
D 4 HOH 10  410 83  HOH HOH A . 
D 4 HOH 11  411 76  HOH HOH A . 
D 4 HOH 12  412 69  HOH HOH A . 
D 4 HOH 13  413 20  HOH HOH A . 
D 4 HOH 14  414 141 HOH HOH A . 
D 4 HOH 15  415 112 HOH HOH A . 
D 4 HOH 16  416 93  HOH HOH A . 
D 4 HOH 17  417 100 HOH HOH A . 
D 4 HOH 18  418 42  HOH HOH A . 
D 4 HOH 19  419 150 HOH HOH A . 
D 4 HOH 20  420 127 HOH HOH A . 
D 4 HOH 21  421 148 HOH HOH A . 
D 4 HOH 22  422 19  HOH HOH A . 
D 4 HOH 23  423 82  HOH HOH A . 
D 4 HOH 24  424 13  HOH HOH A . 
D 4 HOH 25  425 103 HOH HOH A . 
D 4 HOH 26  426 120 HOH HOH A . 
D 4 HOH 27  427 96  HOH HOH A . 
D 4 HOH 28  428 51  HOH HOH A . 
D 4 HOH 29  429 27  HOH HOH A . 
D 4 HOH 30  430 35  HOH HOH A . 
D 4 HOH 31  431 91  HOH HOH A . 
D 4 HOH 32  432 15  HOH HOH A . 
D 4 HOH 33  433 81  HOH HOH A . 
D 4 HOH 34  434 60  HOH HOH A . 
D 4 HOH 35  435 40  HOH HOH A . 
D 4 HOH 36  436 12  HOH HOH A . 
D 4 HOH 37  437 38  HOH HOH A . 
D 4 HOH 38  438 108 HOH HOH A . 
D 4 HOH 39  439 14  HOH HOH A . 
D 4 HOH 40  440 33  HOH HOH A . 
D 4 HOH 41  441 7   HOH HOH A . 
D 4 HOH 42  442 62  HOH HOH A . 
D 4 HOH 43  443 52  HOH HOH A . 
D 4 HOH 44  444 106 HOH HOH A . 
D 4 HOH 45  445 3   HOH HOH A . 
D 4 HOH 46  446 77  HOH HOH A . 
D 4 HOH 47  447 111 HOH HOH A . 
D 4 HOH 48  448 16  HOH HOH A . 
D 4 HOH 49  449 151 HOH HOH A . 
D 4 HOH 50  450 5   HOH HOH A . 
D 4 HOH 51  451 26  HOH HOH A . 
D 4 HOH 52  452 1   HOH HOH A . 
D 4 HOH 53  453 86  HOH HOH A . 
D 4 HOH 54  454 123 HOH HOH A . 
D 4 HOH 55  455 75  HOH HOH A . 
D 4 HOH 56  456 23  HOH HOH A . 
D 4 HOH 57  457 48  HOH HOH A . 
D 4 HOH 58  458 9   HOH HOH A . 
D 4 HOH 59  459 79  HOH HOH A . 
D 4 HOH 60  460 56  HOH HOH A . 
D 4 HOH 61  461 17  HOH HOH A . 
D 4 HOH 62  462 95  HOH HOH A . 
D 4 HOH 63  463 25  HOH HOH A . 
D 4 HOH 64  464 57  HOH HOH A . 
D 4 HOH 65  465 70  HOH HOH A . 
D 4 HOH 66  466 85  HOH HOH A . 
D 4 HOH 67  467 10  HOH HOH A . 
D 4 HOH 68  468 99  HOH HOH A . 
D 4 HOH 69  469 80  HOH HOH A . 
D 4 HOH 70  470 2   HOH HOH A . 
D 4 HOH 71  471 36  HOH HOH A . 
D 4 HOH 72  472 24  HOH HOH A . 
D 4 HOH 73  473 6   HOH HOH A . 
D 4 HOH 74  474 8   HOH HOH A . 
D 4 HOH 75  475 97  HOH HOH A . 
D 4 HOH 76  476 46  HOH HOH A . 
D 4 HOH 77  477 30  HOH HOH A . 
D 4 HOH 78  478 72  HOH HOH A . 
D 4 HOH 79  479 59  HOH HOH A . 
D 4 HOH 80  480 66  HOH HOH A . 
D 4 HOH 81  481 21  HOH HOH A . 
D 4 HOH 82  482 94  HOH HOH A . 
D 4 HOH 83  483 29  HOH HOH A . 
D 4 HOH 84  484 31  HOH HOH A . 
D 4 HOH 85  485 98  HOH HOH A . 
D 4 HOH 86  486 28  HOH HOH A . 
D 4 HOH 87  487 88  HOH HOH A . 
D 4 HOH 88  488 34  HOH HOH A . 
D 4 HOH 89  489 143 HOH HOH A . 
D 4 HOH 90  490 84  HOH HOH A . 
D 4 HOH 91  491 74  HOH HOH A . 
D 4 HOH 92  492 146 HOH HOH A . 
D 4 HOH 93  493 61  HOH HOH A . 
D 4 HOH 94  494 71  HOH HOH A . 
D 4 HOH 95  495 11  HOH HOH A . 
D 4 HOH 96  496 128 HOH HOH A . 
D 4 HOH 97  497 139 HOH HOH A . 
D 4 HOH 98  498 45  HOH HOH A . 
D 4 HOH 99  499 53  HOH HOH A . 
D 4 HOH 100 500 119 HOH HOH A . 
D 4 HOH 101 501 63  HOH HOH A . 
D 4 HOH 102 502 65  HOH HOH A . 
D 4 HOH 103 503 55  HOH HOH A . 
D 4 HOH 104 504 43  HOH HOH A . 
D 4 HOH 105 505 64  HOH HOH A . 
D 4 HOH 106 506 140 HOH HOH A . 
D 4 HOH 107 507 54  HOH HOH A . 
D 4 HOH 108 508 49  HOH HOH A . 
D 4 HOH 109 509 92  HOH HOH A . 
D 4 HOH 110 510 101 HOH HOH A . 
D 4 HOH 111 511 110 HOH HOH A . 
D 4 HOH 112 512 102 HOH HOH A . 
D 4 HOH 113 513 18  HOH HOH A . 
D 4 HOH 114 514 124 HOH HOH A . 
D 4 HOH 115 515 90  HOH HOH A . 
D 4 HOH 116 516 109 HOH HOH A . 
D 4 HOH 117 517 22  HOH HOH A . 
D 4 HOH 118 518 118 HOH HOH A . 
D 4 HOH 119 519 78  HOH HOH A . 
D 4 HOH 120 520 89  HOH HOH A . 
D 4 HOH 121 521 73  HOH HOH A . 
D 4 HOH 122 522 37  HOH HOH A . 
D 4 HOH 123 523 149 HOH HOH A . 
D 4 HOH 124 524 44  HOH HOH A . 
D 4 HOH 125 525 133 HOH HOH A . 
D 4 HOH 126 526 134 HOH HOH A . 
D 4 HOH 127 527 154 HOH HOH A . 
D 4 HOH 128 528 158 HOH HOH A . 
D 4 HOH 129 529 126 HOH HOH A . 
D 4 HOH 130 530 122 HOH HOH A . 
D 4 HOH 131 531 104 HOH HOH A . 
D 4 HOH 132 532 138 HOH HOH A . 
D 4 HOH 133 533 116 HOH HOH A . 
D 4 HOH 134 534 117 HOH HOH A . 
D 4 HOH 135 535 68  HOH HOH A . 
D 4 HOH 136 536 156 HOH HOH A . 
D 4 HOH 137 537 157 HOH HOH A . 
D 4 HOH 138 538 125 HOH HOH A . 
D 4 HOH 139 539 145 HOH HOH A . 
D 4 HOH 140 540 153 HOH HOH A . 
D 4 HOH 141 541 67  HOH HOH A . 
D 4 HOH 142 542 107 HOH HOH A . 
D 4 HOH 143 543 137 HOH HOH A . 
D 4 HOH 144 544 147 HOH HOH A . 
D 4 HOH 145 545 113 HOH HOH A . 
D 4 HOH 146 546 115 HOH HOH A . 
D 4 HOH 147 547 114 HOH HOH A . 
D 4 HOH 148 548 87  HOH HOH A . 
D 4 HOH 149 549 144 HOH HOH A . 
D 4 HOH 150 550 41  HOH HOH A . 
D 4 HOH 151 551 121 HOH HOH A . 
D 4 HOH 152 552 105 HOH HOH A . 
D 4 HOH 153 553 155 HOH HOH A . 
D 4 HOH 154 554 129 HOH HOH A . 
D 4 HOH 155 555 4   HOH HOH A . 
D 4 HOH 156 556 132 HOH HOH A . 
D 4 HOH 157 557 136 HOH HOH A . 
D 4 HOH 158 558 152 HOH HOH A . 
# 
_pdbx_struct_assembly.id                   1 
_pdbx_struct_assembly.details              author_and_software_defined_assembly 
_pdbx_struct_assembly.method_details       PISA 
_pdbx_struct_assembly.oligomeric_details   trimeric 
_pdbx_struct_assembly.oligomeric_count     3 
# 
_pdbx_struct_assembly_gen.assembly_id       1 
_pdbx_struct_assembly_gen.oper_expression   1,2,3 
_pdbx_struct_assembly_gen.asym_id_list      A,B,C,D 
# 
loop_
_pdbx_struct_assembly_prop.biol_id 
_pdbx_struct_assembly_prop.type 
_pdbx_struct_assembly_prop.value 
_pdbx_struct_assembly_prop.details 
1 'ABSA (A^2)' 16920 ? 
1 MORE         -103  ? 
1 'SSA (A^2)'  16200 ? 
# 
loop_
_pdbx_struct_oper_list.id 
_pdbx_struct_oper_list.type 
_pdbx_struct_oper_list.name 
_pdbx_struct_oper_list.symmetry_operation 
_pdbx_struct_oper_list.matrix[1][1] 
_pdbx_struct_oper_list.matrix[1][2] 
_pdbx_struct_oper_list.matrix[1][3] 
_pdbx_struct_oper_list.vector[1] 
_pdbx_struct_oper_list.matrix[2][1] 
_pdbx_struct_oper_list.matrix[2][2] 
_pdbx_struct_oper_list.matrix[2][3] 
_pdbx_struct_oper_list.vector[2] 
_pdbx_struct_oper_list.matrix[3][1] 
_pdbx_struct_oper_list.matrix[3][2] 
_pdbx_struct_oper_list.matrix[3][3] 
_pdbx_struct_oper_list.vector[3] 
1 'identity operation'         1_555  x,y,z   1.0000000000  0.0000000000  0.0000000000  0.0000000000 0.0000000000  1.0000000000 0.0000000000  0.0000000000 0.0000000000  0.0000000000  1.0000000000 0.0000000000 
2 'crystal symmetry operation' 59_555 y,-z,-x -0.1437289857 -0.1419911296 -0.9793776073 7.3707373191 0.9893158318  0.0038012652 -0.1457385853 0.6010473272 0.0244164603  -0.9898606313 0.1399277206 6.0329599660 
3 'crystal symmetry operation' 80_555 -z,x,-y -0.1437289857 0.9893158318  0.0244164603  0.3174594346 -0.1419911296 0.0038012652 -0.9898606313 7.0160841388 -0.9793776073 -0.1457385853 0.1399277206 6.4621525308 
# 
loop_
_pdbx_struct_special_symmetry.id 
_pdbx_struct_special_symmetry.PDB_model_num 
_pdbx_struct_special_symmetry.auth_asym_id 
_pdbx_struct_special_symmetry.auth_comp_id 
_pdbx_struct_special_symmetry.auth_seq_id 
_pdbx_struct_special_symmetry.PDB_ins_code 
_pdbx_struct_special_symmetry.label_asym_id 
_pdbx_struct_special_symmetry.label_comp_id 
_pdbx_struct_special_symmetry.label_seq_id 
1 1 A HOH 415 ? D HOH . 
2 1 A HOH 454 ? D HOH . 
3 1 A HOH 510 ? D HOH . 
4 1 A HOH 514 ? D HOH . 
5 1 A HOH 530 ? D HOH . 
6 1 A HOH 531 ? D HOH . 
7 1 A HOH 552 ? D HOH . 
# 
loop_
_pdbx_struct_conn_angle.id 
_pdbx_struct_conn_angle.ptnr1_label_atom_id 
_pdbx_struct_conn_angle.ptnr1_label_alt_id 
_pdbx_struct_conn_angle.ptnr1_label_asym_id 
_pdbx_struct_conn_angle.ptnr1_label_comp_id 
_pdbx_struct_conn_angle.ptnr1_label_seq_id 
_pdbx_struct_conn_angle.ptnr1_auth_atom_id 
_pdbx_struct_conn_angle.ptnr1_auth_asym_id 
_pdbx_struct_conn_angle.ptnr1_auth_comp_id 
_pdbx_struct_conn_angle.ptnr1_auth_seq_id 
_pdbx_struct_conn_angle.ptnr1_PDB_ins_code 
_pdbx_struct_conn_angle.ptnr1_symmetry 
_pdbx_struct_conn_angle.ptnr2_label_atom_id 
_pdbx_struct_conn_angle.ptnr2_label_alt_id 
_pdbx_struct_conn_angle.ptnr2_label_asym_id 
_pdbx_struct_conn_angle.ptnr2_label_comp_id 
_pdbx_struct_conn_angle.ptnr2_label_seq_id 
_pdbx_struct_conn_angle.ptnr2_auth_atom_id 
_pdbx_struct_conn_angle.ptnr2_auth_asym_id 
_pdbx_struct_conn_angle.ptnr2_auth_comp_id 
_pdbx_struct_conn_angle.ptnr2_auth_seq_id 
_pdbx_struct_conn_angle.ptnr2_PDB_ins_code 
_pdbx_struct_conn_angle.ptnr2_symmetry 
_pdbx_struct_conn_angle.ptnr3_label_atom_id 
_pdbx_struct_conn_angle.ptnr3_label_alt_id 
_pdbx_struct_conn_angle.ptnr3_label_asym_id 
_pdbx_struct_conn_angle.ptnr3_label_comp_id 
_pdbx_struct_conn_angle.ptnr3_label_seq_id 
_pdbx_struct_conn_angle.ptnr3_auth_atom_id 
_pdbx_struct_conn_angle.ptnr3_auth_asym_id 
_pdbx_struct_conn_angle.ptnr3_auth_comp_id 
_pdbx_struct_conn_angle.ptnr3_auth_seq_id 
_pdbx_struct_conn_angle.ptnr3_PDB_ins_code 
_pdbx_struct_conn_angle.ptnr3_symmetry 
_pdbx_struct_conn_angle.value 
_pdbx_struct_conn_angle.value_esd 
1  O1A ? B DUP . ? A DUP 301 ? 1_555  MG ? C MG . ? A MG 302 ? 1_555 O1B ? B DUP . ? A DUP 301 ? 1_555  92.7  ? 
2  O1A ? B DUP . ? A DUP 301 ? 1_555  MG ? C MG . ? A MG 302 ? 1_555 O3G ? B DUP . ? A DUP 301 ? 1_555  97.0  ? 
3  O1B ? B DUP . ? A DUP 301 ? 1_555  MG ? C MG . ? A MG 302 ? 1_555 O3G ? B DUP . ? A DUP 301 ? 1_555  89.4  ? 
4  O1A ? B DUP . ? A DUP 301 ? 1_555  MG ? C MG . ? A MG 302 ? 1_555 O   ? D HOH . ? A HOH 423 ? 59_555 172.0 ? 
5  O1B ? B DUP . ? A DUP 301 ? 1_555  MG ? C MG . ? A MG 302 ? 1_555 O   ? D HOH . ? A HOH 423 ? 59_555 93.2  ? 
6  O3G ? B DUP . ? A DUP 301 ? 1_555  MG ? C MG . ? A MG 302 ? 1_555 O   ? D HOH . ? A HOH 423 ? 59_555 88.5  ? 
7  O1A ? B DUP . ? A DUP 301 ? 1_555  MG ? C MG . ? A MG 302 ? 1_555 O   ? D HOH . ? A HOH 459 ? 59_555 87.0  ? 
8  O1B ? B DUP . ? A DUP 301 ? 1_555  MG ? C MG . ? A MG 302 ? 1_555 O   ? D HOH . ? A HOH 459 ? 59_555 88.6  ? 
9  O3G ? B DUP . ? A DUP 301 ? 1_555  MG ? C MG . ? A MG 302 ? 1_555 O   ? D HOH . ? A HOH 459 ? 59_555 175.7 ? 
10 O   ? D HOH . ? A HOH 423 ? 59_555 MG ? C MG . ? A MG 302 ? 1_555 O   ? D HOH . ? A HOH 459 ? 59_555 87.8  ? 
11 O1A ? B DUP . ? A DUP 301 ? 1_555  MG ? C MG . ? A MG 302 ? 1_555 O   ? D HOH . ? A HOH 479 ? 1_555  85.2  ? 
12 O1B ? B DUP . ? A DUP 301 ? 1_555  MG ? C MG . ? A MG 302 ? 1_555 O   ? D HOH . ? A HOH 479 ? 1_555  174.3 ? 
13 O3G ? B DUP . ? A DUP 301 ? 1_555  MG ? C MG . ? A MG 302 ? 1_555 O   ? D HOH . ? A HOH 479 ? 1_555  96.1  ? 
14 O   ? D HOH . ? A HOH 423 ? 59_555 MG ? C MG . ? A MG 302 ? 1_555 O   ? D HOH . ? A HOH 479 ? 1_555  88.4  ? 
15 O   ? D HOH . ? A HOH 459 ? 59_555 MG ? C MG . ? A MG 302 ? 1_555 O   ? D HOH . ? A HOH 479 ? 1_555  86.0  ? 
# 
loop_
_pdbx_audit_revision_history.ordinal 
_pdbx_audit_revision_history.data_content_type 
_pdbx_audit_revision_history.major_revision 
_pdbx_audit_revision_history.minor_revision 
_pdbx_audit_revision_history.revision_date 
1 'Structure model' 1 0 2020-11-11 
2 'Structure model' 1 1 2020-11-25 
3 'Structure model' 1 2 2021-07-21 
4 'Structure model' 1 3 2023-11-22 
# 
_pdbx_audit_revision_details.ordinal             1 
_pdbx_audit_revision_details.revision_ordinal    1 
_pdbx_audit_revision_details.data_content_type   'Structure model' 
_pdbx_audit_revision_details.provider            repository 
_pdbx_audit_revision_details.type                'Initial release' 
_pdbx_audit_revision_details.description         ? 
_pdbx_audit_revision_details.details             ? 
# 
loop_
_pdbx_audit_revision_group.ordinal 
_pdbx_audit_revision_group.revision_ordinal 
_pdbx_audit_revision_group.data_content_type 
_pdbx_audit_revision_group.group 
1 2 'Structure model' 'Database references'    
2 3 'Structure model' 'Database references'    
3 4 'Structure model' 'Data collection'        
4 4 'Structure model' 'Database references'    
5 4 'Structure model' 'Refinement description' 
# 
loop_
_pdbx_audit_revision_category.ordinal 
_pdbx_audit_revision_category.revision_ordinal 
_pdbx_audit_revision_category.data_content_type 
_pdbx_audit_revision_category.category 
1 2 'Structure model' citation                      
2 2 'Structure model' citation_author               
3 3 'Structure model' citation                      
4 4 'Structure model' chem_comp_atom                
5 4 'Structure model' chem_comp_bond                
6 4 'Structure model' database_2                    
7 4 'Structure model' pdbx_initial_refinement_model 
# 
loop_
_pdbx_audit_revision_item.ordinal 
_pdbx_audit_revision_item.revision_ordinal 
_pdbx_audit_revision_item.data_content_type 
_pdbx_audit_revision_item.item 
1  2 'Structure model' '_citation.country'                   
2  2 'Structure model' '_citation.journal_abbrev'            
3  2 'Structure model' '_citation.journal_id_ASTM'           
4  2 'Structure model' '_citation.journal_id_CSD'            
5  2 'Structure model' '_citation.journal_id_ISSN'           
6  2 'Structure model' '_citation.pdbx_database_id_DOI'      
7  2 'Structure model' '_citation.pdbx_database_id_PubMed'   
8  2 'Structure model' '_citation.title'                     
9  2 'Structure model' '_citation.year'                      
10 3 'Structure model' '_citation.journal_volume'            
11 3 'Structure model' '_citation.page_first'                
12 3 'Structure model' '_citation.page_last'                 
13 4 'Structure model' '_database_2.pdbx_DOI'                
14 4 'Structure model' '_database_2.pdbx_database_accession' 
# 
loop_
_software.citation_id 
_software.classification 
_software.compiler_name 
_software.compiler_version 
_software.contact_author 
_software.contact_author_email 
_software.date 
_software.description 
_software.dependencies 
_software.hardware 
_software.language 
_software.location 
_software.mods 
_software.name 
_software.os 
_software.os_version 
_software.type 
_software.version 
_software.pdbx_ordinal 
? refinement        ? ? ? ? ? ? ? ? ? ? ? REFMAC      ? ? ? 5.8.0238 1 
? 'data extraction' ? ? ? ? ? ? ? ? ? ? ? PDB_EXTRACT ? ? ? 3.25     2 
? 'data reduction'  ? ? ? ? ? ? ? ? ? ? ? HKL-2000    ? ? ? .        3 
? 'data scaling'    ? ? ? ? ? ? ? ? ? ? ? HKL-2000    ? ? ? .        4 
? phasing           ? ? ? ? ? ? ? ? ? ? ? PHENIX      ? ? ? .        5 
# 
_pdbx_entry_details.entry_id                 6LJJ 
_pdbx_entry_details.nonpolymer_details       ? 
_pdbx_entry_details.sequence_details         ? 
_pdbx_entry_details.compound_details         ? 
_pdbx_entry_details.source_details           ? 
_pdbx_entry_details.has_ligand_of_interest   Y 
# 
loop_
_pdbx_validate_torsion.id 
_pdbx_validate_torsion.PDB_model_num 
_pdbx_validate_torsion.auth_comp_id 
_pdbx_validate_torsion.auth_asym_id 
_pdbx_validate_torsion.auth_seq_id 
_pdbx_validate_torsion.PDB_ins_code 
_pdbx_validate_torsion.label_alt_id 
_pdbx_validate_torsion.phi 
_pdbx_validate_torsion.psi 
1 1 ALA A 155 ? ? 50.90   -120.06 
2 1 ALA A 187 ? ? -176.12 -179.97 
3 1 TYR A 196 ? ? -111.19 74.19   
# 
loop_
_pdbx_unobs_or_zero_occ_atoms.id 
_pdbx_unobs_or_zero_occ_atoms.PDB_model_num 
_pdbx_unobs_or_zero_occ_atoms.polymer_flag 
_pdbx_unobs_or_zero_occ_atoms.occupancy_flag 
_pdbx_unobs_or_zero_occ_atoms.auth_asym_id 
_pdbx_unobs_or_zero_occ_atoms.auth_comp_id 
_pdbx_unobs_or_zero_occ_atoms.auth_seq_id 
_pdbx_unobs_or_zero_occ_atoms.PDB_ins_code 
_pdbx_unobs_or_zero_occ_atoms.auth_atom_id 
_pdbx_unobs_or_zero_occ_atoms.label_alt_id 
_pdbx_unobs_or_zero_occ_atoms.label_asym_id 
_pdbx_unobs_or_zero_occ_atoms.label_comp_id 
_pdbx_unobs_or_zero_occ_atoms.label_seq_id 
_pdbx_unobs_or_zero_occ_atoms.label_atom_id 
1  1 Y 1 A LYS 81  ? CD  ? A LYS 6   CD  
2  1 Y 1 A LYS 81  ? CE  ? A LYS 6   CE  
3  1 Y 1 A LYS 81  ? NZ  ? A LYS 6   NZ  
4  1 Y 1 A ARG 82  ? NE  ? A ARG 7   NE  
5  1 Y 1 A ARG 82  ? CZ  ? A ARG 7   CZ  
6  1 Y 1 A ARG 82  ? NH1 ? A ARG 7   NH1 
7  1 Y 1 A ARG 82  ? NH2 ? A ARG 7   NH2 
8  1 Y 1 A LYS 97  ? NZ  ? A LYS 22  NZ  
9  1 Y 1 A GLU 100 ? CG  ? A GLU 25  CG  
10 1 Y 1 A GLU 100 ? CD  ? A GLU 25  CD  
11 1 Y 1 A GLU 100 ? OE1 ? A GLU 25  OE1 
12 1 Y 1 A GLU 100 ? OE2 ? A GLU 25  OE2 
13 1 Y 1 A LEU 116 ? CD2 ? A LEU 41  CD2 
14 1 Y 1 A ILE 122 ? CD1 ? A ILE 47  CD1 
15 1 Y 1 A LYS 148 ? CE  ? A LYS 73  CE  
16 1 Y 1 A LYS 148 ? NZ  ? A LYS 73  NZ  
17 1 Y 1 A LYS 175 ? CD  ? A LYS 100 CD  
18 1 Y 1 A LYS 175 ? CE  ? A LYS 100 CE  
19 1 Y 1 A LYS 175 ? NZ  ? A LYS 100 NZ  
20 1 Y 1 A GLU 176 ? CG  ? A GLU 101 CG  
21 1 Y 1 A GLU 176 ? CD  ? A GLU 101 CD  
22 1 Y 1 A GLU 176 ? OE1 ? A GLU 101 OE1 
23 1 Y 1 A GLU 176 ? OE2 ? A GLU 101 OE2 
24 1 Y 1 A LYS 177 ? CE  ? A LYS 102 CE  
25 1 Y 1 A LYS 177 ? NZ  ? A LYS 102 NZ  
26 1 Y 1 A GLU 198 ? CG  ? A GLU 123 CG  
27 1 Y 1 A GLU 198 ? CD  ? A GLU 123 CD  
28 1 Y 1 A GLU 198 ? OE1 ? A GLU 123 OE1 
29 1 Y 1 A GLU 198 ? OE2 ? A GLU 123 OE2 
30 1 Y 1 A GLU 200 ? CG  ? A GLU 125 CG  
31 1 Y 1 A GLU 200 ? CD  ? A GLU 125 CD  
32 1 Y 1 A GLU 200 ? OE1 ? A GLU 125 OE1 
33 1 Y 1 A GLU 200 ? OE2 ? A GLU 125 OE2 
34 1 Y 1 A VAL 202 ? CG1 ? A VAL 127 CG1 
35 1 Y 1 A VAL 202 ? CG2 ? A VAL 127 CG2 
36 1 Y 1 A VAL 204 ? CG1 ? A VAL 129 CG1 
37 1 Y 1 A VAL 204 ? CG2 ? A VAL 129 CG2 
38 1 Y 1 A GLU 209 ? CG  ? A GLU 134 CG  
39 1 Y 1 A GLU 209 ? CD  ? A GLU 134 CD  
40 1 Y 1 A GLU 209 ? OE1 ? A GLU 134 OE1 
41 1 Y 1 A GLU 209 ? OE2 ? A GLU 134 OE2 
42 1 Y 1 A SER 212 ? OG  ? A SER 137 OG  
# 
loop_
_pdbx_unobs_or_zero_occ_residues.id 
_pdbx_unobs_or_zero_occ_residues.PDB_model_num 
_pdbx_unobs_or_zero_occ_residues.polymer_flag 
_pdbx_unobs_or_zero_occ_residues.occupancy_flag 
_pdbx_unobs_or_zero_occ_residues.auth_asym_id 
_pdbx_unobs_or_zero_occ_residues.auth_comp_id 
_pdbx_unobs_or_zero_occ_residues.auth_seq_id 
_pdbx_unobs_or_zero_occ_residues.PDB_ins_code 
_pdbx_unobs_or_zero_occ_residues.label_asym_id 
_pdbx_unobs_or_zero_occ_residues.label_comp_id 
_pdbx_unobs_or_zero_occ_residues.label_seq_id 
1 1 Y 1 A ALA 76 ? A ALA 1 
2 1 Y 1 A GLU 77 ? A GLU 2 
3 1 Y 1 A GLU 78 ? A GLU 3 
4 1 Y 1 A SER 79 ? A SER 4 
5 1 Y 1 A ARG 80 ? A ARG 5 
# 
loop_
_chem_comp_atom.comp_id 
_chem_comp_atom.atom_id 
_chem_comp_atom.type_symbol 
_chem_comp_atom.pdbx_aromatic_flag 
_chem_comp_atom.pdbx_stereo_config 
_chem_comp_atom.pdbx_ordinal 
ALA N      N  N N 1   
ALA CA     C  N S 2   
ALA C      C  N N 3   
ALA O      O  N N 4   
ALA CB     C  N N 5   
ALA OXT    O  N N 6   
ALA H      H  N N 7   
ALA H2     H  N N 8   
ALA HA     H  N N 9   
ALA HB1    H  N N 10  
ALA HB2    H  N N 11  
ALA HB3    H  N N 12  
ALA HXT    H  N N 13  
ARG N      N  N N 14  
ARG CA     C  N S 15  
ARG C      C  N N 16  
ARG O      O  N N 17  
ARG CB     C  N N 18  
ARG CG     C  N N 19  
ARG CD     C  N N 20  
ARG NE     N  N N 21  
ARG CZ     C  N N 22  
ARG NH1    N  N N 23  
ARG NH2    N  N N 24  
ARG OXT    O  N N 25  
ARG H      H  N N 26  
ARG H2     H  N N 27  
ARG HA     H  N N 28  
ARG HB2    H  N N 29  
ARG HB3    H  N N 30  
ARG HG2    H  N N 31  
ARG HG3    H  N N 32  
ARG HD2    H  N N 33  
ARG HD3    H  N N 34  
ARG HE     H  N N 35  
ARG HH11   H  N N 36  
ARG HH12   H  N N 37  
ARG HH21   H  N N 38  
ARG HH22   H  N N 39  
ARG HXT    H  N N 40  
ASN N      N  N N 41  
ASN CA     C  N S 42  
ASN C      C  N N 43  
ASN O      O  N N 44  
ASN CB     C  N N 45  
ASN CG     C  N N 46  
ASN OD1    O  N N 47  
ASN ND2    N  N N 48  
ASN OXT    O  N N 49  
ASN H      H  N N 50  
ASN H2     H  N N 51  
ASN HA     H  N N 52  
ASN HB2    H  N N 53  
ASN HB3    H  N N 54  
ASN HD21   H  N N 55  
ASN HD22   H  N N 56  
ASN HXT    H  N N 57  
ASP N      N  N N 58  
ASP CA     C  N S 59  
ASP C      C  N N 60  
ASP O      O  N N 61  
ASP CB     C  N N 62  
ASP CG     C  N N 63  
ASP OD1    O  N N 64  
ASP OD2    O  N N 65  
ASP OXT    O  N N 66  
ASP H      H  N N 67  
ASP H2     H  N N 68  
ASP HA     H  N N 69  
ASP HB2    H  N N 70  
ASP HB3    H  N N 71  
ASP HD2    H  N N 72  
ASP HXT    H  N N 73  
CYS N      N  N N 74  
CYS CA     C  N R 75  
CYS C      C  N N 76  
CYS O      O  N N 77  
CYS CB     C  N N 78  
CYS SG     S  N N 79  
CYS OXT    O  N N 80  
CYS H      H  N N 81  
CYS H2     H  N N 82  
CYS HA     H  N N 83  
CYS HB2    H  N N 84  
CYS HB3    H  N N 85  
CYS HG     H  N N 86  
CYS HXT    H  N N 87  
DUP O4     O  N N 88  
DUP C4     C  Y N 89  
DUP C5     C  Y N 90  
DUP C6     C  Y N 91  
DUP N3     N  Y N 92  
DUP C2     C  Y N 93  
DUP O2     O  N N 94  
DUP N1     N  Y N 95  
DUP "C1'"  C  N R 96  
DUP "C2'"  C  N N 97  
DUP "C3'"  C  N S 98  
DUP "O3'"  O  N N 99  
DUP "O4'"  O  N N 100 
DUP "C4'"  C  N R 101 
DUP "C5'"  C  N N 102 
DUP "O5'"  O  N N 103 
DUP PA     P  N S 104 
DUP O1A    O  N N 105 
DUP O2A    O  N N 106 
DUP N3A    N  N N 107 
DUP PB     P  N R 108 
DUP O1B    O  N N 109 
DUP O2B    O  N N 110 
DUP O3B    O  N N 111 
DUP PG     P  N N 112 
DUP O2G    O  N N 113 
DUP O1G    O  N N 114 
DUP O3G    O  N N 115 
DUP H5     H  N N 116 
DUP H6     H  N N 117 
DUP HN3    H  N N 118 
DUP "H1'"  H  N N 119 
DUP "H2'1" H  N N 120 
DUP "H2'2" H  N N 121 
DUP H1     H  N N 122 
DUP "H3'"  H  N N 123 
DUP "H4'"  H  N N 124 
DUP "H5'1" H  N N 125 
DUP "H5'2" H  N N 126 
DUP H2A    H  N N 127 
DUP H3A    H  N N 128 
DUP H2B    H  N N 129 
DUP H1G    H  N N 130 
DUP H3G    H  N N 131 
GLN N      N  N N 132 
GLN CA     C  N S 133 
GLN C      C  N N 134 
GLN O      O  N N 135 
GLN CB     C  N N 136 
GLN CG     C  N N 137 
GLN CD     C  N N 138 
GLN OE1    O  N N 139 
GLN NE2    N  N N 140 
GLN OXT    O  N N 141 
GLN H      H  N N 142 
GLN H2     H  N N 143 
GLN HA     H  N N 144 
GLN HB2    H  N N 145 
GLN HB3    H  N N 146 
GLN HG2    H  N N 147 
GLN HG3    H  N N 148 
GLN HE21   H  N N 149 
GLN HE22   H  N N 150 
GLN HXT    H  N N 151 
GLU N      N  N N 152 
GLU CA     C  N S 153 
GLU C      C  N N 154 
GLU O      O  N N 155 
GLU CB     C  N N 156 
GLU CG     C  N N 157 
GLU CD     C  N N 158 
GLU OE1    O  N N 159 
GLU OE2    O  N N 160 
GLU OXT    O  N N 161 
GLU H      H  N N 162 
GLU H2     H  N N 163 
GLU HA     H  N N 164 
GLU HB2    H  N N 165 
GLU HB3    H  N N 166 
GLU HG2    H  N N 167 
GLU HG3    H  N N 168 
GLU HE2    H  N N 169 
GLU HXT    H  N N 170 
GLY N      N  N N 171 
GLY CA     C  N N 172 
GLY C      C  N N 173 
GLY O      O  N N 174 
GLY OXT    O  N N 175 
GLY H      H  N N 176 
GLY H2     H  N N 177 
GLY HA2    H  N N 178 
GLY HA3    H  N N 179 
GLY HXT    H  N N 180 
HIS N      N  N N 181 
HIS CA     C  N S 182 
HIS C      C  N N 183 
HIS O      O  N N 184 
HIS CB     C  N N 185 
HIS CG     C  Y N 186 
HIS ND1    N  Y N 187 
HIS CD2    C  Y N 188 
HIS CE1    C  Y N 189 
HIS NE2    N  Y N 190 
HIS OXT    O  N N 191 
HIS H      H  N N 192 
HIS H2     H  N N 193 
HIS HA     H  N N 194 
HIS HB2    H  N N 195 
HIS HB3    H  N N 196 
HIS HD1    H  N N 197 
HIS HD2    H  N N 198 
HIS HE1    H  N N 199 
HIS HE2    H  N N 200 
HIS HXT    H  N N 201 
HOH O      O  N N 202 
HOH H1     H  N N 203 
HOH H2     H  N N 204 
ILE N      N  N N 205 
ILE CA     C  N S 206 
ILE C      C  N N 207 
ILE O      O  N N 208 
ILE CB     C  N S 209 
ILE CG1    C  N N 210 
ILE CG2    C  N N 211 
ILE CD1    C  N N 212 
ILE OXT    O  N N 213 
ILE H      H  N N 214 
ILE H2     H  N N 215 
ILE HA     H  N N 216 
ILE HB     H  N N 217 
ILE HG12   H  N N 218 
ILE HG13   H  N N 219 
ILE HG21   H  N N 220 
ILE HG22   H  N N 221 
ILE HG23   H  N N 222 
ILE HD11   H  N N 223 
ILE HD12   H  N N 224 
ILE HD13   H  N N 225 
ILE HXT    H  N N 226 
LEU N      N  N N 227 
LEU CA     C  N S 228 
LEU C      C  N N 229 
LEU O      O  N N 230 
LEU CB     C  N N 231 
LEU CG     C  N N 232 
LEU CD1    C  N N 233 
LEU CD2    C  N N 234 
LEU OXT    O  N N 235 
LEU H      H  N N 236 
LEU H2     H  N N 237 
LEU HA     H  N N 238 
LEU HB2    H  N N 239 
LEU HB3    H  N N 240 
LEU HG     H  N N 241 
LEU HD11   H  N N 242 
LEU HD12   H  N N 243 
LEU HD13   H  N N 244 
LEU HD21   H  N N 245 
LEU HD22   H  N N 246 
LEU HD23   H  N N 247 
LEU HXT    H  N N 248 
LYS N      N  N N 249 
LYS CA     C  N S 250 
LYS C      C  N N 251 
LYS O      O  N N 252 
LYS CB     C  N N 253 
LYS CG     C  N N 254 
LYS CD     C  N N 255 
LYS CE     C  N N 256 
LYS NZ     N  N N 257 
LYS OXT    O  N N 258 
LYS H      H  N N 259 
LYS H2     H  N N 260 
LYS HA     H  N N 261 
LYS HB2    H  N N 262 
LYS HB3    H  N N 263 
LYS HG2    H  N N 264 
LYS HG3    H  N N 265 
LYS HD2    H  N N 266 
LYS HD3    H  N N 267 
LYS HE2    H  N N 268 
LYS HE3    H  N N 269 
LYS HZ1    H  N N 270 
LYS HZ2    H  N N 271 
LYS HZ3    H  N N 272 
LYS HXT    H  N N 273 
MET N      N  N N 274 
MET CA     C  N S 275 
MET C      C  N N 276 
MET O      O  N N 277 
MET CB     C  N N 278 
MET CG     C  N N 279 
MET SD     S  N N 280 
MET CE     C  N N 281 
MET OXT    O  N N 282 
MET H      H  N N 283 
MET H2     H  N N 284 
MET HA     H  N N 285 
MET HB2    H  N N 286 
MET HB3    H  N N 287 
MET HG2    H  N N 288 
MET HG3    H  N N 289 
MET HE1    H  N N 290 
MET HE2    H  N N 291 
MET HE3    H  N N 292 
MET HXT    H  N N 293 
MG  MG     MG N N 294 
PHE N      N  N N 295 
PHE CA     C  N S 296 
PHE C      C  N N 297 
PHE O      O  N N 298 
PHE CB     C  N N 299 
PHE CG     C  Y N 300 
PHE CD1    C  Y N 301 
PHE CD2    C  Y N 302 
PHE CE1    C  Y N 303 
PHE CE2    C  Y N 304 
PHE CZ     C  Y N 305 
PHE OXT    O  N N 306 
PHE H      H  N N 307 
PHE H2     H  N N 308 
PHE HA     H  N N 309 
PHE HB2    H  N N 310 
PHE HB3    H  N N 311 
PHE HD1    H  N N 312 
PHE HD2    H  N N 313 
PHE HE1    H  N N 314 
PHE HE2    H  N N 315 
PHE HZ     H  N N 316 
PHE HXT    H  N N 317 
PRO N      N  N N 318 
PRO CA     C  N S 319 
PRO C      C  N N 320 
PRO O      O  N N 321 
PRO CB     C  N N 322 
PRO CG     C  N N 323 
PRO CD     C  N N 324 
PRO OXT    O  N N 325 
PRO H      H  N N 326 
PRO HA     H  N N 327 
PRO HB2    H  N N 328 
PRO HB3    H  N N 329 
PRO HG2    H  N N 330 
PRO HG3    H  N N 331 
PRO HD2    H  N N 332 
PRO HD3    H  N N 333 
PRO HXT    H  N N 334 
SER N      N  N N 335 
SER CA     C  N S 336 
SER C      C  N N 337 
SER O      O  N N 338 
SER CB     C  N N 339 
SER OG     O  N N 340 
SER OXT    O  N N 341 
SER H      H  N N 342 
SER H2     H  N N 343 
SER HA     H  N N 344 
SER HB2    H  N N 345 
SER HB3    H  N N 346 
SER HG     H  N N 347 
SER HXT    H  N N 348 
THR N      N  N N 349 
THR CA     C  N S 350 
THR C      C  N N 351 
THR O      O  N N 352 
THR CB     C  N R 353 
THR OG1    O  N N 354 
THR CG2    C  N N 355 
THR OXT    O  N N 356 
THR H      H  N N 357 
THR H2     H  N N 358 
THR HA     H  N N 359 
THR HB     H  N N 360 
THR HG1    H  N N 361 
THR HG21   H  N N 362 
THR HG22   H  N N 363 
THR HG23   H  N N 364 
THR HXT    H  N N 365 
TYR N      N  N N 366 
TYR CA     C  N S 367 
TYR C      C  N N 368 
TYR O      O  N N 369 
TYR CB     C  N N 370 
TYR CG     C  Y N 371 
TYR CD1    C  Y N 372 
TYR CD2    C  Y N 373 
TYR CE1    C  Y N 374 
TYR CE2    C  Y N 375 
TYR CZ     C  Y N 376 
TYR OH     O  N N 377 
TYR OXT    O  N N 378 
TYR H      H  N N 379 
TYR H2     H  N N 380 
TYR HA     H  N N 381 
TYR HB2    H  N N 382 
TYR HB3    H  N N 383 
TYR HD1    H  N N 384 
TYR HD2    H  N N 385 
TYR HE1    H  N N 386 
TYR HE2    H  N N 387 
TYR HH     H  N N 388 
TYR HXT    H  N N 389 
VAL N      N  N N 390 
VAL CA     C  N S 391 
VAL C      C  N N 392 
VAL O      O  N N 393 
VAL CB     C  N N 394 
VAL CG1    C  N N 395 
VAL CG2    C  N N 396 
VAL OXT    O  N N 397 
VAL H      H  N N 398 
VAL H2     H  N N 399 
VAL HA     H  N N 400 
VAL HB     H  N N 401 
VAL HG11   H  N N 402 
VAL HG12   H  N N 403 
VAL HG13   H  N N 404 
VAL HG21   H  N N 405 
VAL HG22   H  N N 406 
VAL HG23   H  N N 407 
VAL HXT    H  N N 408 
# 
loop_
_chem_comp_bond.comp_id 
_chem_comp_bond.atom_id_1 
_chem_comp_bond.atom_id_2 
_chem_comp_bond.value_order 
_chem_comp_bond.pdbx_aromatic_flag 
_chem_comp_bond.pdbx_stereo_config 
_chem_comp_bond.pdbx_ordinal 
ALA N     CA     sing N N 1   
ALA N     H      sing N N 2   
ALA N     H2     sing N N 3   
ALA CA    C      sing N N 4   
ALA CA    CB     sing N N 5   
ALA CA    HA     sing N N 6   
ALA C     O      doub N N 7   
ALA C     OXT    sing N N 8   
ALA CB    HB1    sing N N 9   
ALA CB    HB2    sing N N 10  
ALA CB    HB3    sing N N 11  
ALA OXT   HXT    sing N N 12  
ARG N     CA     sing N N 13  
ARG N     H      sing N N 14  
ARG N     H2     sing N N 15  
ARG CA    C      sing N N 16  
ARG CA    CB     sing N N 17  
ARG CA    HA     sing N N 18  
ARG C     O      doub N N 19  
ARG C     OXT    sing N N 20  
ARG CB    CG     sing N N 21  
ARG CB    HB2    sing N N 22  
ARG CB    HB3    sing N N 23  
ARG CG    CD     sing N N 24  
ARG CG    HG2    sing N N 25  
ARG CG    HG3    sing N N 26  
ARG CD    NE     sing N N 27  
ARG CD    HD2    sing N N 28  
ARG CD    HD3    sing N N 29  
ARG NE    CZ     sing N N 30  
ARG NE    HE     sing N N 31  
ARG CZ    NH1    sing N N 32  
ARG CZ    NH2    doub N N 33  
ARG NH1   HH11   sing N N 34  
ARG NH1   HH12   sing N N 35  
ARG NH2   HH21   sing N N 36  
ARG NH2   HH22   sing N N 37  
ARG OXT   HXT    sing N N 38  
ASN N     CA     sing N N 39  
ASN N     H      sing N N 40  
ASN N     H2     sing N N 41  
ASN CA    C      sing N N 42  
ASN CA    CB     sing N N 43  
ASN CA    HA     sing N N 44  
ASN C     O      doub N N 45  
ASN C     OXT    sing N N 46  
ASN CB    CG     sing N N 47  
ASN CB    HB2    sing N N 48  
ASN CB    HB3    sing N N 49  
ASN CG    OD1    doub N N 50  
ASN CG    ND2    sing N N 51  
ASN ND2   HD21   sing N N 52  
ASN ND2   HD22   sing N N 53  
ASN OXT   HXT    sing N N 54  
ASP N     CA     sing N N 55  
ASP N     H      sing N N 56  
ASP N     H2     sing N N 57  
ASP CA    C      sing N N 58  
ASP CA    CB     sing N N 59  
ASP CA    HA     sing N N 60  
ASP C     O      doub N N 61  
ASP C     OXT    sing N N 62  
ASP CB    CG     sing N N 63  
ASP CB    HB2    sing N N 64  
ASP CB    HB3    sing N N 65  
ASP CG    OD1    doub N N 66  
ASP CG    OD2    sing N N 67  
ASP OD2   HD2    sing N N 68  
ASP OXT   HXT    sing N N 69  
CYS N     CA     sing N N 70  
CYS N     H      sing N N 71  
CYS N     H2     sing N N 72  
CYS CA    C      sing N N 73  
CYS CA    CB     sing N N 74  
CYS CA    HA     sing N N 75  
CYS C     O      doub N N 76  
CYS C     OXT    sing N N 77  
CYS CB    SG     sing N N 78  
CYS CB    HB2    sing N N 79  
CYS CB    HB3    sing N N 80  
CYS SG    HG     sing N N 81  
CYS OXT   HXT    sing N N 82  
DUP O4    C4     doub N N 83  
DUP C4    C5     sing Y N 84  
DUP C4    N3     sing Y N 85  
DUP C5    C6     doub Y N 86  
DUP C5    H5     sing N N 87  
DUP C6    N1     sing Y N 88  
DUP C6    H6     sing N N 89  
DUP N3    C2     sing Y N 90  
DUP N3    HN3    sing N N 91  
DUP C2    O2     doub N N 92  
DUP C2    N1     sing Y N 93  
DUP N1    "C1'"  sing N N 94  
DUP "C1'" "C2'"  sing N N 95  
DUP "C1'" "O4'"  sing N N 96  
DUP "C1'" "H1'"  sing N N 97  
DUP "C2'" "C3'"  sing N N 98  
DUP "C2'" "H2'1" sing N N 99  
DUP "C2'" "H2'2" sing N N 100 
DUP "C3'" "O3'"  sing N N 101 
DUP "C3'" "C4'"  sing N N 102 
DUP "C3'" H1     sing N N 103 
DUP "O3'" "H3'"  sing N N 104 
DUP "O4'" "C4'"  sing N N 105 
DUP "C4'" "C5'"  sing N N 106 
DUP "C4'" "H4'"  sing N N 107 
DUP "C5'" "O5'"  sing N N 108 
DUP "C5'" "H5'1" sing N N 109 
DUP "C5'" "H5'2" sing N N 110 
DUP "O5'" PA     sing N N 111 
DUP PA    O1A    doub N N 112 
DUP PA    O2A    sing N N 113 
DUP PA    N3A    sing N N 114 
DUP O2A   H2A    sing N N 115 
DUP N3A   PB     sing N N 116 
DUP N3A   H3A    sing N N 117 
DUP PB    O1B    doub N N 118 
DUP PB    O2B    sing N N 119 
DUP PB    O3B    sing N N 120 
DUP O2B   H2B    sing N N 121 
DUP O3B   PG     sing N N 122 
DUP PG    O2G    doub N N 123 
DUP PG    O1G    sing N N 124 
DUP PG    O3G    sing N N 125 
DUP O1G   H1G    sing N N 126 
DUP O3G   H3G    sing N N 127 
GLN N     CA     sing N N 128 
GLN N     H      sing N N 129 
GLN N     H2     sing N N 130 
GLN CA    C      sing N N 131 
GLN CA    CB     sing N N 132 
GLN CA    HA     sing N N 133 
GLN C     O      doub N N 134 
GLN C     OXT    sing N N 135 
GLN CB    CG     sing N N 136 
GLN CB    HB2    sing N N 137 
GLN CB    HB3    sing N N 138 
GLN CG    CD     sing N N 139 
GLN CG    HG2    sing N N 140 
GLN CG    HG3    sing N N 141 
GLN CD    OE1    doub N N 142 
GLN CD    NE2    sing N N 143 
GLN NE2   HE21   sing N N 144 
GLN NE2   HE22   sing N N 145 
GLN OXT   HXT    sing N N 146 
GLU N     CA     sing N N 147 
GLU N     H      sing N N 148 
GLU N     H2     sing N N 149 
GLU CA    C      sing N N 150 
GLU CA    CB     sing N N 151 
GLU CA    HA     sing N N 152 
GLU C     O      doub N N 153 
GLU C     OXT    sing N N 154 
GLU CB    CG     sing N N 155 
GLU CB    HB2    sing N N 156 
GLU CB    HB3    sing N N 157 
GLU CG    CD     sing N N 158 
GLU CG    HG2    sing N N 159 
GLU CG    HG3    sing N N 160 
GLU CD    OE1    doub N N 161 
GLU CD    OE2    sing N N 162 
GLU OE2   HE2    sing N N 163 
GLU OXT   HXT    sing N N 164 
GLY N     CA     sing N N 165 
GLY N     H      sing N N 166 
GLY N     H2     sing N N 167 
GLY CA    C      sing N N 168 
GLY CA    HA2    sing N N 169 
GLY CA    HA3    sing N N 170 
GLY C     O      doub N N 171 
GLY C     OXT    sing N N 172 
GLY OXT   HXT    sing N N 173 
HIS N     CA     sing N N 174 
HIS N     H      sing N N 175 
HIS N     H2     sing N N 176 
HIS CA    C      sing N N 177 
HIS CA    CB     sing N N 178 
HIS CA    HA     sing N N 179 
HIS C     O      doub N N 180 
HIS C     OXT    sing N N 181 
HIS CB    CG     sing N N 182 
HIS CB    HB2    sing N N 183 
HIS CB    HB3    sing N N 184 
HIS CG    ND1    sing Y N 185 
HIS CG    CD2    doub Y N 186 
HIS ND1   CE1    doub Y N 187 
HIS ND1   HD1    sing N N 188 
HIS CD2   NE2    sing Y N 189 
HIS CD2   HD2    sing N N 190 
HIS CE1   NE2    sing Y N 191 
HIS CE1   HE1    sing N N 192 
HIS NE2   HE2    sing N N 193 
HIS OXT   HXT    sing N N 194 
HOH O     H1     sing N N 195 
HOH O     H2     sing N N 196 
ILE N     CA     sing N N 197 
ILE N     H      sing N N 198 
ILE N     H2     sing N N 199 
ILE CA    C      sing N N 200 
ILE CA    CB     sing N N 201 
ILE CA    HA     sing N N 202 
ILE C     O      doub N N 203 
ILE C     OXT    sing N N 204 
ILE CB    CG1    sing N N 205 
ILE CB    CG2    sing N N 206 
ILE CB    HB     sing N N 207 
ILE CG1   CD1    sing N N 208 
ILE CG1   HG12   sing N N 209 
ILE CG1   HG13   sing N N 210 
ILE CG2   HG21   sing N N 211 
ILE CG2   HG22   sing N N 212 
ILE CG2   HG23   sing N N 213 
ILE CD1   HD11   sing N N 214 
ILE CD1   HD12   sing N N 215 
ILE CD1   HD13   sing N N 216 
ILE OXT   HXT    sing N N 217 
LEU N     CA     sing N N 218 
LEU N     H      sing N N 219 
LEU N     H2     sing N N 220 
LEU CA    C      sing N N 221 
LEU CA    CB     sing N N 222 
LEU CA    HA     sing N N 223 
LEU C     O      doub N N 224 
LEU C     OXT    sing N N 225 
LEU CB    CG     sing N N 226 
LEU CB    HB2    sing N N 227 
LEU CB    HB3    sing N N 228 
LEU CG    CD1    sing N N 229 
LEU CG    CD2    sing N N 230 
LEU CG    HG     sing N N 231 
LEU CD1   HD11   sing N N 232 
LEU CD1   HD12   sing N N 233 
LEU CD1   HD13   sing N N 234 
LEU CD2   HD21   sing N N 235 
LEU CD2   HD22   sing N N 236 
LEU CD2   HD23   sing N N 237 
LEU OXT   HXT    sing N N 238 
LYS N     CA     sing N N 239 
LYS N     H      sing N N 240 
LYS N     H2     sing N N 241 
LYS CA    C      sing N N 242 
LYS CA    CB     sing N N 243 
LYS CA    HA     sing N N 244 
LYS C     O      doub N N 245 
LYS C     OXT    sing N N 246 
LYS CB    CG     sing N N 247 
LYS CB    HB2    sing N N 248 
LYS CB    HB3    sing N N 249 
LYS CG    CD     sing N N 250 
LYS CG    HG2    sing N N 251 
LYS CG    HG3    sing N N 252 
LYS CD    CE     sing N N 253 
LYS CD    HD2    sing N N 254 
LYS CD    HD3    sing N N 255 
LYS CE    NZ     sing N N 256 
LYS CE    HE2    sing N N 257 
LYS CE    HE3    sing N N 258 
LYS NZ    HZ1    sing N N 259 
LYS NZ    HZ2    sing N N 260 
LYS NZ    HZ3    sing N N 261 
LYS OXT   HXT    sing N N 262 
MET N     CA     sing N N 263 
MET N     H      sing N N 264 
MET N     H2     sing N N 265 
MET CA    C      sing N N 266 
MET CA    CB     sing N N 267 
MET CA    HA     sing N N 268 
MET C     O      doub N N 269 
MET C     OXT    sing N N 270 
MET CB    CG     sing N N 271 
MET CB    HB2    sing N N 272 
MET CB    HB3    sing N N 273 
MET CG    SD     sing N N 274 
MET CG    HG2    sing N N 275 
MET CG    HG3    sing N N 276 
MET SD    CE     sing N N 277 
MET CE    HE1    sing N N 278 
MET CE    HE2    sing N N 279 
MET CE    HE3    sing N N 280 
MET OXT   HXT    sing N N 281 
PHE N     CA     sing N N 282 
PHE N     H      sing N N 283 
PHE N     H2     sing N N 284 
PHE CA    C      sing N N 285 
PHE CA    CB     sing N N 286 
PHE CA    HA     sing N N 287 
PHE C     O      doub N N 288 
PHE C     OXT    sing N N 289 
PHE CB    CG     sing N N 290 
PHE CB    HB2    sing N N 291 
PHE CB    HB3    sing N N 292 
PHE CG    CD1    doub Y N 293 
PHE CG    CD2    sing Y N 294 
PHE CD1   CE1    sing Y N 295 
PHE CD1   HD1    sing N N 296 
PHE CD2   CE2    doub Y N 297 
PHE CD2   HD2    sing N N 298 
PHE CE1   CZ     doub Y N 299 
PHE CE1   HE1    sing N N 300 
PHE CE2   CZ     sing Y N 301 
PHE CE2   HE2    sing N N 302 
PHE CZ    HZ     sing N N 303 
PHE OXT   HXT    sing N N 304 
PRO N     CA     sing N N 305 
PRO N     CD     sing N N 306 
PRO N     H      sing N N 307 
PRO CA    C      sing N N 308 
PRO CA    CB     sing N N 309 
PRO CA    HA     sing N N 310 
PRO C     O      doub N N 311 
PRO C     OXT    sing N N 312 
PRO CB    CG     sing N N 313 
PRO CB    HB2    sing N N 314 
PRO CB    HB3    sing N N 315 
PRO CG    CD     sing N N 316 
PRO CG    HG2    sing N N 317 
PRO CG    HG3    sing N N 318 
PRO CD    HD2    sing N N 319 
PRO CD    HD3    sing N N 320 
PRO OXT   HXT    sing N N 321 
SER N     CA     sing N N 322 
SER N     H      sing N N 323 
SER N     H2     sing N N 324 
SER CA    C      sing N N 325 
SER CA    CB     sing N N 326 
SER CA    HA     sing N N 327 
SER C     O      doub N N 328 
SER C     OXT    sing N N 329 
SER CB    OG     sing N N 330 
SER CB    HB2    sing N N 331 
SER CB    HB3    sing N N 332 
SER OG    HG     sing N N 333 
SER OXT   HXT    sing N N 334 
THR N     CA     sing N N 335 
THR N     H      sing N N 336 
THR N     H2     sing N N 337 
THR CA    C      sing N N 338 
THR CA    CB     sing N N 339 
THR CA    HA     sing N N 340 
THR C     O      doub N N 341 
THR C     OXT    sing N N 342 
THR CB    OG1    sing N N 343 
THR CB    CG2    sing N N 344 
THR CB    HB     sing N N 345 
THR OG1   HG1    sing N N 346 
THR CG2   HG21   sing N N 347 
THR CG2   HG22   sing N N 348 
THR CG2   HG23   sing N N 349 
THR OXT   HXT    sing N N 350 
TYR N     CA     sing N N 351 
TYR N     H      sing N N 352 
TYR N     H2     sing N N 353 
TYR CA    C      sing N N 354 
TYR CA    CB     sing N N 355 
TYR CA    HA     sing N N 356 
TYR C     O      doub N N 357 
TYR C     OXT    sing N N 358 
TYR CB    CG     sing N N 359 
TYR CB    HB2    sing N N 360 
TYR CB    HB3    sing N N 361 
TYR CG    CD1    doub Y N 362 
TYR CG    CD2    sing Y N 363 
TYR CD1   CE1    sing Y N 364 
TYR CD1   HD1    sing N N 365 
TYR CD2   CE2    doub Y N 366 
TYR CD2   HD2    sing N N 367 
TYR CE1   CZ     doub Y N 368 
TYR CE1   HE1    sing N N 369 
TYR CE2   CZ     sing Y N 370 
TYR CE2   HE2    sing N N 371 
TYR CZ    OH     sing N N 372 
TYR OH    HH     sing N N 373 
TYR OXT   HXT    sing N N 374 
VAL N     CA     sing N N 375 
VAL N     H      sing N N 376 
VAL N     H2     sing N N 377 
VAL CA    C      sing N N 378 
VAL CA    CB     sing N N 379 
VAL CA    HA     sing N N 380 
VAL C     O      doub N N 381 
VAL C     OXT    sing N N 382 
VAL CB    CG1    sing N N 383 
VAL CB    CG2    sing N N 384 
VAL CB    HB     sing N N 385 
VAL CG1   HG11   sing N N 386 
VAL CG1   HG12   sing N N 387 
VAL CG1   HG13   sing N N 388 
VAL CG2   HG21   sing N N 389 
VAL CG2   HG22   sing N N 390 
VAL CG2   HG23   sing N N 391 
VAL OXT   HXT    sing N N 392 
# 
_pdbx_audit_support.funding_organization   'National Natural Science Foundation of China (NSFC)' 
_pdbx_audit_support.country                China 
_pdbx_audit_support.grant_number           31722056 
_pdbx_audit_support.ordinal                1 
# 
loop_
_pdbx_entity_instance_feature.ordinal 
_pdbx_entity_instance_feature.comp_id 
_pdbx_entity_instance_feature.asym_id 
_pdbx_entity_instance_feature.seq_num 
_pdbx_entity_instance_feature.auth_comp_id 
_pdbx_entity_instance_feature.auth_asym_id 
_pdbx_entity_instance_feature.auth_seq_num 
_pdbx_entity_instance_feature.feature_type 
_pdbx_entity_instance_feature.details 
1 DUP ? ? DUP ? ? 'SUBJECT OF INVESTIGATION' ? 
2 MG  ? ? MG  ? ? 'SUBJECT OF INVESTIGATION' ? 
# 
loop_
_pdbx_entity_nonpoly.entity_id 
_pdbx_entity_nonpoly.name 
_pdbx_entity_nonpoly.comp_id 
2 
;2'-DEOXYURIDINE 5'-ALPHA,BETA-IMIDO-TRIPHOSPHATE
;
DUP 
3 'MAGNESIUM ION'                                    MG  
4 water                                              HOH 
# 
_pdbx_initial_refinement_model.id               1 
_pdbx_initial_refinement_model.entity_id_list   ? 
_pdbx_initial_refinement_model.type             'experimental model' 
_pdbx_initial_refinement_model.source_name      PDB 
_pdbx_initial_refinement_model.accession_code   6LIW 
_pdbx_initial_refinement_model.details          ? 
# 
_pdbx_struct_assembly_auth_evidence.id                     1 
_pdbx_struct_assembly_auth_evidence.assembly_id            1 
_pdbx_struct_assembly_auth_evidence.experimental_support   'gel filtration' 
_pdbx_struct_assembly_auth_evidence.details                
'It is use trimer to exercise catalytic activity, which has been proved by the gel filtration experiment .' 
# 
